data_1XBL
#
_entry.id   1XBL
#
_cell.length_a   1.000
_cell.length_b   1.000
_cell.length_c   1.000
_cell.angle_alpha   90.00
_cell.angle_beta   90.00
_cell.angle_gamma   90.00
#
_symmetry.space_group_name_H-M   'P 1'
#
_entity_poly.entity_id   1
_entity_poly.type   'polypeptide(L)'
_entity_poly.pdbx_seq_one_letter_code
;AKQDYYEILGVSKTAEEREIRKAYKRLAMKYHPDRNQGDKEAEAKFKEIKEAYEVLTDSQKRAAYDQYGHAAFEQGGMGG
GGFGGGADFSDIFGDVFGDIFGGGRGR
;
_entity_poly.pdbx_strand_id   A
#
# COMPACT_ATOMS: atom_id res chain seq x y z
N ALA A 1 6.76 -11.31 6.00
CA ALA A 1 5.54 -12.12 6.07
C ALA A 1 4.39 -11.27 5.56
N LYS A 2 4.33 -11.10 4.24
CA LYS A 2 3.61 -10.01 3.60
C LYS A 2 4.29 -8.69 3.97
N GLN A 3 3.98 -7.64 3.21
CA GLN A 3 4.52 -6.32 3.44
C GLN A 3 3.49 -5.49 4.21
N ASP A 4 3.95 -4.49 4.96
CA ASP A 4 3.07 -3.57 5.64
C ASP A 4 2.47 -2.60 4.62
N TYR A 5 1.35 -3.02 4.07
CA TYR A 5 0.59 -2.25 3.11
C TYR A 5 -0.10 -1.03 3.74
N TYR A 6 0.13 -0.72 5.01
CA TYR A 6 -0.30 0.55 5.59
C TYR A 6 0.86 1.54 5.56
N GLU A 7 2.09 1.07 5.81
CA GLU A 7 3.26 1.92 5.90
C GLU A 7 3.70 2.29 4.47
N ILE A 8 3.54 1.36 3.53
CA ILE A 8 3.97 1.56 2.17
C ILE A 8 3.38 2.85 1.61
N LEU A 9 2.08 3.09 1.80
CA LEU A 9 1.58 4.43 1.62
C LEU A 9 2.11 5.31 2.74
N GLY A 10 1.72 5.03 3.99
CA GLY A 10 2.16 5.83 5.12
C GLY A 10 0.97 6.66 5.54
N VAL A 11 0.19 6.13 6.48
CA VAL A 11 -1.02 6.73 6.99
C VAL A 11 -1.08 6.46 8.49
N SER A 12 -2.09 7.00 9.20
CA SER A 12 -2.19 6.97 10.65
C SER A 12 -2.33 5.54 11.23
N LYS A 13 -1.27 4.74 11.18
CA LYS A 13 -1.25 3.31 11.44
C LYS A 13 -2.12 2.62 10.40
N THR A 14 -3.31 2.16 10.76
CA THR A 14 -4.10 1.28 9.92
C THR A 14 -5.49 1.88 9.74
N ALA A 15 -5.49 3.21 9.52
CA ALA A 15 -6.69 3.99 9.33
C ALA A 15 -7.61 3.33 8.30
N GLU A 16 -8.91 3.62 8.40
CA GLU A 16 -9.90 3.09 7.50
C GLU A 16 -9.49 3.45 6.07
N GLU A 17 -10.05 2.71 5.10
CA GLU A 17 -9.82 3.00 3.69
C GLU A 17 -10.19 4.47 3.41
N ARG A 18 -11.10 5.03 4.21
CA ARG A 18 -11.47 6.43 4.21
C ARG A 18 -10.22 7.31 4.10
N GLU A 19 -9.22 7.08 4.97
CA GLU A 19 -8.01 7.90 4.98
C GLU A 19 -6.97 7.26 4.05
N ILE A 20 -6.94 5.93 3.91
CA ILE A 20 -5.98 5.30 2.99
C ILE A 20 -6.12 5.92 1.61
N ARG A 21 -7.35 6.14 1.14
CA ARG A 21 -7.57 6.76 -0.15
C ARG A 21 -6.84 8.10 -0.24
N LYS A 22 -6.81 8.85 0.87
CA LYS A 22 -6.18 10.13 0.99
C LYS A 22 -4.66 9.97 0.94
N ALA A 23 -4.09 9.02 1.70
CA ALA A 23 -2.68 8.70 1.57
C ALA A 23 -2.37 8.36 0.11
N TYR A 24 -3.09 7.38 -0.45
CA TYR A 24 -2.90 6.91 -1.80
C TYR A 24 -2.94 8.08 -2.77
N LYS A 25 -3.90 9.01 -2.62
CA LYS A 25 -3.97 10.13 -3.53
C LYS A 25 -2.70 11.00 -3.47
N ARG A 26 -2.26 11.43 -2.29
CA ARG A 26 -1.04 12.26 -2.21
C ARG A 26 0.14 11.50 -2.79
N LEU A 27 0.30 10.25 -2.35
CA LEU A 27 1.50 9.49 -2.63
C LEU A 27 1.53 9.12 -4.11
N ALA A 28 0.39 8.73 -4.68
CA ALA A 28 0.29 8.41 -6.09
C ALA A 28 0.80 9.56 -6.95
N MET A 29 0.34 10.80 -6.69
CA MET A 29 0.82 11.93 -7.47
C MET A 29 2.30 12.18 -7.21
N LYS A 30 2.74 12.09 -5.95
CA LYS A 30 4.13 12.32 -5.61
C LYS A 30 5.03 11.36 -6.39
N TYR A 31 4.67 10.08 -6.41
CA TYR A 31 5.50 9.01 -6.93
C TYR A 31 5.10 8.71 -8.38
N HIS A 32 4.37 9.60 -9.05
CA HIS A 32 4.07 9.39 -10.45
C HIS A 32 5.36 9.61 -11.24
N PRO A 33 5.68 8.77 -12.23
CA PRO A 33 6.89 8.92 -13.00
C PRO A 33 6.91 10.28 -13.68
N ASP A 34 5.86 10.62 -14.44
CA ASP A 34 5.78 11.82 -15.25
C ASP A 34 7.14 12.19 -15.85
N ARG A 35 7.50 11.50 -16.94
CA ARG A 35 8.77 11.56 -17.66
C ARG A 35 10.03 11.24 -16.82
N ASN A 36 9.92 10.93 -15.51
CA ASN A 36 11.03 10.38 -14.73
C ASN A 36 11.12 8.88 -15.02
N GLN A 37 11.28 8.57 -16.30
CA GLN A 37 11.52 7.22 -16.81
C GLN A 37 13.02 6.93 -16.69
N GLY A 38 13.45 5.71 -16.97
CA GLY A 38 14.84 5.31 -16.86
C GLY A 38 15.15 4.93 -15.41
N ASP A 39 14.74 5.79 -14.47
CA ASP A 39 14.76 5.48 -13.05
C ASP A 39 14.00 4.17 -12.84
N LYS A 40 12.72 4.17 -13.18
CA LYS A 40 11.86 3.00 -13.35
C LYS A 40 11.31 2.53 -12.00
N GLU A 41 12.15 2.55 -10.97
CA GLU A 41 11.80 2.09 -9.65
C GLU A 41 10.79 3.03 -8.99
N ALA A 42 10.89 4.34 -9.18
CA ALA A 42 9.94 5.28 -8.66
C ALA A 42 8.53 4.95 -9.13
N GLU A 43 8.33 4.62 -10.41
CA GLU A 43 7.03 4.09 -10.83
C GLU A 43 6.72 2.81 -10.04
N ALA A 44 7.68 1.90 -9.91
CA ALA A 44 7.50 0.67 -9.16
C ALA A 44 7.05 0.96 -7.73
N LYS A 45 7.51 2.07 -7.18
CA LYS A 45 7.13 2.54 -5.85
C LYS A 45 5.65 2.91 -5.87
N PHE A 46 5.21 3.66 -6.88
CA PHE A 46 3.80 3.87 -7.12
C PHE A 46 3.06 2.54 -7.30
N LYS A 47 3.67 1.52 -7.92
CA LYS A 47 3.04 0.21 -8.04
C LYS A 47 2.84 -0.41 -6.66
N GLU A 48 3.83 -0.35 -5.78
CA GLU A 48 3.70 -0.81 -4.41
C GLU A 48 2.59 -0.07 -3.69
N ILE A 49 2.51 1.26 -3.85
CA ILE A 49 1.54 2.06 -3.13
C ILE A 49 0.13 1.76 -3.63
N LYS A 50 -0.02 1.52 -4.93
CA LYS A 50 -1.21 0.94 -5.50
C LYS A 50 -1.50 -0.43 -4.88
N GLU A 51 -0.49 -1.32 -4.85
CA GLU A 51 -0.62 -2.68 -4.36
C GLU A 51 -1.19 -2.60 -2.95
N ALA A 52 -0.59 -1.74 -2.14
CA ALA A 52 -0.98 -1.48 -0.78
C ALA A 52 -2.46 -1.13 -0.72
N TYR A 53 -2.86 -0.08 -1.44
CA TYR A 53 -4.24 0.33 -1.45
C TYR A 53 -5.15 -0.85 -1.81
N GLU A 54 -4.74 -1.63 -2.81
CA GLU A 54 -5.53 -2.66 -3.40
C GLU A 54 -5.67 -3.82 -2.41
N VAL A 55 -4.60 -4.17 -1.68
CA VAL A 55 -4.66 -5.20 -0.65
C VAL A 55 -5.62 -4.69 0.41
N LEU A 56 -5.55 -3.40 0.75
CA LEU A 56 -6.42 -2.81 1.74
C LEU A 56 -7.86 -2.68 1.29
N THR A 57 -8.25 -3.24 0.15
CA THR A 57 -9.66 -3.42 -0.15
C THR A 57 -9.97 -4.89 -0.46
N ASP A 58 -8.95 -5.76 -0.37
CA ASP A 58 -9.07 -7.17 -0.68
C ASP A 58 -9.62 -7.92 0.53
N SER A 59 -9.68 -9.24 0.44
CA SER A 59 -10.22 -10.09 1.49
C SER A 59 -9.11 -10.68 2.36
N GLN A 60 -8.39 -11.67 1.82
CA GLN A 60 -7.58 -12.57 2.61
C GLN A 60 -6.25 -11.92 2.97
N LYS A 61 -5.53 -11.41 1.97
CA LYS A 61 -4.31 -10.63 2.15
C LYS A 61 -4.50 -9.58 3.26
N ARG A 62 -5.70 -9.02 3.29
CA ARG A 62 -6.02 -7.85 4.07
C ARG A 62 -6.11 -8.21 5.55
N ALA A 63 -6.46 -9.45 5.86
CA ALA A 63 -6.71 -9.94 7.19
C ALA A 63 -5.58 -10.82 7.73
N ALA A 64 -5.07 -11.74 6.91
CA ALA A 64 -4.07 -12.70 7.37
C ALA A 64 -2.88 -11.97 7.97
N TYR A 65 -2.40 -10.95 7.24
CA TYR A 65 -1.33 -10.07 7.73
C TYR A 65 -1.70 -9.48 9.07
N ASP A 66 -2.90 -8.89 9.13
CA ASP A 66 -3.38 -8.06 10.20
C ASP A 66 -3.41 -8.87 11.49
N GLN A 67 -3.87 -10.12 11.39
CA GLN A 67 -3.81 -11.05 12.48
C GLN A 67 -2.33 -11.41 12.70
N TYR A 68 -1.76 -12.20 11.78
CA TYR A 68 -0.46 -12.83 11.90
C TYR A 68 0.04 -13.24 10.51
N GLY A 69 0.51 -12.30 9.69
CA GLY A 69 1.28 -12.62 8.49
C GLY A 69 0.57 -13.58 7.55
N HIS A 70 0.96 -14.85 7.61
CA HIS A 70 0.25 -15.97 7.01
C HIS A 70 0.38 -17.18 7.94
N ALA A 71 -0.09 -17.02 9.17
CA ALA A 71 -0.42 -18.09 10.10
C ALA A 71 -1.63 -17.58 10.87
N ALA A 72 -2.73 -17.45 10.15
CA ALA A 72 -3.98 -16.86 10.56
C ALA A 72 -5.10 -17.52 9.76
N PHE A 73 -5.07 -17.36 8.44
CA PHE A 73 -6.16 -17.64 7.56
C PHE A 73 -5.63 -18.34 6.32
N GLU A 74 -5.05 -19.51 6.53
CA GLU A 74 -4.47 -20.37 5.51
C GLU A 74 -5.39 -21.58 5.28
N GLN A 75 -6.63 -21.49 5.73
CA GLN A 75 -7.76 -22.30 5.38
C GLN A 75 -8.60 -21.43 4.44
N ALA A 1 8.28 1.49 6.53
CA ALA A 1 7.44 0.36 6.16
C ALA A 1 7.06 -0.37 7.45
N LYS A 2 5.90 -1.03 7.48
CA LYS A 2 5.41 -1.74 8.64
C LYS A 2 4.67 -2.98 8.12
N GLN A 3 4.38 -3.92 9.01
CA GLN A 3 3.52 -5.07 8.77
C GLN A 3 2.26 -4.62 8.02
N ASP A 4 1.79 -5.51 7.14
CA ASP A 4 0.67 -5.34 6.22
C ASP A 4 0.61 -3.95 5.58
N TYR A 5 1.76 -3.46 5.12
CA TYR A 5 1.84 -2.40 4.11
C TYR A 5 1.23 -1.06 4.52
N TYR A 6 0.85 -0.83 5.78
CA TYR A 6 0.24 0.42 6.22
C TYR A 6 1.16 1.56 5.83
N GLU A 7 2.41 1.48 6.26
CA GLU A 7 3.29 2.60 6.15
C GLU A 7 3.79 2.80 4.73
N ILE A 8 3.84 1.71 3.98
CA ILE A 8 4.43 1.64 2.66
C ILE A 8 3.88 2.76 1.79
N LEU A 9 2.56 2.89 1.72
CA LEU A 9 1.97 3.91 0.88
C LEU A 9 2.33 5.31 1.37
N GLY A 10 2.59 5.51 2.66
CA GLY A 10 3.11 6.77 3.18
C GLY A 10 2.00 7.48 3.94
N VAL A 11 1.60 6.87 5.05
CA VAL A 11 0.42 7.24 5.81
C VAL A 11 0.69 6.96 7.28
N SER A 12 -0.19 7.44 8.16
CA SER A 12 -0.03 7.32 9.60
C SER A 12 0.08 5.85 10.00
N LYS A 13 0.40 5.62 11.28
CA LYS A 13 0.79 4.32 11.78
C LYS A 13 -0.22 3.24 11.42
N THR A 14 -1.49 3.47 11.77
CA THR A 14 -2.54 2.48 11.82
C THR A 14 -3.83 3.25 11.55
N ALA A 15 -3.85 3.92 10.40
CA ALA A 15 -4.88 4.83 9.96
C ALA A 15 -6.19 4.11 9.67
N GLU A 16 -7.29 4.83 9.54
CA GLU A 16 -8.51 4.32 8.95
C GLU A 16 -8.27 4.10 7.45
N GLU A 17 -9.00 3.16 6.83
CA GLU A 17 -8.95 2.95 5.38
C GLU A 17 -9.21 4.28 4.66
N ARG A 18 -10.16 5.05 5.19
CA ARG A 18 -10.47 6.38 4.71
C ARG A 18 -9.19 7.20 4.43
N GLU A 19 -8.21 7.11 5.32
CA GLU A 19 -6.96 7.83 5.20
C GLU A 19 -5.98 7.09 4.29
N ILE A 20 -5.96 5.75 4.32
CA ILE A 20 -5.13 4.94 3.43
C ILE A 20 -5.42 5.35 1.99
N ARG A 21 -6.70 5.33 1.68
CA ARG A 21 -7.28 5.63 0.39
C ARG A 21 -6.78 7.00 -0.05
N LYS A 22 -6.85 8.00 0.84
CA LYS A 22 -6.35 9.32 0.56
C LYS A 22 -4.84 9.36 0.37
N ALA A 23 -4.05 8.64 1.18
CA ALA A 23 -2.60 8.69 1.05
C ALA A 23 -2.20 8.10 -0.29
N TYR A 24 -2.66 6.89 -0.60
CA TYR A 24 -2.32 6.28 -1.89
C TYR A 24 -2.69 7.24 -3.03
N LYS A 25 -3.95 7.69 -3.04
CA LYS A 25 -4.43 8.55 -4.10
C LYS A 25 -3.56 9.80 -4.20
N ARG A 26 -3.20 10.40 -3.06
CA ARG A 26 -2.38 11.59 -3.08
C ARG A 26 -1.02 11.31 -3.68
N LEU A 27 -0.29 10.30 -3.19
CA LEU A 27 1.06 10.03 -3.66
C LEU A 27 1.07 9.83 -5.17
N ALA A 28 0.05 9.12 -5.68
CA ALA A 28 -0.06 8.85 -7.10
C ALA A 28 0.02 10.16 -7.90
N MET A 29 -0.56 11.22 -7.35
CA MET A 29 -0.56 12.55 -7.94
C MET A 29 0.68 13.36 -7.53
N LYS A 30 1.29 13.06 -6.39
CA LYS A 30 2.43 13.82 -5.88
C LYS A 30 3.58 13.73 -6.87
N TYR A 31 4.07 12.51 -7.08
CA TYR A 31 5.25 12.33 -7.91
C TYR A 31 4.90 12.06 -9.36
N HIS A 32 3.65 11.68 -9.64
CA HIS A 32 3.08 11.26 -10.93
C HIS A 32 4.12 11.21 -12.06
N PRO A 33 4.55 10.03 -12.54
CA PRO A 33 5.47 9.94 -13.65
C PRO A 33 4.75 10.37 -14.93
N ASP A 34 4.61 11.68 -15.12
CA ASP A 34 3.90 12.34 -16.20
C ASP A 34 4.26 11.62 -17.49
N ARG A 35 5.56 11.57 -17.77
CA ARG A 35 6.19 10.61 -18.64
C ARG A 35 7.32 10.00 -17.82
N ASN A 36 8.24 10.88 -17.41
CA ASN A 36 9.37 10.59 -16.54
C ASN A 36 10.37 9.69 -17.24
N GLN A 37 11.21 10.33 -18.07
CA GLN A 37 12.14 9.69 -18.97
C GLN A 37 12.86 8.51 -18.30
N GLY A 38 12.53 7.29 -18.72
CA GLY A 38 13.22 6.08 -18.35
C GLY A 38 13.15 5.78 -16.85
N ASP A 39 12.11 6.23 -16.14
CA ASP A 39 11.87 5.85 -14.77
C ASP A 39 11.52 4.36 -14.69
N LYS A 40 11.41 3.86 -13.47
CA LYS A 40 11.51 2.46 -13.10
C LYS A 40 11.26 2.39 -11.60
N GLU A 41 11.96 3.25 -10.87
CA GLU A 41 11.98 3.39 -9.45
C GLU A 41 10.66 4.00 -9.00
N ALA A 42 10.26 5.13 -9.58
CA ALA A 42 8.97 5.74 -9.33
C ALA A 42 7.86 4.71 -9.53
N GLU A 43 8.00 3.91 -10.59
CA GLU A 43 7.07 2.86 -10.92
C GLU A 43 7.09 1.79 -9.83
N ALA A 44 8.26 1.35 -9.39
CA ALA A 44 8.38 0.33 -8.38
C ALA A 44 7.82 0.81 -7.04
N LYS A 45 8.06 2.07 -6.71
CA LYS A 45 7.44 2.70 -5.57
C LYS A 45 5.93 2.70 -5.80
N PHE A 46 5.51 3.00 -7.02
CA PHE A 46 4.09 2.94 -7.35
C PHE A 46 3.56 1.53 -7.09
N LYS A 47 4.38 0.49 -7.31
CA LYS A 47 3.97 -0.86 -7.01
C LYS A 47 3.75 -1.04 -5.52
N GLU A 48 4.67 -0.59 -4.66
CA GLU A 48 4.53 -0.84 -3.24
C GLU A 48 3.33 -0.06 -2.70
N ILE A 49 3.19 1.21 -3.11
CA ILE A 49 2.05 2.03 -2.73
C ILE A 49 0.76 1.38 -3.24
N LYS A 50 0.71 0.93 -4.50
CA LYS A 50 -0.51 0.37 -5.04
C LYS A 50 -0.83 -0.91 -4.30
N GLU A 51 0.13 -1.83 -4.18
CA GLU A 51 -0.08 -3.11 -3.55
C GLU A 51 -0.63 -2.84 -2.16
N ALA A 52 0.01 -1.96 -1.39
CA ALA A 52 -0.52 -1.54 -0.10
C ALA A 52 -1.99 -1.13 -0.22
N TYR A 53 -2.31 -0.17 -1.08
CA TYR A 53 -3.69 0.28 -1.25
C TYR A 53 -4.64 -0.89 -1.54
N GLU A 54 -4.29 -1.69 -2.54
CA GLU A 54 -5.06 -2.72 -3.16
C GLU A 54 -5.36 -3.80 -2.12
N VAL A 55 -4.34 -4.17 -1.35
CA VAL A 55 -4.42 -5.13 -0.26
C VAL A 55 -5.36 -4.52 0.78
N LEU A 56 -5.07 -3.31 1.25
CA LEU A 56 -5.81 -2.74 2.36
C LEU A 56 -7.29 -2.56 2.06
N THR A 57 -7.63 -2.25 0.81
CA THR A 57 -9.02 -2.15 0.38
C THR A 57 -9.60 -3.50 -0.08
N ASP A 58 -8.85 -4.60 0.06
CA ASP A 58 -9.35 -5.96 -0.15
C ASP A 58 -10.11 -6.40 1.10
N SER A 59 -10.53 -7.66 1.15
CA SER A 59 -11.03 -8.32 2.34
C SER A 59 -10.06 -9.46 2.71
N GLN A 60 -9.84 -10.39 1.79
CA GLN A 60 -9.05 -11.56 2.01
C GLN A 60 -7.58 -11.23 1.98
N LYS A 61 -7.14 -10.51 0.94
CA LYS A 61 -5.80 -9.96 0.84
C LYS A 61 -5.73 -8.73 1.75
N ARG A 62 -6.17 -8.90 2.98
CA ARG A 62 -6.05 -7.93 4.05
C ARG A 62 -6.12 -8.76 5.31
N ALA A 63 -7.30 -9.29 5.61
CA ALA A 63 -7.63 -9.85 6.92
C ALA A 63 -6.62 -10.92 7.35
N ALA A 64 -6.10 -11.65 6.37
CA ALA A 64 -5.02 -12.59 6.58
C ALA A 64 -3.86 -11.89 7.27
N TYR A 65 -3.21 -10.95 6.58
CA TYR A 65 -2.04 -10.30 7.12
C TYR A 65 -2.41 -9.35 8.28
N ASP A 66 -3.64 -8.86 8.30
CA ASP A 66 -4.15 -8.01 9.36
C ASP A 66 -4.19 -8.79 10.67
N GLN A 67 -4.49 -10.09 10.61
CA GLN A 67 -4.48 -10.96 11.75
C GLN A 67 -3.07 -10.96 12.35
N TYR A 68 -2.11 -11.49 11.60
CA TYR A 68 -0.80 -11.84 12.14
C TYR A 68 0.22 -12.03 11.02
N GLY A 69 0.10 -11.23 9.97
CA GLY A 69 0.98 -11.34 8.82
C GLY A 69 0.97 -12.75 8.26
N HIS A 70 2.15 -13.22 7.84
CA HIS A 70 2.34 -14.58 7.36
C HIS A 70 1.84 -15.63 8.36
N ALA A 71 2.00 -15.39 9.67
CA ALA A 71 1.69 -16.35 10.72
C ALA A 71 0.22 -16.29 11.13
N ALA A 72 -0.65 -15.84 10.24
CA ALA A 72 -2.08 -15.86 10.41
C ALA A 72 -2.56 -17.28 10.73
N PHE A 73 -2.18 -18.23 9.88
CA PHE A 73 -2.57 -19.62 9.97
C PHE A 73 -1.46 -20.40 10.68
N GLU A 74 -1.41 -20.30 12.01
CA GLU A 74 -0.40 -20.97 12.84
C GLU A 74 -1.00 -21.99 13.81
N GLN A 75 -2.31 -22.24 13.78
CA GLN A 75 -2.94 -23.28 14.58
C GLN A 75 -2.82 -24.60 13.81
N ALA A 1 8.95 0.32 10.29
CA ALA A 1 9.32 0.88 8.99
C ALA A 1 8.73 0.01 7.88
N LYS A 2 7.53 0.34 7.44
CA LYS A 2 6.66 -0.53 6.65
C LYS A 2 6.25 -1.74 7.48
N GLN A 3 4.96 -2.03 7.44
CA GLN A 3 4.26 -3.04 8.20
C GLN A 3 2.92 -3.14 7.49
N ASP A 4 2.33 -4.35 7.44
CA ASP A 4 0.94 -4.67 7.06
C ASP A 4 0.29 -3.50 6.30
N TYR A 5 0.82 -3.23 5.11
CA TYR A 5 0.32 -2.28 4.13
C TYR A 5 -0.17 -0.95 4.73
N TYR A 6 0.45 -0.42 5.79
CA TYR A 6 0.03 0.84 6.41
C TYR A 6 0.93 1.97 5.94
N GLU A 7 2.21 1.87 6.28
CA GLU A 7 3.19 2.91 6.05
C GLU A 7 3.44 3.06 4.56
N ILE A 8 3.28 1.94 3.85
CA ILE A 8 3.46 1.83 2.42
C ILE A 8 2.78 3.00 1.72
N LEU A 9 1.53 3.30 2.12
CA LEU A 9 0.88 4.55 1.82
C LEU A 9 1.24 5.67 2.80
N GLY A 10 1.15 5.43 4.11
CA GLY A 10 1.57 6.41 5.10
C GLY A 10 0.32 7.07 5.64
N VAL A 11 -0.43 6.27 6.39
CA VAL A 11 -1.67 6.67 7.03
C VAL A 11 -1.59 6.27 8.51
N SER A 12 -2.55 6.75 9.28
CA SER A 12 -2.50 6.76 10.72
C SER A 12 -2.86 5.36 11.26
N LYS A 13 -1.86 4.50 11.49
CA LYS A 13 -2.03 3.10 11.82
C LYS A 13 -3.01 2.47 10.83
N THR A 14 -4.22 2.20 11.29
CA THR A 14 -5.17 1.35 10.58
C THR A 14 -6.36 2.23 10.22
N ALA A 15 -6.05 3.44 9.73
CA ALA A 15 -7.04 4.35 9.21
C ALA A 15 -7.85 3.63 8.13
N GLU A 16 -9.17 3.84 8.14
CA GLU A 16 -10.04 3.12 7.24
C GLU A 16 -9.73 3.47 5.79
N GLU A 17 -10.30 2.69 4.88
CA GLU A 17 -10.07 2.76 3.45
C GLU A 17 -10.30 4.19 2.95
N ARG A 18 -11.29 4.88 3.51
CA ARG A 18 -11.61 6.26 3.14
C ARG A 18 -10.36 7.15 3.18
N GLU A 19 -9.51 6.96 4.19
CA GLU A 19 -8.32 7.77 4.42
C GLU A 19 -7.07 7.08 3.88
N ILE A 20 -7.09 5.74 3.77
CA ILE A 20 -6.08 5.06 2.98
C ILE A 20 -6.07 5.70 1.60
N ARG A 21 -7.27 5.99 1.08
CA ARG A 21 -7.43 6.52 -0.24
C ARG A 21 -6.78 7.91 -0.27
N LYS A 22 -6.85 8.68 0.82
CA LYS A 22 -6.06 9.90 0.97
C LYS A 22 -4.58 9.59 0.82
N ALA A 23 -4.03 8.70 1.66
CA ALA A 23 -2.59 8.41 1.65
C ALA A 23 -2.13 8.01 0.25
N TYR A 24 -2.86 7.08 -0.35
CA TYR A 24 -2.67 6.63 -1.70
C TYR A 24 -2.70 7.82 -2.66
N LYS A 25 -3.70 8.70 -2.59
CA LYS A 25 -3.77 9.85 -3.48
C LYS A 25 -2.55 10.77 -3.31
N ARG A 26 -2.24 11.17 -2.08
CA ARG A 26 -1.15 12.13 -1.85
C ARG A 26 0.17 11.57 -2.36
N LEU A 27 0.41 10.27 -2.19
CA LEU A 27 1.58 9.66 -2.81
C LEU A 27 1.43 9.59 -4.32
N ALA A 28 0.25 9.19 -4.82
CA ALA A 28 0.04 8.98 -6.24
C ALA A 28 0.41 10.23 -7.02
N MET A 29 0.01 11.41 -6.55
CA MET A 29 0.42 12.64 -7.21
C MET A 29 1.95 12.80 -7.19
N LYS A 30 2.60 12.47 -6.07
CA LYS A 30 4.06 12.54 -5.96
C LYS A 30 4.73 11.65 -7.02
N TYR A 31 4.22 10.41 -7.13
CA TYR A 31 4.82 9.33 -7.89
C TYR A 31 4.02 9.08 -9.17
N HIS A 32 3.36 10.11 -9.70
CA HIS A 32 2.38 9.91 -10.76
C HIS A 32 3.05 9.32 -12.00
N PRO A 33 2.56 8.19 -12.54
CA PRO A 33 3.06 7.70 -13.81
C PRO A 33 2.71 8.76 -14.86
N ASP A 34 3.67 9.17 -15.66
CA ASP A 34 3.54 10.28 -16.58
C ASP A 34 4.83 10.29 -17.42
N ARG A 35 5.76 11.22 -17.17
CA ARG A 35 7.04 11.21 -17.85
C ARG A 35 7.98 10.19 -17.15
N ASN A 36 7.46 9.08 -16.64
CA ASN A 36 8.26 8.10 -15.92
C ASN A 36 8.98 7.15 -16.89
N GLN A 37 8.98 7.46 -18.19
CA GLN A 37 9.62 6.64 -19.20
C GLN A 37 11.12 6.87 -19.17
N GLY A 38 11.74 6.43 -18.09
CA GLY A 38 13.12 6.70 -17.76
C GLY A 38 13.30 6.17 -16.34
N ASP A 39 12.58 6.81 -15.42
CA ASP A 39 12.64 6.48 -14.01
C ASP A 39 12.00 5.11 -13.79
N LYS A 40 12.75 4.16 -13.27
CA LYS A 40 12.33 2.78 -13.09
C LYS A 40 11.84 2.60 -11.66
N GLU A 41 12.68 2.99 -10.69
CA GLU A 41 12.36 2.80 -9.30
C GLU A 41 11.11 3.58 -8.91
N ALA A 42 10.92 4.82 -9.38
CA ALA A 42 9.70 5.56 -9.14
C ALA A 42 8.46 4.80 -9.60
N GLU A 43 8.59 4.09 -10.72
CA GLU A 43 7.52 3.29 -11.28
C GLU A 43 7.25 2.12 -10.32
N ALA A 44 8.30 1.41 -9.91
CA ALA A 44 8.19 0.34 -8.93
C ALA A 44 7.62 0.84 -7.61
N LYS A 45 7.98 2.05 -7.22
CA LYS A 45 7.53 2.63 -5.97
C LYS A 45 6.02 2.85 -6.07
N PHE A 46 5.59 3.42 -7.19
CA PHE A 46 4.18 3.55 -7.52
C PHE A 46 3.48 2.18 -7.44
N LYS A 47 4.16 1.08 -7.81
CA LYS A 47 3.52 -0.22 -7.72
C LYS A 47 3.18 -0.53 -6.28
N GLU A 48 4.15 -0.49 -5.35
CA GLU A 48 3.87 -0.80 -3.94
C GLU A 48 2.64 -0.05 -3.46
N ILE A 49 2.65 1.26 -3.68
CA ILE A 49 1.64 2.15 -3.14
C ILE A 49 0.29 1.76 -3.74
N LYS A 50 0.24 1.47 -5.05
CA LYS A 50 -1.00 1.00 -5.66
C LYS A 50 -1.41 -0.34 -5.06
N GLU A 51 -0.46 -1.27 -4.94
CA GLU A 51 -0.68 -2.67 -4.65
C GLU A 51 -1.23 -2.81 -3.23
N ALA A 52 -0.58 -2.17 -2.26
CA ALA A 52 -1.08 -2.07 -0.90
C ALA A 52 -2.53 -1.61 -0.92
N TYR A 53 -2.78 -0.47 -1.54
CA TYR A 53 -4.11 0.09 -1.62
C TYR A 53 -5.10 -0.93 -2.21
N GLU A 54 -4.74 -1.57 -3.32
CA GLU A 54 -5.52 -2.59 -3.96
C GLU A 54 -5.87 -3.70 -2.96
N VAL A 55 -4.88 -4.13 -2.17
CA VAL A 55 -5.01 -5.23 -1.23
C VAL A 55 -6.03 -4.82 -0.16
N LEU A 56 -5.91 -3.60 0.35
CA LEU A 56 -6.79 -3.11 1.39
C LEU A 56 -8.24 -2.93 0.93
N THR A 57 -8.50 -2.88 -0.38
CA THR A 57 -9.86 -2.72 -0.86
C THR A 57 -10.53 -4.05 -1.19
N ASP A 58 -10.06 -5.17 -0.64
CA ASP A 58 -10.68 -6.48 -0.77
C ASP A 58 -11.14 -6.96 0.61
N SER A 59 -11.95 -8.03 0.65
CA SER A 59 -12.60 -8.57 1.83
C SER A 59 -11.67 -8.58 3.04
N GLN A 60 -10.70 -9.49 3.10
CA GLN A 60 -9.71 -9.47 4.14
C GLN A 60 -8.48 -8.81 3.52
N LYS A 61 -7.61 -9.57 2.84
CA LYS A 61 -6.33 -9.07 2.30
C LYS A 61 -5.73 -7.98 3.19
N ARG A 62 -5.37 -8.35 4.42
CA ARG A 62 -4.96 -7.42 5.46
C ARG A 62 -4.77 -8.28 6.70
N ALA A 63 -5.89 -8.69 7.29
CA ALA A 63 -5.86 -9.32 8.59
C ALA A 63 -5.18 -10.67 8.48
N ALA A 64 -5.25 -11.35 7.33
CA ALA A 64 -4.52 -12.58 7.10
C ALA A 64 -3.04 -12.40 7.38
N TYR A 65 -2.50 -11.26 6.93
CA TYR A 65 -1.11 -10.94 7.08
C TYR A 65 -0.84 -10.81 8.58
N ASP A 66 -1.68 -10.06 9.30
CA ASP A 66 -1.54 -9.91 10.74
C ASP A 66 -2.01 -11.15 11.54
N GLN A 67 -2.58 -12.16 10.89
CA GLN A 67 -2.83 -13.48 11.43
C GLN A 67 -1.69 -14.43 11.05
N TYR A 68 -0.75 -13.94 10.24
CA TYR A 68 0.38 -14.60 9.69
C TYR A 68 -0.03 -15.89 8.99
N GLY A 69 -0.98 -15.76 8.06
CA GLY A 69 -1.66 -16.89 7.43
C GLY A 69 -0.68 -17.96 6.94
N HIS A 70 0.37 -17.48 6.31
CA HIS A 70 1.49 -18.25 5.79
C HIS A 70 2.76 -17.42 6.03
N ALA A 71 3.12 -17.25 7.31
CA ALA A 71 4.39 -16.64 7.70
C ALA A 71 4.50 -15.24 7.10
N ALA A 72 3.54 -14.39 7.45
CA ALA A 72 3.41 -13.10 6.80
C ALA A 72 4.41 -12.11 7.40
N PHE A 73 4.28 -11.79 8.69
CA PHE A 73 5.27 -11.02 9.43
C PHE A 73 6.40 -11.98 9.81
N GLU A 74 7.06 -12.56 8.81
CA GLU A 74 8.28 -13.32 8.95
C GLU A 74 9.37 -12.72 8.06
N GLN A 75 9.14 -11.48 7.61
CA GLN A 75 10.12 -10.62 7.00
C GLN A 75 11.35 -10.56 7.91
N ALA A 1 6.35 -7.18 12.34
CA ALA A 1 6.09 -6.63 13.67
C ALA A 1 5.13 -5.47 13.53
N LYS A 2 5.60 -4.25 13.27
CA LYS A 2 4.69 -3.13 13.07
C LYS A 2 3.84 -3.37 11.83
N GLN A 3 2.63 -2.82 11.86
CA GLN A 3 1.70 -2.73 10.75
C GLN A 3 2.46 -2.14 9.57
N ASP A 4 2.86 -3.05 8.69
CA ASP A 4 3.55 -2.71 7.46
C ASP A 4 2.51 -2.39 6.40
N TYR A 5 2.94 -1.84 5.27
CA TYR A 5 2.05 -1.43 4.19
C TYR A 5 1.14 -0.27 4.59
N TYR A 6 1.44 0.41 5.71
CA TYR A 6 0.77 1.64 6.14
C TYR A 6 1.76 2.79 6.09
N GLU A 7 2.96 2.63 6.66
CA GLU A 7 3.94 3.70 6.68
C GLU A 7 4.43 3.97 5.26
N ILE A 8 4.33 2.97 4.37
CA ILE A 8 4.75 3.06 2.99
C ILE A 8 4.00 4.20 2.31
N LEU A 9 2.67 4.07 2.20
CA LEU A 9 1.90 5.12 1.60
C LEU A 9 1.78 6.32 2.54
N GLY A 10 1.95 6.08 3.84
CA GLY A 10 2.21 7.12 4.81
C GLY A 10 0.87 7.42 5.45
N VAL A 11 0.51 6.61 6.44
CA VAL A 11 -0.80 6.67 7.06
C VAL A 11 -0.72 5.99 8.42
N SER A 12 -1.69 6.31 9.29
CA SER A 12 -1.82 5.77 10.63
C SER A 12 -1.83 4.23 10.60
N LYS A 13 -1.22 3.61 11.61
CA LYS A 13 -0.91 2.19 11.64
C LYS A 13 -2.12 1.32 11.31
N THR A 14 -3.25 1.60 11.96
CA THR A 14 -4.48 0.85 11.76
C THR A 14 -5.52 1.79 11.18
N ALA A 15 -5.10 2.68 10.27
CA ALA A 15 -5.99 3.63 9.66
C ALA A 15 -7.10 2.92 8.88
N GLU A 16 -8.19 3.63 8.64
CA GLU A 16 -9.28 3.16 7.84
C GLU A 16 -8.86 3.16 6.37
N GLU A 17 -9.53 2.32 5.59
CA GLU A 17 -9.47 2.35 4.14
C GLU A 17 -9.82 3.77 3.63
N ARG A 18 -10.73 4.44 4.34
CA ARG A 18 -11.13 5.78 3.95
C ARG A 18 -10.01 6.81 4.14
N GLU A 19 -9.06 6.53 5.06
CA GLU A 19 -7.89 7.36 5.27
C GLU A 19 -6.76 6.89 4.35
N ILE A 20 -6.69 5.59 4.06
CA ILE A 20 -5.83 5.03 3.02
C ILE A 20 -6.12 5.77 1.71
N ARG A 21 -7.39 6.03 1.43
CA ARG A 21 -7.81 6.77 0.25
C ARG A 21 -7.08 8.12 0.16
N LYS A 22 -6.87 8.77 1.30
CA LYS A 22 -6.22 10.06 1.39
C LYS A 22 -4.74 9.90 1.02
N ALA A 23 -4.05 8.98 1.69
CA ALA A 23 -2.64 8.71 1.42
C ALA A 23 -2.44 8.39 -0.06
N TYR A 24 -3.27 7.49 -0.58
CA TYR A 24 -3.24 7.11 -1.97
C TYR A 24 -3.36 8.37 -2.83
N LYS A 25 -4.36 9.21 -2.59
CA LYS A 25 -4.52 10.43 -3.38
C LYS A 25 -3.26 11.28 -3.34
N ARG A 26 -2.63 11.38 -2.17
CA ARG A 26 -1.46 12.21 -1.96
C ARG A 26 -0.31 11.64 -2.80
N LEU A 27 0.06 10.39 -2.54
CA LEU A 27 1.19 9.77 -3.22
C LEU A 27 0.95 9.65 -4.72
N ALA A 28 -0.29 9.41 -5.13
CA ALA A 28 -0.63 9.26 -6.53
C ALA A 28 -0.21 10.47 -7.36
N MET A 29 -0.22 11.68 -6.78
CA MET A 29 0.30 12.88 -7.39
C MET A 29 1.79 13.06 -7.08
N LYS A 30 2.19 12.79 -5.84
CA LYS A 30 3.57 12.96 -5.38
C LYS A 30 4.52 12.18 -6.29
N TYR A 31 4.14 10.97 -6.68
CA TYR A 31 4.88 10.05 -7.53
C TYR A 31 3.93 9.47 -8.57
N HIS A 32 3.24 10.33 -9.30
CA HIS A 32 2.47 9.92 -10.46
C HIS A 32 3.38 9.23 -11.49
N PRO A 33 2.96 8.11 -12.11
CA PRO A 33 3.72 7.46 -13.17
C PRO A 33 3.57 8.24 -14.47
N ASP A 34 4.14 9.44 -14.55
CA ASP A 34 4.24 10.23 -15.78
C ASP A 34 5.37 9.63 -16.63
N ARG A 35 6.27 10.44 -17.18
CA ARG A 35 7.41 9.99 -17.99
C ARG A 35 8.48 9.37 -17.08
N ASN A 36 8.10 8.32 -16.37
CA ASN A 36 8.86 7.69 -15.30
C ASN A 36 9.65 6.46 -15.80
N GLN A 37 9.62 6.21 -17.11
CA GLN A 37 10.49 5.25 -17.76
C GLN A 37 11.96 5.69 -17.65
N GLY A 38 12.87 4.98 -18.30
CA GLY A 38 14.29 5.18 -18.19
C GLY A 38 14.73 4.42 -16.95
N ASP A 39 14.25 4.89 -15.82
CA ASP A 39 14.62 4.42 -14.51
C ASP A 39 13.99 3.05 -14.23
N LYS A 40 12.68 3.06 -14.03
CA LYS A 40 11.82 1.94 -13.66
C LYS A 40 11.56 1.89 -12.15
N GLU A 41 12.43 2.40 -11.28
CA GLU A 41 12.17 2.38 -9.83
C GLU A 41 10.79 2.97 -9.54
N ALA A 42 10.46 4.04 -10.27
CA ALA A 42 9.21 4.74 -10.18
C ALA A 42 8.01 3.80 -10.37
N GLU A 43 8.09 2.86 -11.32
CA GLU A 43 7.02 1.90 -11.49
C GLU A 43 6.91 1.11 -10.18
N ALA A 44 8.00 0.53 -9.70
CA ALA A 44 7.98 -0.33 -8.54
C ALA A 44 7.49 0.42 -7.30
N LYS A 45 7.89 1.68 -7.17
CA LYS A 45 7.39 2.55 -6.11
C LYS A 45 5.87 2.69 -6.30
N PHE A 46 5.41 2.94 -7.53
CA PHE A 46 3.98 2.96 -7.78
C PHE A 46 3.34 1.61 -7.44
N LYS A 47 4.05 0.50 -7.65
CA LYS A 47 3.55 -0.83 -7.34
C LYS A 47 3.35 -0.98 -5.84
N GLU A 48 4.32 -0.60 -5.01
CA GLU A 48 4.21 -0.82 -3.58
C GLU A 48 3.03 -0.02 -3.03
N ILE A 49 2.89 1.23 -3.46
CA ILE A 49 1.78 2.08 -3.06
C ILE A 49 0.48 1.44 -3.53
N LYS A 50 0.42 1.10 -4.82
CA LYS A 50 -0.79 0.51 -5.37
C LYS A 50 -1.13 -0.77 -4.62
N GLU A 51 -0.13 -1.53 -4.20
CA GLU A 51 -0.33 -2.78 -3.52
C GLU A 51 -1.00 -2.53 -2.16
N ALA A 52 -0.51 -1.55 -1.38
CA ALA A 52 -1.26 -1.13 -0.21
C ALA A 52 -2.70 -0.81 -0.61
N TYR A 53 -2.86 -0.01 -1.66
CA TYR A 53 -4.16 0.42 -2.15
C TYR A 53 -4.96 -0.70 -2.83
N GLU A 54 -4.41 -1.89 -3.02
CA GLU A 54 -5.11 -3.06 -3.51
C GLU A 54 -5.54 -3.83 -2.27
N VAL A 55 -4.56 -4.15 -1.42
CA VAL A 55 -4.74 -5.07 -0.32
C VAL A 55 -5.73 -4.44 0.62
N LEU A 56 -5.41 -3.27 1.16
CA LEU A 56 -6.17 -2.68 2.24
C LEU A 56 -7.58 -2.28 1.81
N THR A 57 -7.83 -2.20 0.50
CA THR A 57 -9.13 -1.87 -0.03
C THR A 57 -9.98 -3.14 -0.19
N ASP A 58 -9.92 -4.01 0.83
CA ASP A 58 -10.44 -5.37 0.86
C ASP A 58 -9.85 -6.25 -0.26
N SER A 59 -9.14 -7.31 0.10
CA SER A 59 -8.68 -8.34 -0.82
C SER A 59 -8.58 -9.66 -0.03
N GLN A 60 -7.38 -10.14 0.30
CA GLN A 60 -7.10 -11.41 0.96
C GLN A 60 -6.09 -11.19 2.07
N LYS A 61 -4.96 -10.60 1.65
CA LYS A 61 -3.90 -10.09 2.49
C LYS A 61 -4.52 -9.25 3.62
N ARG A 62 -5.60 -8.52 3.30
CA ARG A 62 -6.46 -7.73 4.18
C ARG A 62 -7.24 -8.58 5.20
N ALA A 63 -6.70 -9.70 5.66
CA ALA A 63 -7.36 -10.61 6.57
C ALA A 63 -6.32 -11.60 7.06
N ALA A 64 -5.56 -12.19 6.14
CA ALA A 64 -4.42 -13.01 6.48
C ALA A 64 -3.46 -12.22 7.38
N TYR A 65 -3.06 -11.04 6.91
CA TYR A 65 -2.13 -10.19 7.64
C TYR A 65 -2.72 -9.75 8.97
N ASP A 66 -4.02 -9.44 9.00
CA ASP A 66 -4.70 -9.07 10.22
C ASP A 66 -4.56 -10.23 11.22
N GLN A 67 -4.77 -11.46 10.75
CA GLN A 67 -4.78 -12.65 11.58
C GLN A 67 -3.37 -12.96 12.08
N TYR A 68 -2.49 -13.29 11.15
CA TYR A 68 -1.15 -13.79 11.41
C TYR A 68 -0.12 -13.02 10.56
N GLY A 69 -0.31 -11.71 10.46
CA GLY A 69 0.73 -10.81 10.01
C GLY A 69 1.95 -11.04 10.89
N HIS A 70 3.13 -11.07 10.26
CA HIS A 70 4.40 -11.37 10.91
C HIS A 70 4.32 -12.61 11.82
N ALA A 71 3.52 -13.60 11.43
CA ALA A 71 3.39 -14.83 12.17
C ALA A 71 2.88 -15.93 11.23
N ALA A 72 3.42 -16.01 10.02
CA ALA A 72 2.93 -16.96 9.03
C ALA A 72 4.07 -17.39 8.12
N PHE A 73 4.76 -16.42 7.53
CA PHE A 73 5.95 -16.62 6.73
C PHE A 73 7.12 -16.61 7.73
N GLU A 74 7.21 -17.63 8.58
CA GLU A 74 8.19 -17.73 9.67
C GLU A 74 8.63 -19.17 9.95
N GLN A 75 8.37 -20.07 9.00
CA GLN A 75 8.42 -21.49 9.14
C GLN A 75 9.80 -21.95 9.62
N ALA A 1 6.38 -5.81 14.45
CA ALA A 1 7.60 -5.50 13.70
C ALA A 1 7.26 -4.78 12.40
N LYS A 2 6.71 -3.57 12.50
CA LYS A 2 6.19 -2.79 11.38
C LYS A 2 5.01 -3.46 10.69
N GLN A 3 4.10 -2.64 10.16
CA GLN A 3 2.90 -3.07 9.48
C GLN A 3 3.06 -2.71 8.01
N ASP A 4 3.45 -3.72 7.25
CA ASP A 4 3.55 -3.66 5.80
C ASP A 4 2.22 -3.15 5.23
N TYR A 5 2.29 -2.56 4.05
CA TYR A 5 1.20 -1.95 3.29
C TYR A 5 0.85 -0.59 3.89
N TYR A 6 0.59 -0.59 5.18
CA TYR A 6 0.13 0.58 5.91
C TYR A 6 1.27 1.58 6.11
N GLU A 7 2.51 1.10 6.27
CA GLU A 7 3.68 1.95 6.24
C GLU A 7 3.86 2.50 4.82
N ILE A 8 3.74 1.61 3.83
CA ILE A 8 3.96 1.95 2.44
C ILE A 8 3.07 3.13 2.06
N LEU A 9 1.76 3.05 2.32
CA LEU A 9 0.89 4.21 2.16
C LEU A 9 1.28 5.30 3.16
N GLY A 10 1.52 4.92 4.42
CA GLY A 10 2.03 5.85 5.42
C GLY A 10 0.80 6.55 5.95
N VAL A 11 -0.11 5.74 6.47
CA VAL A 11 -1.40 6.16 6.95
C VAL A 11 -1.48 5.77 8.43
N SER A 12 -2.28 6.50 9.19
CA SER A 12 -2.30 6.37 10.63
C SER A 12 -2.90 5.01 10.97
N LYS A 13 -2.25 4.27 11.88
CA LYS A 13 -2.54 2.89 12.21
C LYS A 13 -2.78 2.07 10.95
N THR A 14 -4.05 1.73 10.70
CA THR A 14 -4.41 0.62 9.85
C THR A 14 -5.79 0.95 9.27
N ALA A 15 -5.88 2.18 8.74
CA ALA A 15 -7.14 2.82 8.41
C ALA A 15 -7.95 2.09 7.33
N GLU A 16 -9.23 2.44 7.27
CA GLU A 16 -10.16 2.13 6.22
C GLU A 16 -9.75 2.86 4.94
N GLU A 17 -10.35 2.44 3.83
CA GLU A 17 -10.12 2.96 2.50
C GLU A 17 -10.31 4.48 2.49
N ARG A 18 -11.13 5.01 3.38
CA ARG A 18 -11.42 6.43 3.42
C ARG A 18 -10.15 7.24 3.64
N GLU A 19 -9.39 6.93 4.70
CA GLU A 19 -8.18 7.71 4.94
C GLU A 19 -7.07 7.18 4.02
N ILE A 20 -7.12 5.89 3.69
CA ILE A 20 -6.18 5.28 2.75
C ILE A 20 -6.18 6.08 1.45
N ARG A 21 -7.35 6.49 0.98
CA ARG A 21 -7.47 7.26 -0.24
C ARG A 21 -6.59 8.50 -0.14
N LYS A 22 -6.61 9.18 1.00
CA LYS A 22 -5.73 10.30 1.23
C LYS A 22 -4.28 9.85 1.11
N ALA A 23 -3.82 8.86 1.88
CA ALA A 23 -2.41 8.50 1.79
C ALA A 23 -2.01 8.19 0.34
N TYR A 24 -2.86 7.45 -0.36
CA TYR A 24 -2.68 7.13 -1.76
C TYR A 24 -2.54 8.40 -2.59
N LYS A 25 -3.48 9.34 -2.49
CA LYS A 25 -3.45 10.58 -3.24
C LYS A 25 -2.23 11.43 -2.91
N ARG A 26 -1.81 11.42 -1.63
CA ARG A 26 -0.64 12.15 -1.20
C ARG A 26 0.56 11.58 -1.93
N LEU A 27 0.84 10.29 -1.75
CA LEU A 27 1.96 9.65 -2.44
C LEU A 27 1.82 9.83 -3.95
N ALA A 28 0.60 9.86 -4.50
CA ALA A 28 0.41 10.06 -5.93
C ALA A 28 1.11 11.31 -6.43
N MET A 29 1.27 12.33 -5.59
CA MET A 29 2.03 13.51 -5.97
C MET A 29 3.40 13.12 -6.54
N LYS A 30 4.02 12.06 -6.01
CA LYS A 30 5.27 11.52 -6.47
C LYS A 30 5.03 10.65 -7.70
N TYR A 31 4.31 9.53 -7.53
CA TYR A 31 4.18 8.51 -8.57
C TYR A 31 3.16 8.89 -9.67
N HIS A 32 2.75 10.15 -9.68
CA HIS A 32 1.90 10.76 -10.70
C HIS A 32 2.39 10.34 -12.10
N PRO A 33 1.48 10.06 -13.05
CA PRO A 33 1.86 9.73 -14.42
C PRO A 33 2.19 11.02 -15.14
N ASP A 34 3.14 11.80 -14.62
CA ASP A 34 3.38 13.15 -15.09
C ASP A 34 4.32 13.08 -16.28
N ARG A 35 3.77 12.64 -17.40
CA ARG A 35 4.54 12.17 -18.54
C ARG A 35 5.70 11.27 -18.09
N ASN A 36 5.39 10.35 -17.16
CA ASN A 36 6.24 9.25 -16.70
C ASN A 36 7.72 9.62 -16.68
N GLN A 37 8.07 10.43 -15.68
CA GLN A 37 9.31 11.17 -15.55
C GLN A 37 10.56 10.28 -15.71
N GLY A 38 11.72 10.92 -15.80
CA GLY A 38 13.01 10.25 -15.86
C GLY A 38 13.14 9.16 -14.79
N ASP A 39 12.61 9.44 -13.59
CA ASP A 39 12.42 8.44 -12.55
C ASP A 39 11.60 7.27 -13.10
N LYS A 40 12.25 6.13 -13.34
CA LYS A 40 11.55 4.90 -13.68
C LYS A 40 11.09 4.11 -12.45
N GLU A 41 11.75 4.25 -11.28
CA GLU A 41 11.22 3.58 -10.12
C GLU A 41 9.81 4.06 -9.83
N ALA A 42 9.40 5.23 -10.32
CA ALA A 42 8.04 5.74 -10.27
C ALA A 42 7.01 4.65 -10.53
N GLU A 43 7.28 3.80 -11.52
CA GLU A 43 6.39 2.68 -11.80
C GLU A 43 6.36 1.76 -10.59
N ALA A 44 7.50 1.22 -10.20
CA ALA A 44 7.62 0.29 -9.09
C ALA A 44 7.12 0.89 -7.77
N LYS A 45 7.21 2.20 -7.64
CA LYS A 45 6.72 2.96 -6.52
C LYS A 45 5.20 2.90 -6.58
N PHE A 46 4.62 3.26 -7.72
CA PHE A 46 3.21 3.03 -7.95
C PHE A 46 2.86 1.58 -7.65
N LYS A 47 3.72 0.62 -7.97
CA LYS A 47 3.43 -0.77 -7.71
C LYS A 47 3.40 -1.03 -6.21
N GLU A 48 4.37 -0.57 -5.44
CA GLU A 48 4.37 -0.87 -4.02
C GLU A 48 3.12 -0.28 -3.36
N ILE A 49 2.84 0.97 -3.72
CA ILE A 49 1.76 1.72 -3.11
C ILE A 49 0.43 1.14 -3.59
N LYS A 50 0.30 0.76 -4.86
CA LYS A 50 -0.93 0.22 -5.38
C LYS A 50 -1.13 -1.22 -4.91
N GLU A 51 -0.07 -2.03 -4.78
CA GLU A 51 -0.14 -3.35 -4.19
C GLU A 51 -0.72 -3.16 -2.79
N ALA A 52 -0.09 -2.30 -2.00
CA ALA A 52 -0.58 -1.99 -0.66
C ALA A 52 -2.06 -1.56 -0.69
N TYR A 53 -2.43 -0.65 -1.57
CA TYR A 53 -3.82 -0.18 -1.65
C TYR A 53 -4.76 -1.33 -2.06
N GLU A 54 -4.36 -2.18 -3.01
CA GLU A 54 -5.08 -3.33 -3.45
C GLU A 54 -5.30 -4.24 -2.23
N VAL A 55 -4.28 -4.39 -1.41
CA VAL A 55 -4.28 -5.30 -0.26
C VAL A 55 -5.31 -4.87 0.80
N LEU A 56 -5.87 -3.67 0.69
CA LEU A 56 -6.83 -3.13 1.64
C LEU A 56 -8.20 -3.05 1.01
N THR A 57 -8.24 -2.77 -0.28
CA THR A 57 -9.47 -2.88 -1.04
C THR A 57 -9.83 -4.35 -1.33
N ASP A 58 -8.90 -5.30 -1.13
CA ASP A 58 -9.03 -6.68 -1.57
C ASP A 58 -7.90 -7.45 -0.90
N SER A 59 -7.67 -8.73 -1.17
CA SER A 59 -6.54 -9.47 -0.67
C SER A 59 -6.73 -9.88 0.77
N GLN A 60 -6.76 -11.19 0.94
CA GLN A 60 -6.56 -11.82 2.21
C GLN A 60 -5.24 -11.36 2.85
N LYS A 61 -4.30 -10.78 2.10
CA LYS A 61 -3.17 -10.10 2.73
C LYS A 61 -3.60 -9.13 3.86
N ARG A 62 -4.85 -8.64 3.89
CA ARG A 62 -5.33 -7.89 5.05
C ARG A 62 -5.67 -8.87 6.14
N ALA A 63 -6.64 -9.75 5.88
CA ALA A 63 -7.19 -10.64 6.88
C ALA A 63 -6.08 -11.46 7.55
N ALA A 64 -5.00 -11.71 6.81
CA ALA A 64 -3.79 -12.32 7.31
C ALA A 64 -3.25 -11.54 8.51
N TYR A 65 -2.99 -10.27 8.28
CA TYR A 65 -2.44 -9.41 9.31
C TYR A 65 -3.49 -9.28 10.41
N ASP A 66 -4.74 -9.01 10.04
CA ASP A 66 -5.84 -8.81 10.98
C ASP A 66 -5.88 -9.97 11.98
N GLN A 67 -5.67 -11.20 11.49
CA GLN A 67 -5.65 -12.39 12.31
C GLN A 67 -4.36 -12.39 13.13
N TYR A 68 -3.23 -12.70 12.49
CA TYR A 68 -2.02 -13.10 13.20
C TYR A 68 -1.01 -11.97 13.27
N GLY A 69 -1.13 -10.99 12.39
CA GLY A 69 -0.15 -9.93 12.27
C GLY A 69 1.02 -10.39 11.42
N HIS A 70 1.66 -11.42 11.92
CA HIS A 70 2.87 -11.98 11.37
C HIS A 70 2.55 -12.50 9.97
N ALA A 71 1.75 -13.58 9.87
CA ALA A 71 1.28 -14.07 8.57
C ALA A 71 0.07 -14.99 8.61
N ALA A 72 -0.97 -14.64 9.37
CA ALA A 72 -2.29 -15.25 9.41
C ALA A 72 -2.33 -16.55 10.20
N PHE A 73 -1.16 -17.15 10.32
CA PHE A 73 -0.84 -18.44 10.89
C PHE A 73 0.63 -18.66 10.56
N GLU A 74 1.48 -17.86 11.18
CA GLU A 74 2.93 -17.93 11.03
C GLU A 74 3.53 -18.48 12.34
N GLN A 75 2.69 -18.90 13.28
CA GLN A 75 3.00 -19.22 14.64
C GLN A 75 1.73 -19.92 15.17
N ALA A 1 7.44 -9.15 11.74
CA ALA A 1 7.31 -10.28 10.81
C ALA A 1 7.13 -9.75 9.38
N LYS A 2 6.02 -10.04 8.71
CA LYS A 2 5.70 -9.53 7.38
C LYS A 2 5.98 -8.03 7.21
N GLN A 3 6.42 -7.61 6.03
CA GLN A 3 6.49 -6.22 5.65
C GLN A 3 5.05 -5.70 5.47
N ASP A 4 4.65 -4.68 6.22
CA ASP A 4 3.34 -4.04 6.11
C ASP A 4 3.38 -2.93 5.07
N TYR A 5 2.23 -2.30 4.83
CA TYR A 5 2.01 -1.42 3.69
C TYR A 5 1.68 0.02 4.08
N TYR A 6 0.99 0.23 5.20
CA TYR A 6 0.57 1.58 5.57
C TYR A 6 1.80 2.50 5.70
N GLU A 7 2.88 1.99 6.29
CA GLU A 7 4.01 2.83 6.63
C GLU A 7 4.77 3.14 5.34
N ILE A 8 4.79 2.17 4.42
CA ILE A 8 5.27 2.34 3.06
C ILE A 8 4.56 3.54 2.43
N LEU A 9 3.22 3.62 2.52
CA LEU A 9 2.52 4.76 1.96
C LEU A 9 2.89 6.04 2.70
N GLY A 10 3.00 5.98 4.03
CA GLY A 10 3.38 7.12 4.84
C GLY A 10 2.08 7.76 5.29
N VAL A 11 1.38 7.03 6.15
CA VAL A 11 0.06 7.35 6.63
C VAL A 11 -0.11 6.58 7.94
N SER A 12 -1.12 6.94 8.72
CA SER A 12 -1.15 6.57 10.13
C SER A 12 -1.00 5.07 10.32
N LYS A 13 -0.29 4.67 11.38
CA LYS A 13 0.02 3.28 11.68
C LYS A 13 -1.18 2.35 11.49
N THR A 14 -2.35 2.81 11.90
CA THR A 14 -3.57 2.05 11.94
C THR A 14 -4.65 2.79 11.14
N ALA A 15 -4.25 3.39 10.01
CA ALA A 15 -5.12 4.21 9.18
C ALA A 15 -6.37 3.45 8.77
N GLU A 16 -7.50 4.16 8.66
CA GLU A 16 -8.66 3.69 7.97
C GLU A 16 -8.32 3.58 6.48
N GLU A 17 -8.94 2.61 5.82
CA GLU A 17 -8.89 2.41 4.40
C GLU A 17 -9.28 3.68 3.65
N ARG A 18 -10.21 4.46 4.22
CA ARG A 18 -10.56 5.77 3.70
C ARG A 18 -9.33 6.66 3.58
N GLU A 19 -8.51 6.67 4.62
CA GLU A 19 -7.33 7.49 4.66
C GLU A 19 -6.23 6.86 3.80
N ILE A 20 -6.21 5.52 3.68
CA ILE A 20 -5.41 4.86 2.65
C ILE A 20 -5.77 5.41 1.27
N ARG A 21 -7.06 5.59 0.98
CA ARG A 21 -7.50 6.18 -0.28
C ARG A 21 -6.81 7.56 -0.46
N LYS A 22 -6.87 8.40 0.57
CA LYS A 22 -6.16 9.67 0.56
C LYS A 22 -4.67 9.47 0.31
N ALA A 23 -4.02 8.56 1.04
CA ALA A 23 -2.59 8.31 0.89
C ALA A 23 -2.29 8.02 -0.57
N TYR A 24 -3.01 7.06 -1.15
CA TYR A 24 -2.84 6.68 -2.55
C TYR A 24 -2.99 7.91 -3.44
N LYS A 25 -4.05 8.69 -3.27
CA LYS A 25 -4.29 9.83 -4.12
C LYS A 25 -3.14 10.85 -4.01
N ARG A 26 -2.74 11.15 -2.77
CA ARG A 26 -1.65 12.06 -2.47
C ARG A 26 -0.36 11.57 -3.12
N LEU A 27 -0.07 10.27 -3.01
CA LEU A 27 1.08 9.65 -3.62
C LEU A 27 1.02 9.85 -5.12
N ALA A 28 -0.09 9.47 -5.77
CA ALA A 28 -0.15 9.55 -7.21
C ALA A 28 0.21 10.97 -7.67
N MET A 29 -0.42 12.00 -7.09
CA MET A 29 -0.17 13.37 -7.51
C MET A 29 1.25 13.87 -7.20
N LYS A 30 2.02 13.23 -6.32
CA LYS A 30 3.31 13.73 -5.89
C LYS A 30 4.20 13.73 -7.12
N TYR A 31 4.41 12.54 -7.67
CA TYR A 31 5.28 12.33 -8.82
C TYR A 31 4.49 12.26 -10.13
N HIS A 32 3.16 12.29 -10.07
CA HIS A 32 2.28 12.29 -11.24
C HIS A 32 2.73 11.23 -12.28
N PRO A 33 2.44 9.95 -12.03
CA PRO A 33 2.87 8.84 -12.85
C PRO A 33 2.02 8.80 -14.12
N ASP A 34 2.64 8.77 -15.29
CA ASP A 34 1.94 8.95 -16.56
C ASP A 34 2.89 8.58 -17.70
N ARG A 35 3.97 9.34 -17.83
CA ARG A 35 5.02 9.14 -18.81
C ARG A 35 6.32 8.88 -18.05
N ASN A 36 7.01 9.92 -17.57
CA ASN A 36 8.07 9.82 -16.56
C ASN A 36 9.16 8.83 -16.99
N GLN A 37 9.45 8.74 -18.29
CA GLN A 37 10.41 7.78 -18.83
C GLN A 37 11.85 8.26 -18.60
N GLY A 38 12.27 8.31 -17.35
CA GLY A 38 13.59 8.77 -16.97
C GLY A 38 13.91 8.28 -15.56
N ASP A 39 12.99 8.54 -14.63
CA ASP A 39 13.18 8.25 -13.22
C ASP A 39 13.35 6.75 -13.01
N LYS A 40 12.24 6.01 -12.95
CA LYS A 40 12.11 4.57 -12.73
C LYS A 40 11.68 4.26 -11.30
N GLU A 41 12.16 4.98 -10.28
CA GLU A 41 11.77 4.61 -8.91
C GLU A 41 10.27 4.78 -8.74
N ALA A 42 9.68 5.82 -9.31
CA ALA A 42 8.26 6.05 -9.27
C ALA A 42 7.49 4.81 -9.71
N GLU A 43 7.96 4.15 -10.77
CA GLU A 43 7.32 2.98 -11.34
C GLU A 43 7.27 1.88 -10.27
N ALA A 44 8.44 1.53 -9.73
CA ALA A 44 8.55 0.48 -8.73
C ALA A 44 7.77 0.85 -7.48
N LYS A 45 7.87 2.11 -7.07
CA LYS A 45 7.14 2.61 -5.93
C LYS A 45 5.65 2.45 -6.20
N PHE A 46 5.22 2.67 -7.45
CA PHE A 46 3.83 2.44 -7.80
C PHE A 46 3.45 0.99 -7.57
N LYS A 47 4.37 0.04 -7.80
CA LYS A 47 4.04 -1.34 -7.53
C LYS A 47 3.69 -1.51 -6.05
N GLU A 48 4.55 -1.00 -5.17
CA GLU A 48 4.32 -1.07 -3.74
C GLU A 48 2.99 -0.44 -3.39
N ILE A 49 2.75 0.80 -3.86
CA ILE A 49 1.53 1.51 -3.54
C ILE A 49 0.32 0.74 -4.08
N LYS A 50 0.42 0.12 -5.26
CA LYS A 50 -0.66 -0.67 -5.80
C LYS A 50 -0.90 -1.91 -4.92
N GLU A 51 0.15 -2.64 -4.59
CA GLU A 51 0.03 -3.85 -3.78
C GLU A 51 -0.60 -3.51 -2.45
N ALA A 52 -0.08 -2.46 -1.81
CA ALA A 52 -0.67 -1.88 -0.62
C ALA A 52 -2.16 -1.63 -0.81
N TYR A 53 -2.53 -0.90 -1.86
CA TYR A 53 -3.93 -0.59 -2.13
C TYR A 53 -4.76 -1.88 -2.17
N GLU A 54 -4.25 -2.89 -2.86
CA GLU A 54 -4.89 -4.14 -3.11
C GLU A 54 -5.04 -4.94 -1.81
N VAL A 55 -4.00 -4.98 -0.96
CA VAL A 55 -4.05 -5.66 0.34
C VAL A 55 -4.91 -4.89 1.33
N LEU A 56 -4.87 -3.57 1.29
CA LEU A 56 -5.69 -2.72 2.11
C LEU A 56 -6.93 -2.43 1.28
N THR A 57 -7.48 -1.24 1.45
CA THR A 57 -8.76 -0.71 0.97
C THR A 57 -9.97 -1.44 1.55
N ASP A 58 -9.79 -2.69 1.99
CA ASP A 58 -10.68 -3.46 2.78
C ASP A 58 -9.98 -3.91 4.06
N SER A 59 -10.75 -4.49 4.97
CA SER A 59 -10.27 -5.08 6.20
C SER A 59 -9.88 -6.56 6.00
N GLN A 60 -10.54 -7.23 5.06
CA GLN A 60 -10.49 -8.66 4.90
C GLN A 60 -9.05 -9.09 4.66
N LYS A 61 -8.48 -8.69 3.54
CA LYS A 61 -7.19 -9.21 3.12
C LYS A 61 -6.14 -8.89 4.17
N ARG A 62 -6.22 -7.66 4.70
CA ARG A 62 -5.20 -7.12 5.57
C ARG A 62 -5.20 -7.80 6.94
N ALA A 63 -6.36 -8.01 7.55
CA ALA A 63 -6.47 -8.77 8.78
C ALA A 63 -6.36 -10.25 8.51
N ALA A 64 -6.78 -10.72 7.34
CA ALA A 64 -6.62 -12.10 6.97
C ALA A 64 -5.16 -12.46 7.08
N TYR A 65 -4.23 -11.71 6.46
CA TYR A 65 -2.82 -12.06 6.54
C TYR A 65 -2.44 -12.43 7.97
N ASP A 66 -2.90 -11.63 8.92
CA ASP A 66 -2.68 -11.90 10.33
C ASP A 66 -3.43 -13.15 10.80
N GLN A 67 -4.72 -13.29 10.48
CA GLN A 67 -5.56 -14.39 10.89
C GLN A 67 -5.55 -15.54 9.87
N TYR A 68 -6.25 -15.38 8.74
CA TYR A 68 -6.48 -16.43 7.74
C TYR A 68 -6.09 -15.90 6.33
N GLY A 69 -4.83 -15.51 6.10
CA GLY A 69 -4.32 -14.90 4.87
C GLY A 69 -4.86 -15.47 3.56
N HIS A 70 -5.70 -14.70 2.86
CA HIS A 70 -6.32 -15.07 1.59
C HIS A 70 -7.05 -16.41 1.76
N ALA A 71 -7.90 -16.45 2.78
CA ALA A 71 -8.56 -17.61 3.37
C ALA A 71 -7.62 -18.73 3.80
N ALA A 72 -6.31 -18.54 3.69
CA ALA A 72 -5.24 -19.31 4.32
C ALA A 72 -5.55 -20.79 4.23
N PHE A 73 -5.84 -21.18 3.00
CA PHE A 73 -6.13 -22.52 2.57
C PHE A 73 -7.27 -23.11 3.39
N GLU A 74 -8.40 -22.40 3.37
CA GLU A 74 -9.67 -22.81 3.94
C GLU A 74 -10.74 -22.93 2.84
N GLN A 75 -10.30 -22.99 1.58
CA GLN A 75 -11.17 -23.28 0.47
C GLN A 75 -11.98 -24.53 0.81
N ALA A 1 11.04 -7.64 4.19
CA ALA A 1 10.18 -8.59 4.89
C ALA A 1 8.98 -7.83 5.43
N LYS A 2 7.90 -8.56 5.73
CA LYS A 2 6.55 -8.07 5.92
C LYS A 2 6.08 -7.24 4.73
N GLN A 3 5.06 -7.74 4.04
CA GLN A 3 4.36 -6.96 3.06
C GLN A 3 3.65 -5.84 3.80
N ASP A 4 4.22 -4.65 3.76
CA ASP A 4 3.66 -3.50 4.43
C ASP A 4 2.58 -2.86 3.55
N TYR A 5 1.86 -1.89 4.09
CA TYR A 5 0.80 -1.18 3.43
C TYR A 5 0.48 0.09 4.21
N TYR A 6 0.23 -0.03 5.50
CA TYR A 6 -0.11 1.12 6.33
C TYR A 6 1.05 2.10 6.45
N GLU A 7 2.30 1.61 6.50
CA GLU A 7 3.47 2.45 6.62
C GLU A 7 3.84 2.91 5.21
N ILE A 8 3.60 2.09 4.18
CA ILE A 8 3.75 2.51 2.80
C ILE A 8 2.89 3.75 2.56
N LEU A 9 1.57 3.66 2.82
CA LEU A 9 0.67 4.77 2.61
C LEU A 9 1.02 5.87 3.62
N GLY A 10 1.49 5.48 4.81
CA GLY A 10 1.99 6.40 5.81
C GLY A 10 0.78 7.00 6.49
N VAL A 11 -0.03 6.12 7.07
CA VAL A 11 -1.39 6.42 7.45
C VAL A 11 -1.73 5.58 8.67
N SER A 12 -2.87 5.82 9.28
CA SER A 12 -3.29 5.12 10.48
C SER A 12 -3.34 3.60 10.24
N LYS A 13 -3.18 2.82 11.31
CA LYS A 13 -2.77 1.43 11.32
C LYS A 13 -3.47 0.62 10.24
N THR A 14 -4.78 0.79 10.11
CA THR A 14 -5.56 0.14 9.08
C THR A 14 -6.64 1.11 8.62
N ALA A 15 -6.25 2.36 8.35
CA ALA A 15 -7.15 3.47 8.15
C ALA A 15 -8.26 3.18 7.14
N GLU A 16 -9.42 3.79 7.37
CA GLU A 16 -10.58 3.74 6.51
C GLU A 16 -10.22 4.16 5.08
N GLU A 17 -10.74 3.46 4.08
CA GLU A 17 -10.32 3.55 2.69
C GLU A 17 -10.37 4.96 2.11
N ARG A 18 -11.37 5.77 2.42
CA ARG A 18 -11.44 7.14 1.93
C ARG A 18 -10.23 7.93 2.44
N GLU A 19 -9.75 7.59 3.63
CA GLU A 19 -8.56 8.17 4.24
C GLU A 19 -7.32 7.55 3.61
N ILE A 20 -7.32 6.24 3.34
CA ILE A 20 -6.26 5.66 2.51
C ILE A 20 -6.18 6.43 1.21
N ARG A 21 -7.31 6.80 0.62
CA ARG A 21 -7.32 7.59 -0.61
C ARG A 21 -6.51 8.87 -0.46
N LYS A 22 -6.49 9.48 0.74
CA LYS A 22 -5.68 10.65 1.02
C LYS A 22 -4.21 10.30 0.85
N ALA A 23 -3.73 9.28 1.56
CA ALA A 23 -2.36 8.82 1.40
C ALA A 23 -2.07 8.46 -0.06
N TYR A 24 -2.87 7.57 -0.63
CA TYR A 24 -2.70 7.06 -1.98
C TYR A 24 -2.61 8.20 -2.99
N LYS A 25 -3.60 9.10 -2.98
CA LYS A 25 -3.64 10.20 -3.89
C LYS A 25 -2.43 11.11 -3.64
N ARG A 26 -2.15 11.45 -2.39
CA ARG A 26 -1.02 12.30 -2.03
C ARG A 26 0.29 11.73 -2.58
N LEU A 27 0.50 10.43 -2.36
CA LEU A 27 1.64 9.70 -2.88
C LEU A 27 1.64 9.83 -4.40
N ALA A 28 0.52 9.54 -5.05
CA ALA A 28 0.41 9.64 -6.50
C ALA A 28 0.58 11.09 -6.99
N MET A 29 0.36 12.07 -6.12
CA MET A 29 0.63 13.48 -6.37
C MET A 29 2.14 13.67 -6.40
N LYS A 30 2.81 13.24 -5.34
CA LYS A 30 4.26 13.31 -5.21
C LYS A 30 4.90 12.60 -6.41
N TYR A 31 4.45 11.38 -6.69
CA TYR A 31 4.92 10.48 -7.73
C TYR A 31 4.03 10.68 -8.96
N HIS A 32 3.52 11.88 -9.17
CA HIS A 32 2.95 12.28 -10.46
C HIS A 32 4.00 11.98 -11.54
N PRO A 33 3.61 11.57 -12.77
CA PRO A 33 4.53 11.43 -13.88
C PRO A 33 5.06 12.79 -14.33
N ASP A 34 5.84 13.46 -13.49
CA ASP A 34 6.58 14.64 -13.90
C ASP A 34 7.71 14.11 -14.79
N ARG A 35 7.46 14.13 -16.10
CA ARG A 35 8.28 13.62 -17.21
C ARG A 35 8.51 12.10 -17.16
N ASN A 36 9.01 11.57 -16.05
CA ASN A 36 9.54 10.20 -15.87
C ASN A 36 10.41 9.90 -17.10
N GLN A 37 11.66 10.32 -17.05
CA GLN A 37 12.54 10.32 -18.21
C GLN A 37 13.93 9.94 -17.73
N GLY A 38 14.09 8.68 -17.36
CA GLY A 38 15.25 8.16 -16.66
C GLY A 38 14.77 7.37 -15.45
N ASP A 39 13.91 7.99 -14.65
CA ASP A 39 13.27 7.33 -13.53
C ASP A 39 12.40 6.19 -14.07
N LYS A 40 12.20 5.16 -13.26
CA LYS A 40 11.47 3.94 -13.56
C LYS A 40 11.14 3.27 -12.23
N GLU A 41 12.12 3.26 -11.32
CA GLU A 41 11.95 2.79 -9.96
C GLU A 41 10.83 3.57 -9.23
N ALA A 42 10.47 4.78 -9.67
CA ALA A 42 9.22 5.43 -9.34
C ALA A 42 7.99 4.58 -9.67
N GLU A 43 7.93 4.04 -10.88
CA GLU A 43 6.80 3.20 -11.27
C GLU A 43 6.78 1.96 -10.38
N ALA A 44 7.96 1.37 -10.11
CA ALA A 44 8.05 0.26 -9.20
C ALA A 44 7.52 0.65 -7.82
N LYS A 45 7.91 1.84 -7.37
CA LYS A 45 7.36 2.43 -6.14
C LYS A 45 5.84 2.45 -6.21
N PHE A 46 5.31 2.91 -7.34
CA PHE A 46 3.88 2.94 -7.57
C PHE A 46 3.28 1.54 -7.51
N LYS A 47 4.00 0.51 -7.98
CA LYS A 47 3.52 -0.86 -7.85
C LYS A 47 3.27 -1.19 -6.37
N GLU A 48 4.21 -0.87 -5.49
CA GLU A 48 4.06 -1.14 -4.07
C GLU A 48 2.84 -0.42 -3.51
N ILE A 49 2.71 0.88 -3.79
CA ILE A 49 1.58 1.65 -3.31
C ILE A 49 0.28 1.03 -3.87
N LYS A 50 0.30 0.54 -5.11
CA LYS A 50 -0.80 -0.16 -5.74
C LYS A 50 -1.08 -1.52 -5.08
N GLU A 51 -0.04 -2.18 -4.56
CA GLU A 51 -0.14 -3.46 -3.86
C GLU A 51 -0.86 -3.22 -2.54
N ALA A 52 -0.40 -2.22 -1.79
CA ALA A 52 -1.03 -1.82 -0.54
C ALA A 52 -2.53 -1.59 -0.76
N TYR A 53 -2.87 -0.84 -1.81
CA TYR A 53 -4.27 -0.56 -2.12
C TYR A 53 -5.06 -1.83 -2.50
N GLU A 54 -4.38 -2.87 -2.97
CA GLU A 54 -4.94 -4.17 -3.28
C GLU A 54 -5.21 -4.95 -1.98
N VAL A 55 -4.24 -4.88 -1.07
CA VAL A 55 -4.29 -5.55 0.22
C VAL A 55 -5.34 -4.92 1.13
N LEU A 56 -5.50 -3.59 1.09
CA LEU A 56 -6.57 -2.94 1.77
C LEU A 56 -7.73 -2.96 0.79
N THR A 57 -8.63 -2.01 0.96
CA THR A 57 -10.00 -2.06 0.47
C THR A 57 -10.61 -3.43 0.78
N ASP A 58 -10.28 -3.99 1.95
CA ASP A 58 -10.41 -5.41 2.20
C ASP A 58 -10.20 -5.68 3.68
N SER A 59 -10.76 -6.78 4.17
CA SER A 59 -10.65 -7.22 5.55
C SER A 59 -10.17 -8.66 5.65
N GLN A 60 -9.95 -9.33 4.52
CA GLN A 60 -9.55 -10.72 4.46
C GLN A 60 -8.05 -10.81 4.31
N LYS A 61 -7.51 -10.31 3.19
CA LYS A 61 -6.07 -10.31 3.01
C LYS A 61 -5.48 -9.41 4.11
N ARG A 62 -6.18 -8.32 4.40
CA ARG A 62 -5.97 -7.47 5.57
C ARG A 62 -6.46 -8.19 6.85
N ALA A 63 -6.04 -9.43 7.09
CA ALA A 63 -6.35 -10.19 8.29
C ALA A 63 -5.55 -11.49 8.28
N ALA A 64 -5.62 -12.22 7.17
CA ALA A 64 -4.86 -13.44 6.97
C ALA A 64 -3.39 -13.14 7.23
N TYR A 65 -2.87 -12.11 6.56
CA TYR A 65 -1.55 -11.55 6.80
C TYR A 65 -1.24 -11.46 8.28
N ASP A 66 -2.18 -10.88 9.01
CA ASP A 66 -2.02 -10.54 10.42
C ASP A 66 -1.89 -11.82 11.23
N GLN A 67 -2.76 -12.78 10.94
CA GLN A 67 -2.79 -14.07 11.57
C GLN A 67 -1.48 -14.81 11.29
N TYR A 68 -1.14 -15.01 10.02
CA TYR A 68 -0.06 -15.88 9.57
C TYR A 68 0.24 -15.64 8.09
N GLY A 69 0.54 -14.40 7.72
CA GLY A 69 0.97 -14.09 6.36
C GLY A 69 -0.06 -14.59 5.34
N HIS A 70 0.41 -15.04 4.18
CA HIS A 70 -0.43 -15.64 3.17
C HIS A 70 -0.42 -17.16 3.37
N ALA A 71 -0.51 -17.61 4.61
CA ALA A 71 -0.69 -19.01 4.93
C ALA A 71 -1.44 -19.11 6.27
N ALA A 72 -2.59 -18.44 6.34
CA ALA A 72 -3.34 -18.26 7.57
C ALA A 72 -4.60 -19.11 7.63
N PHE A 73 -4.65 -20.17 6.83
CA PHE A 73 -5.71 -21.16 6.89
C PHE A 73 -5.11 -22.42 6.27
N GLU A 74 -4.61 -22.26 5.05
CA GLU A 74 -3.96 -23.28 4.26
C GLU A 74 -2.55 -23.61 4.76
N GLN A 75 -2.17 -23.23 5.97
CA GLN A 75 -0.87 -23.57 6.52
C GLN A 75 -0.80 -25.10 6.62
N ALA A 1 10.47 -6.55 10.05
CA ALA A 1 9.26 -6.40 9.25
C ALA A 1 8.03 -6.87 10.04
N LYS A 2 7.18 -7.69 9.43
CA LYS A 2 5.78 -8.00 9.67
C LYS A 2 5.12 -7.39 8.42
N GLN A 3 4.00 -7.96 7.96
CA GLN A 3 3.37 -7.65 6.67
C GLN A 3 2.96 -6.19 6.57
N ASP A 4 3.93 -5.35 6.22
CA ASP A 4 3.72 -3.92 6.18
C ASP A 4 3.24 -3.49 4.82
N TYR A 5 2.19 -2.69 4.80
CA TYR A 5 1.69 -2.01 3.63
C TYR A 5 1.15 -0.62 3.98
N TYR A 6 1.29 -0.21 5.24
CA TYR A 6 0.65 0.99 5.77
C TYR A 6 1.72 2.04 6.04
N GLU A 7 2.88 1.61 6.55
CA GLU A 7 4.00 2.49 6.76
C GLU A 7 4.55 2.83 5.36
N ILE A 8 4.27 1.96 4.38
CA ILE A 8 4.55 2.17 2.97
C ILE A 8 3.82 3.40 2.47
N LEU A 9 2.48 3.50 2.57
CA LEU A 9 1.86 4.77 2.21
C LEU A 9 2.31 5.87 3.16
N GLY A 10 2.60 5.53 4.41
CA GLY A 10 3.06 6.47 5.40
C GLY A 10 1.83 7.06 6.05
N VAL A 11 0.97 6.15 6.51
CA VAL A 11 -0.31 6.40 7.11
C VAL A 11 -0.33 5.56 8.38
N SER A 12 -1.33 5.74 9.23
CA SER A 12 -1.35 4.97 10.47
C SER A 12 -1.59 3.48 10.18
N LYS A 13 -1.37 2.68 11.21
CA LYS A 13 -1.20 1.24 11.12
C LYS A 13 -2.40 0.56 10.46
N THR A 14 -3.54 0.68 11.10
CA THR A 14 -4.74 -0.05 10.78
C THR A 14 -5.71 0.85 10.02
N ALA A 15 -5.17 1.87 9.34
CA ALA A 15 -5.92 3.00 8.82
C ALA A 15 -7.18 2.62 8.04
N GLU A 16 -8.24 3.38 8.28
CA GLU A 16 -9.51 3.32 7.61
C GLU A 16 -9.29 3.62 6.11
N GLU A 17 -10.04 2.95 5.22
CA GLU A 17 -9.89 3.12 3.77
C GLU A 17 -10.00 4.59 3.40
N ARG A 18 -10.90 5.35 4.02
CA ARG A 18 -11.04 6.76 3.69
C ARG A 18 -9.67 7.45 3.78
N GLU A 19 -8.88 7.13 4.79
CA GLU A 19 -7.56 7.72 4.94
C GLU A 19 -6.61 7.12 3.91
N ILE A 20 -6.70 5.81 3.64
CA ILE A 20 -5.91 5.18 2.59
C ILE A 20 -6.13 5.92 1.28
N ARG A 21 -7.37 6.31 0.97
CA ARG A 21 -7.73 7.01 -0.25
C ARG A 21 -7.03 8.37 -0.30
N LYS A 22 -6.68 8.97 0.85
CA LYS A 22 -5.85 10.13 0.93
C LYS A 22 -4.41 9.76 0.57
N ALA A 23 -3.83 8.82 1.32
CA ALA A 23 -2.41 8.50 1.17
C ALA A 23 -2.12 8.04 -0.25
N TYR A 24 -2.88 7.07 -0.74
CA TYR A 24 -2.72 6.51 -2.08
C TYR A 24 -2.76 7.64 -3.10
N LYS A 25 -3.79 8.50 -3.05
CA LYS A 25 -3.90 9.63 -3.93
C LYS A 25 -2.64 10.49 -3.86
N ARG A 26 -2.31 10.90 -2.63
CA ARG A 26 -1.24 11.81 -2.36
C ARG A 26 0.06 11.31 -2.98
N LEU A 27 0.40 10.05 -2.71
CA LEU A 27 1.65 9.47 -3.18
C LEU A 27 1.61 9.34 -4.69
N ALA A 28 0.47 8.94 -5.26
CA ALA A 28 0.33 8.80 -6.70
C ALA A 28 0.71 10.10 -7.42
N MET A 29 0.45 11.25 -6.78
CA MET A 29 0.75 12.58 -7.27
C MET A 29 2.15 13.08 -6.85
N LYS A 30 2.88 12.36 -6.00
CA LYS A 30 4.17 12.75 -5.47
C LYS A 30 5.25 12.60 -6.54
N TYR A 31 5.17 11.50 -7.28
CA TYR A 31 6.02 11.16 -8.40
C TYR A 31 5.18 11.23 -9.68
N HIS A 32 4.34 12.26 -9.74
CA HIS A 32 3.28 12.47 -10.73
C HIS A 32 3.70 12.02 -12.13
N PRO A 33 2.85 11.26 -12.85
CA PRO A 33 3.18 10.71 -14.14
C PRO A 33 3.32 11.82 -15.20
N ASP A 34 2.23 12.24 -15.84
CA ASP A 34 2.18 13.28 -16.87
C ASP A 34 3.43 13.33 -17.75
N ARG A 35 3.43 12.52 -18.81
CA ARG A 35 4.57 12.25 -19.66
C ARG A 35 5.81 11.62 -18.99
N ASN A 36 6.03 11.80 -17.69
CA ASN A 36 7.10 11.18 -16.90
C ASN A 36 8.38 11.00 -17.70
N GLN A 37 8.90 12.08 -18.29
CA GLN A 37 9.98 11.94 -19.24
C GLN A 37 11.20 11.33 -18.55
N GLY A 38 11.65 10.17 -19.02
CA GLY A 38 12.72 9.43 -18.38
C GLY A 38 12.20 8.64 -17.18
N ASP A 39 11.49 9.29 -16.26
CA ASP A 39 11.16 8.76 -14.94
C ASP A 39 10.47 7.40 -15.07
N LYS A 40 10.80 6.52 -14.14
CA LYS A 40 10.56 5.09 -14.16
C LYS A 40 10.47 4.60 -12.72
N GLU A 41 11.30 5.13 -11.82
CA GLU A 41 11.25 4.83 -10.43
C GLU A 41 9.81 5.05 -9.93
N ALA A 42 9.15 6.10 -10.40
CA ALA A 42 7.77 6.38 -10.12
C ALA A 42 6.88 5.17 -10.25
N GLU A 43 7.08 4.38 -11.31
CA GLU A 43 6.34 3.16 -11.50
C GLU A 43 6.60 2.22 -10.33
N ALA A 44 7.86 1.86 -10.09
CA ALA A 44 8.22 0.93 -9.04
C ALA A 44 7.77 1.41 -7.67
N LYS A 45 7.78 2.72 -7.46
CA LYS A 45 7.30 3.30 -6.23
C LYS A 45 5.78 3.10 -6.17
N PHE A 46 5.09 3.44 -7.27
CA PHE A 46 3.67 3.20 -7.37
C PHE A 46 3.36 1.73 -7.19
N LYS A 47 4.23 0.80 -7.63
CA LYS A 47 3.94 -0.62 -7.50
C LYS A 47 3.76 -0.95 -6.03
N GLU A 48 4.68 -0.54 -5.18
CA GLU A 48 4.59 -0.82 -3.76
C GLU A 48 3.29 -0.26 -3.16
N ILE A 49 2.93 0.95 -3.58
CA ILE A 49 1.78 1.66 -3.05
C ILE A 49 0.49 1.00 -3.58
N LYS A 50 0.50 0.52 -4.82
CA LYS A 50 -0.61 -0.14 -5.45
C LYS A 50 -0.77 -1.57 -4.94
N GLU A 51 0.35 -2.24 -4.65
CA GLU A 51 0.45 -3.55 -4.02
C GLU A 51 -0.18 -3.42 -2.64
N ALA A 52 0.28 -2.42 -1.87
CA ALA A 52 -0.32 -2.11 -0.59
C ALA A 52 -1.83 -1.97 -0.77
N TYR A 53 -2.26 -1.16 -1.72
CA TYR A 53 -3.69 -1.05 -2.00
C TYR A 53 -4.30 -2.44 -2.27
N GLU A 54 -3.65 -3.25 -3.11
CA GLU A 54 -4.06 -4.58 -3.52
C GLU A 54 -4.17 -5.55 -2.35
N VAL A 55 -3.48 -5.29 -1.24
CA VAL A 55 -3.56 -6.08 -0.03
C VAL A 55 -4.59 -5.50 0.93
N LEU A 56 -4.69 -4.18 1.04
CA LEU A 56 -5.28 -3.53 2.19
C LEU A 56 -6.80 -3.52 2.19
N THR A 57 -7.39 -2.49 1.60
CA THR A 57 -8.83 -2.39 1.49
C THR A 57 -9.27 -3.15 0.24
N ASP A 58 -8.46 -4.10 -0.22
CA ASP A 58 -8.74 -4.90 -1.40
C ASP A 58 -7.99 -6.19 -1.14
N SER A 59 -8.64 -7.35 -1.25
CA SER A 59 -8.17 -8.62 -0.76
C SER A 59 -8.23 -8.65 0.76
N GLN A 60 -9.07 -9.56 1.27
CA GLN A 60 -9.20 -9.82 2.68
C GLN A 60 -7.88 -10.34 3.28
N LYS A 61 -6.87 -10.61 2.46
CA LYS A 61 -5.49 -10.84 2.90
C LYS A 61 -5.07 -9.92 4.05
N ARG A 62 -5.52 -8.66 4.08
CA ARG A 62 -5.28 -7.77 5.20
C ARG A 62 -5.83 -8.36 6.50
N ALA A 63 -7.15 -8.60 6.57
CA ALA A 63 -7.77 -9.09 7.79
C ALA A 63 -7.22 -10.48 8.13
N ALA A 64 -7.03 -11.32 7.11
CA ALA A 64 -6.42 -12.62 7.25
C ALA A 64 -5.06 -12.47 7.94
N TYR A 65 -4.24 -11.52 7.47
CA TYR A 65 -2.96 -11.27 8.11
C TYR A 65 -3.15 -10.85 9.56
N ASP A 66 -4.13 -9.98 9.85
CA ASP A 66 -4.39 -9.56 11.21
C ASP A 66 -4.70 -10.77 12.09
N GLN A 67 -5.52 -11.70 11.58
CA GLN A 67 -6.00 -12.85 12.33
C GLN A 67 -4.91 -13.91 12.50
N TYR A 68 -4.37 -14.43 11.40
CA TYR A 68 -3.44 -15.55 11.38
C TYR A 68 -2.24 -15.27 10.47
N GLY A 69 -1.77 -14.02 10.41
CA GLY A 69 -0.74 -13.66 9.44
C GLY A 69 0.58 -14.39 9.61
N HIS A 70 0.84 -14.85 10.82
CA HIS A 70 2.00 -15.68 11.13
C HIS A 70 1.52 -17.02 11.69
N ALA A 71 0.37 -17.52 11.24
CA ALA A 71 -0.16 -18.82 11.64
C ALA A 71 -1.02 -19.48 10.57
N ALA A 72 -1.13 -18.88 9.38
CA ALA A 72 -2.13 -19.27 8.40
C ALA A 72 -1.78 -20.59 7.71
N PHE A 73 -0.49 -20.93 7.64
CA PHE A 73 -0.06 -22.17 7.01
C PHE A 73 0.94 -22.86 7.93
N GLU A 74 0.42 -23.60 8.91
CA GLU A 74 1.19 -24.32 9.91
C GLU A 74 0.45 -25.63 10.26
N GLN A 75 -0.49 -26.05 9.42
CA GLN A 75 -1.25 -27.27 9.57
C GLN A 75 -0.31 -28.46 9.39
N ALA A 1 12.35 -10.00 4.23
CA ALA A 1 11.61 -9.37 5.32
C ALA A 1 10.17 -9.16 4.88
N LYS A 2 9.22 -9.46 5.76
CA LYS A 2 7.85 -8.98 5.60
C LYS A 2 7.81 -7.52 6.04
N GLN A 3 6.85 -6.75 5.55
CA GLN A 3 6.70 -5.34 5.84
C GLN A 3 5.20 -5.01 5.77
N ASP A 4 4.69 -4.25 6.74
CA ASP A 4 3.33 -3.72 6.71
C ASP A 4 3.27 -2.55 5.73
N TYR A 5 2.08 -2.11 5.33
CA TYR A 5 1.86 -1.26 4.16
C TYR A 5 0.85 -0.16 4.44
N TYR A 6 1.16 0.80 5.31
CA TYR A 6 0.30 1.97 5.49
C TYR A 6 1.13 3.25 5.39
N GLU A 7 2.23 3.38 6.12
CA GLU A 7 3.02 4.59 6.15
C GLU A 7 3.76 4.77 4.82
N ILE A 8 3.98 3.66 4.12
CA ILE A 8 4.36 3.65 2.71
C ILE A 8 3.48 4.63 1.93
N LEU A 9 2.16 4.65 2.16
CA LEU A 9 1.28 5.63 1.56
C LEU A 9 1.19 6.88 2.44
N GLY A 10 1.23 6.75 3.76
CA GLY A 10 1.41 7.87 4.67
C GLY A 10 0.08 8.17 5.35
N VAL A 11 -0.21 7.44 6.42
CA VAL A 11 -1.47 7.43 7.12
C VAL A 11 -1.23 6.75 8.48
N SER A 12 -2.16 6.88 9.43
CA SER A 12 -2.12 6.19 10.71
C SER A 12 -2.12 4.66 10.47
N LYS A 13 -1.74 3.90 11.50
CA LYS A 13 -1.34 2.50 11.34
C LYS A 13 -2.42 1.67 10.66
N THR A 14 -3.55 1.51 11.33
CA THR A 14 -4.59 0.61 10.89
C THR A 14 -5.82 1.47 10.60
N ALA A 15 -5.57 2.62 9.96
CA ALA A 15 -6.57 3.61 9.65
C ALA A 15 -7.72 3.01 8.88
N GLU A 16 -8.88 3.66 8.98
CA GLU A 16 -10.01 3.40 8.12
C GLU A 16 -9.58 3.66 6.67
N GLU A 17 -10.12 2.88 5.74
CA GLU A 17 -9.76 2.91 4.33
C GLU A 17 -9.86 4.32 3.76
N ARG A 18 -10.71 5.19 4.31
CA ARG A 18 -10.90 6.52 3.78
C ARG A 18 -9.54 7.23 3.73
N GLU A 19 -8.88 7.29 4.89
CA GLU A 19 -7.66 8.06 5.04
C GLU A 19 -6.55 7.39 4.23
N ILE A 20 -6.59 6.06 4.22
CA ILE A 20 -5.74 5.24 3.37
C ILE A 20 -5.88 5.69 1.92
N ARG A 21 -7.11 5.92 1.46
CA ARG A 21 -7.37 6.27 0.08
C ARG A 21 -6.83 7.68 -0.18
N LYS A 22 -7.00 8.59 0.78
CA LYS A 22 -6.34 9.89 0.72
C LYS A 22 -4.84 9.72 0.50
N ALA A 23 -4.20 8.93 1.35
CA ALA A 23 -2.75 8.74 1.31
C ALA A 23 -2.32 8.26 -0.06
N TYR A 24 -2.98 7.20 -0.55
CA TYR A 24 -2.72 6.70 -1.90
C TYR A 24 -2.87 7.85 -2.90
N LYS A 25 -3.98 8.57 -2.90
CA LYS A 25 -4.22 9.60 -3.90
C LYS A 25 -3.10 10.65 -3.87
N ARG A 26 -2.71 11.08 -2.67
CA ARG A 26 -1.69 12.10 -2.49
C ARG A 26 -0.36 11.59 -3.04
N LEU A 27 0.04 10.38 -2.66
CA LEU A 27 1.27 9.79 -3.21
C LEU A 27 1.17 9.57 -4.71
N ALA A 28 0.00 9.16 -5.19
CA ALA A 28 -0.23 8.84 -6.57
C ALA A 28 0.05 10.08 -7.43
N MET A 29 -0.44 11.25 -7.02
CA MET A 29 -0.10 12.48 -7.71
C MET A 29 1.39 12.82 -7.51
N LYS A 30 1.94 12.59 -6.32
CA LYS A 30 3.33 12.91 -6.01
C LYS A 30 4.25 12.22 -7.03
N TYR A 31 4.04 10.93 -7.25
CA TYR A 31 4.80 10.07 -8.15
C TYR A 31 3.93 9.75 -9.36
N HIS A 32 3.20 10.75 -9.88
CA HIS A 32 2.41 10.56 -11.08
C HIS A 32 3.25 9.92 -12.19
N PRO A 33 2.97 8.68 -12.62
CA PRO A 33 3.77 7.98 -13.60
C PRO A 33 3.45 8.57 -14.97
N ASP A 34 4.43 9.24 -15.57
CA ASP A 34 4.37 9.78 -16.93
C ASP A 34 5.74 9.54 -17.60
N ARG A 35 6.70 10.46 -17.47
CA ARG A 35 8.02 10.33 -18.07
C ARG A 35 8.91 9.51 -17.12
N ASN A 36 8.38 8.42 -16.56
CA ASN A 36 9.03 7.66 -15.50
C ASN A 36 9.94 6.64 -16.17
N GLN A 37 10.87 7.14 -16.98
CA GLN A 37 11.88 6.36 -17.67
C GLN A 37 13.23 6.63 -17.01
N GLY A 38 14.11 5.64 -16.98
CA GLY A 38 15.44 5.78 -16.43
C GLY A 38 15.41 5.60 -14.91
N ASP A 39 14.46 6.25 -14.23
CA ASP A 39 14.24 6.13 -12.81
C ASP A 39 14.07 4.67 -12.44
N LYS A 40 12.93 4.10 -12.84
CA LYS A 40 12.65 2.69 -12.96
C LYS A 40 12.17 2.13 -11.61
N GLU A 41 12.74 2.62 -10.51
CA GLU A 41 12.32 2.22 -9.19
C GLU A 41 10.92 2.77 -8.90
N ALA A 42 10.63 3.99 -9.35
CA ALA A 42 9.40 4.68 -9.04
C ALA A 42 8.19 3.82 -9.37
N GLU A 43 8.22 3.11 -10.49
CA GLU A 43 7.15 2.19 -10.86
C GLU A 43 6.98 1.16 -9.74
N ALA A 44 8.07 0.53 -9.31
CA ALA A 44 8.05 -0.47 -8.27
C ALA A 44 7.52 0.11 -6.95
N LYS A 45 7.99 1.30 -6.61
CA LYS A 45 7.50 2.04 -5.47
C LYS A 45 5.99 2.17 -5.57
N PHE A 46 5.50 2.58 -6.74
CA PHE A 46 4.09 2.69 -7.02
C PHE A 46 3.40 1.34 -6.77
N LYS A 47 4.02 0.23 -7.16
CA LYS A 47 3.40 -1.08 -6.94
C LYS A 47 3.13 -1.27 -5.46
N GLU A 48 4.09 -0.99 -4.59
CA GLU A 48 3.87 -1.11 -3.16
C GLU A 48 2.71 -0.24 -2.70
N ILE A 49 2.70 1.04 -3.07
CA ILE A 49 1.64 1.97 -2.68
C ILE A 49 0.28 1.42 -3.17
N LYS A 50 0.23 0.87 -4.39
CA LYS A 50 -0.99 0.34 -4.98
C LYS A 50 -1.39 -1.00 -4.36
N GLU A 51 -0.41 -1.82 -4.00
CA GLU A 51 -0.63 -3.11 -3.36
C GLU A 51 -1.29 -2.81 -2.03
N ALA A 52 -0.71 -1.88 -1.28
CA ALA A 52 -1.30 -1.38 -0.05
C ALA A 52 -2.74 -0.93 -0.30
N TYR A 53 -2.96 -0.12 -1.34
CA TYR A 53 -4.30 0.33 -1.67
C TYR A 53 -5.24 -0.84 -1.99
N GLU A 54 -4.77 -1.97 -2.51
CA GLU A 54 -5.59 -3.12 -2.70
C GLU A 54 -5.84 -3.70 -1.31
N VAL A 55 -4.80 -4.21 -0.67
CA VAL A 55 -4.88 -5.08 0.48
C VAL A 55 -5.51 -4.33 1.64
N LEU A 56 -5.02 -3.13 1.97
CA LEU A 56 -5.61 -2.39 3.07
C LEU A 56 -7.02 -1.93 2.80
N THR A 57 -7.54 -2.05 1.57
CA THR A 57 -8.97 -1.88 1.34
C THR A 57 -9.62 -3.18 0.88
N ASP A 58 -9.07 -4.33 1.28
CA ASP A 58 -9.61 -5.64 0.90
C ASP A 58 -9.47 -6.62 2.06
N SER A 59 -10.53 -6.84 2.83
CA SER A 59 -10.59 -7.84 3.89
C SER A 59 -9.92 -9.17 3.52
N GLN A 60 -9.98 -9.60 2.26
CA GLN A 60 -9.48 -10.90 1.87
C GLN A 60 -7.96 -10.93 2.04
N LYS A 61 -7.23 -10.12 1.28
CA LYS A 61 -5.78 -10.06 1.46
C LYS A 61 -5.47 -9.51 2.85
N ARG A 62 -6.20 -8.50 3.30
CA ARG A 62 -5.93 -7.81 4.55
C ARG A 62 -5.84 -8.81 5.69
N ALA A 63 -6.83 -9.71 5.80
CA ALA A 63 -6.86 -10.66 6.89
C ALA A 63 -5.64 -11.58 6.81
N ALA A 64 -5.40 -12.21 5.66
CA ALA A 64 -4.27 -13.11 5.48
C ALA A 64 -2.97 -12.39 5.85
N TYR A 65 -2.82 -11.16 5.38
CA TYR A 65 -1.64 -10.36 5.62
C TYR A 65 -1.56 -9.93 7.08
N ASP A 66 -2.66 -9.60 7.75
CA ASP A 66 -2.62 -9.33 9.17
C ASP A 66 -2.10 -10.59 9.88
N GLN A 67 -2.70 -11.73 9.56
CA GLN A 67 -2.54 -12.98 10.23
C GLN A 67 -1.08 -13.41 10.23
N TYR A 68 -0.43 -13.30 9.07
CA TYR A 68 0.90 -13.85 8.86
C TYR A 68 1.89 -12.89 8.21
N GLY A 69 1.51 -11.64 8.00
CA GLY A 69 2.37 -10.63 7.40
C GLY A 69 2.93 -11.07 6.06
N HIS A 70 2.15 -11.87 5.35
CA HIS A 70 2.54 -12.43 4.06
C HIS A 70 1.30 -12.98 3.35
N ALA A 71 0.82 -14.15 3.78
CA ALA A 71 -0.20 -14.86 3.01
C ALA A 71 -0.92 -15.94 3.80
N ALA A 72 -0.66 -16.11 5.09
CA ALA A 72 -1.33 -17.12 5.93
C ALA A 72 -1.36 -18.47 5.22
N PHE A 73 -0.26 -18.75 4.54
CA PHE A 73 -0.05 -19.85 3.64
C PHE A 73 -1.33 -20.24 2.87
N GLU A 74 -1.87 -19.28 2.13
CA GLU A 74 -3.09 -19.35 1.32
C GLU A 74 -2.90 -20.16 0.03
N GLN A 75 -1.84 -20.97 -0.04
CA GLN A 75 -1.34 -21.76 -1.16
C GLN A 75 -2.16 -21.66 -2.46
N ALA A 1 -2.60 -2.01 12.52
CA ALA A 1 -1.88 -2.20 13.79
C ALA A 1 -0.36 -2.19 13.55
N LYS A 2 0.28 -3.36 13.36
CA LYS A 2 1.68 -3.42 12.97
C LYS A 2 1.83 -2.95 11.51
N GLN A 3 3.02 -2.52 11.11
CA GLN A 3 3.25 -2.14 9.72
C GLN A 3 2.97 -3.33 8.81
N ASP A 4 2.08 -3.15 7.83
CA ASP A 4 1.82 -4.14 6.81
C ASP A 4 1.22 -3.41 5.60
N TYR A 5 2.05 -2.96 4.67
CA TYR A 5 1.67 -2.23 3.46
C TYR A 5 0.88 -0.95 3.78
N TYR A 6 1.15 -0.34 4.94
CA TYR A 6 0.50 0.89 5.38
C TYR A 6 1.49 2.04 5.23
N GLU A 7 2.67 1.96 5.85
CA GLU A 7 3.65 3.03 5.82
C GLU A 7 4.14 3.28 4.40
N ILE A 8 4.07 2.25 3.56
CA ILE A 8 4.26 2.32 2.14
C ILE A 8 3.41 3.45 1.55
N LEU A 9 2.18 3.60 2.03
CA LEU A 9 1.26 4.67 1.72
C LEU A 9 1.32 5.84 2.71
N GLY A 10 1.90 5.62 3.88
CA GLY A 10 2.22 6.67 4.82
C GLY A 10 0.90 7.13 5.43
N VAL A 11 0.34 6.28 6.27
CA VAL A 11 -1.03 6.37 6.70
C VAL A 11 -1.13 5.91 8.14
N SER A 12 -2.23 6.23 8.79
CA SER A 12 -2.42 5.84 10.18
C SER A 12 -2.29 4.33 10.30
N LYS A 13 -1.61 3.84 11.33
CA LYS A 13 -1.48 2.41 11.53
C LYS A 13 -2.82 1.74 11.85
N THR A 14 -3.89 2.51 12.07
CA THR A 14 -5.26 2.02 12.15
C THR A 14 -6.09 2.72 11.06
N ALA A 15 -5.52 2.89 9.87
CA ALA A 15 -6.22 3.49 8.74
C ALA A 15 -7.52 2.75 8.46
N GLU A 16 -8.63 3.47 8.36
CA GLU A 16 -9.79 2.97 7.66
C GLU A 16 -9.38 2.90 6.18
N GLU A 17 -9.98 2.01 5.41
CA GLU A 17 -9.72 1.97 3.98
C GLU A 17 -10.03 3.30 3.32
N ARG A 18 -10.98 4.06 3.85
CA ARG A 18 -11.24 5.41 3.40
C ARG A 18 -9.95 6.22 3.40
N GLU A 19 -9.16 6.07 4.48
CA GLU A 19 -7.92 6.78 4.66
C GLU A 19 -6.85 6.14 3.77
N ILE A 20 -6.83 4.81 3.63
CA ILE A 20 -5.92 4.14 2.68
C ILE A 20 -6.09 4.75 1.29
N ARG A 21 -7.33 4.98 0.89
CA ARG A 21 -7.67 5.62 -0.38
C ARG A 21 -6.92 6.96 -0.47
N LYS A 22 -7.01 7.78 0.58
CA LYS A 22 -6.24 9.00 0.67
C LYS A 22 -4.75 8.71 0.54
N ALA A 23 -4.23 7.73 1.27
CA ALA A 23 -2.82 7.43 1.31
C ALA A 23 -2.28 7.12 -0.09
N TYR A 24 -2.98 6.25 -0.80
CA TYR A 24 -2.70 5.94 -2.19
C TYR A 24 -2.68 7.22 -3.00
N LYS A 25 -3.71 8.07 -2.90
CA LYS A 25 -3.77 9.27 -3.69
C LYS A 25 -2.62 10.22 -3.38
N ARG A 26 -2.37 10.51 -2.10
CA ARG A 26 -1.29 11.42 -1.71
C ARG A 26 0.02 10.91 -2.26
N LEU A 27 0.34 9.62 -2.11
CA LEU A 27 1.54 9.07 -2.72
C LEU A 27 1.54 9.35 -4.22
N ALA A 28 0.47 8.97 -4.91
CA ALA A 28 0.43 9.11 -6.36
C ALA A 28 0.70 10.56 -6.79
N MET A 29 0.30 11.54 -5.98
CA MET A 29 0.62 12.95 -6.16
C MET A 29 2.10 13.24 -5.88
N LYS A 30 2.65 12.60 -4.84
CA LYS A 30 3.94 12.94 -4.27
C LYS A 30 5.06 12.84 -5.29
N TYR A 31 4.90 11.97 -6.28
CA TYR A 31 5.79 11.83 -7.41
C TYR A 31 4.95 11.80 -8.68
N HIS A 32 3.91 12.65 -8.77
CA HIS A 32 3.09 12.68 -9.98
C HIS A 32 4.02 12.87 -11.19
N PRO A 33 3.76 12.21 -12.33
CA PRO A 33 4.65 12.22 -13.46
C PRO A 33 4.67 13.60 -14.13
N ASP A 34 5.32 14.57 -13.49
CA ASP A 34 5.56 15.90 -14.02
C ASP A 34 6.70 15.77 -15.02
N ARG A 35 6.37 15.20 -16.18
CA ARG A 35 7.29 14.69 -17.19
C ARG A 35 8.53 14.05 -16.56
N ASN A 36 8.28 13.20 -15.56
CA ASN A 36 9.28 12.46 -14.79
C ASN A 36 9.75 11.24 -15.60
N GLN A 37 10.21 11.51 -16.82
CA GLN A 37 10.68 10.49 -17.76
C GLN A 37 12.06 9.99 -17.34
N GLY A 38 12.55 8.92 -17.98
CA GLY A 38 13.86 8.34 -17.70
C GLY A 38 13.83 7.47 -16.45
N ASP A 39 13.10 7.93 -15.43
CA ASP A 39 12.84 7.24 -14.18
C ASP A 39 12.26 5.85 -14.43
N LYS A 40 12.35 5.01 -13.41
CA LYS A 40 11.64 3.76 -13.28
C LYS A 40 11.26 3.59 -11.81
N GLU A 41 12.23 3.85 -10.91
CA GLU A 41 12.07 3.66 -9.48
C GLU A 41 10.74 4.23 -9.00
N ALA A 42 10.37 5.44 -9.43
CA ALA A 42 9.14 6.07 -9.04
C ALA A 42 7.94 5.19 -9.38
N GLU A 43 7.93 4.59 -10.57
CA GLU A 43 6.84 3.71 -10.97
C GLU A 43 6.93 2.42 -10.17
N ALA A 44 8.12 1.82 -10.04
CA ALA A 44 8.27 0.59 -9.30
C ALA A 44 7.81 0.77 -7.85
N LYS A 45 8.00 1.97 -7.30
CA LYS A 45 7.48 2.35 -6.00
C LYS A 45 5.95 2.47 -6.10
N PHE A 46 5.44 3.15 -7.14
CA PHE A 46 4.01 3.14 -7.46
C PHE A 46 3.47 1.72 -7.45
N LYS A 47 4.22 0.73 -7.93
CA LYS A 47 3.71 -0.63 -7.99
C LYS A 47 3.41 -1.14 -6.59
N GLU A 48 4.26 -0.86 -5.61
CA GLU A 48 3.98 -1.22 -4.22
C GLU A 48 2.71 -0.53 -3.75
N ILE A 49 2.64 0.78 -3.96
CA ILE A 49 1.58 1.62 -3.43
C ILE A 49 0.25 1.16 -4.06
N LYS A 50 0.28 0.79 -5.33
CA LYS A 50 -0.84 0.23 -6.08
C LYS A 50 -1.21 -1.12 -5.46
N GLU A 51 -0.24 -2.01 -5.28
CA GLU A 51 -0.44 -3.34 -4.75
C GLU A 51 -1.15 -3.26 -3.40
N ALA A 52 -0.61 -2.45 -2.50
CA ALA A 52 -1.20 -2.22 -1.20
C ALA A 52 -2.67 -1.81 -1.34
N TYR A 53 -2.94 -0.78 -2.14
CA TYR A 53 -4.31 -0.32 -2.37
C TYR A 53 -5.19 -1.47 -2.86
N GLU A 54 -4.70 -2.24 -3.83
CA GLU A 54 -5.39 -3.30 -4.49
C GLU A 54 -5.70 -4.43 -3.51
N VAL A 55 -4.76 -4.76 -2.63
CA VAL A 55 -4.95 -5.74 -1.57
C VAL A 55 -5.94 -5.21 -0.54
N LEU A 56 -5.81 -3.96 -0.12
CA LEU A 56 -6.73 -3.34 0.80
C LEU A 56 -7.98 -3.00 -0.03
N THR A 57 -8.59 -1.87 0.26
CA THR A 57 -9.90 -1.47 -0.24
C THR A 57 -10.92 -2.62 -0.29
N ASP A 58 -10.87 -3.58 0.65
CA ASP A 58 -11.83 -4.66 0.80
C ASP A 58 -11.97 -5.00 2.29
N SER A 59 -12.35 -3.97 3.03
CA SER A 59 -12.55 -3.84 4.46
C SER A 59 -11.26 -4.03 5.28
N GLN A 60 -10.51 -5.10 5.01
CA GLN A 60 -9.38 -5.56 5.77
C GLN A 60 -8.28 -6.10 4.84
N LYS A 61 -8.44 -7.33 4.34
CA LYS A 61 -7.51 -8.06 3.47
C LYS A 61 -6.00 -7.85 3.69
N ARG A 62 -5.57 -7.59 4.92
CA ARG A 62 -4.16 -7.30 5.17
C ARG A 62 -3.86 -7.67 6.62
N ALA A 63 -4.64 -7.07 7.52
CA ALA A 63 -4.70 -7.51 8.90
C ALA A 63 -5.16 -8.97 8.99
N ALA A 64 -5.96 -9.45 8.03
CA ALA A 64 -6.35 -10.85 7.97
C ALA A 64 -5.11 -11.74 7.94
N TYR A 65 -4.22 -11.56 6.95
CA TYR A 65 -2.98 -12.33 6.88
C TYR A 65 -2.22 -12.26 8.18
N ASP A 66 -2.04 -11.07 8.75
CA ASP A 66 -1.30 -11.00 10.00
C ASP A 66 -1.95 -11.88 11.06
N GLN A 67 -3.24 -11.63 11.32
CA GLN A 67 -3.95 -12.22 12.43
C GLN A 67 -4.09 -13.73 12.24
N TYR A 68 -4.54 -14.15 11.06
CA TYR A 68 -4.71 -15.57 10.76
C TYR A 68 -3.37 -16.25 10.55
N GLY A 69 -2.38 -15.48 10.11
CA GLY A 69 -1.21 -16.03 9.50
C GLY A 69 -1.56 -16.51 8.08
N HIS A 70 -0.63 -16.32 7.14
CA HIS A 70 -0.70 -16.86 5.78
C HIS A 70 -2.10 -16.74 5.16
N ALA A 71 -2.72 -15.55 5.27
CA ALA A 71 -4.10 -15.24 4.88
C ALA A 71 -5.12 -16.36 5.07
N ALA A 72 -4.93 -17.22 6.07
CA ALA A 72 -5.79 -18.36 6.31
C ALA A 72 -5.88 -19.31 5.10
N PHE A 73 -5.03 -19.11 4.08
CA PHE A 73 -5.15 -19.71 2.73
C PHE A 73 -4.00 -19.29 1.80
N GLU A 74 -3.28 -18.21 2.12
CA GLU A 74 -2.13 -17.71 1.37
C GLU A 74 -0.87 -18.57 1.57
N GLN A 75 -0.97 -19.66 2.35
CA GLN A 75 0.02 -20.71 2.48
C GLN A 75 1.44 -20.17 2.55
N ALA A 1 0.57 -12.90 5.43
CA ALA A 1 0.04 -12.78 4.06
C ALA A 1 0.59 -11.60 3.24
N LYS A 2 1.44 -10.73 3.79
CA LYS A 2 2.11 -9.70 3.00
C LYS A 2 3.28 -9.13 3.81
N GLN A 3 4.27 -8.59 3.10
CA GLN A 3 5.23 -7.64 3.62
C GLN A 3 4.43 -6.41 4.08
N ASP A 4 5.03 -5.54 4.88
CA ASP A 4 4.26 -4.39 5.36
C ASP A 4 3.70 -3.58 4.20
N TYR A 5 2.51 -3.04 4.42
CA TYR A 5 1.77 -2.19 3.51
C TYR A 5 1.56 -0.83 4.16
N TYR A 6 1.37 -0.80 5.48
CA TYR A 6 0.87 0.39 6.14
C TYR A 6 1.87 1.52 6.00
N GLU A 7 3.17 1.25 6.12
CA GLU A 7 4.17 2.28 6.08
C GLU A 7 4.48 2.63 4.63
N ILE A 8 4.38 1.65 3.74
CA ILE A 8 4.49 1.85 2.32
C ILE A 8 3.50 2.92 1.87
N LEU A 9 2.25 2.84 2.36
CA LEU A 9 1.24 3.85 2.09
C LEU A 9 1.48 5.10 2.96
N GLY A 10 1.84 4.92 4.22
CA GLY A 10 2.19 6.01 5.10
C GLY A 10 0.90 6.53 5.68
N VAL A 11 0.38 5.82 6.68
CA VAL A 11 -0.96 6.06 7.20
C VAL A 11 -1.07 5.41 8.56
N SER A 12 -1.94 5.95 9.41
CA SER A 12 -2.21 5.37 10.71
C SER A 12 -2.76 3.96 10.50
N LYS A 13 -2.33 2.99 11.32
CA LYS A 13 -2.63 1.59 11.07
C LYS A 13 -4.11 1.24 11.30
N THR A 14 -4.95 2.22 11.63
CA THR A 14 -6.39 2.06 11.76
C THR A 14 -7.13 2.85 10.69
N ALA A 15 -6.60 2.90 9.46
CA ALA A 15 -7.24 3.48 8.31
C ALA A 15 -7.96 2.40 7.50
N GLU A 16 -9.24 2.64 7.16
CA GLU A 16 -9.94 1.89 6.13
C GLU A 16 -9.54 2.42 4.75
N GLU A 17 -9.94 1.69 3.71
CA GLU A 17 -9.51 1.89 2.33
C GLU A 17 -9.72 3.32 1.84
N ARG A 18 -10.80 3.93 2.31
CA ARG A 18 -11.15 5.30 2.00
C ARG A 18 -10.03 6.26 2.41
N GLU A 19 -9.59 6.18 3.67
CA GLU A 19 -8.54 7.04 4.21
C GLU A 19 -7.18 6.58 3.67
N ILE A 20 -7.04 5.27 3.46
CA ILE A 20 -5.88 4.69 2.81
C ILE A 20 -5.69 5.38 1.46
N ARG A 21 -6.78 5.65 0.75
CA ARG A 21 -6.71 6.30 -0.55
C ARG A 21 -6.16 7.72 -0.43
N LYS A 22 -6.34 8.39 0.71
CA LYS A 22 -5.73 9.68 0.99
C LYS A 22 -4.21 9.53 1.02
N ALA A 23 -3.72 8.52 1.73
CA ALA A 23 -2.31 8.17 1.72
C ALA A 23 -1.84 7.94 0.29
N TYR A 24 -2.59 7.11 -0.44
CA TYR A 24 -2.30 6.82 -1.83
C TYR A 24 -2.19 8.14 -2.63
N LYS A 25 -3.15 9.05 -2.48
CA LYS A 25 -3.17 10.31 -3.20
C LYS A 25 -1.89 11.11 -2.90
N ARG A 26 -1.56 11.24 -1.61
CA ARG A 26 -0.34 11.88 -1.15
C ARG A 26 0.85 11.31 -1.92
N LEU A 27 0.97 10.00 -1.86
CA LEU A 27 2.07 9.27 -2.44
C LEU A 27 2.16 9.50 -3.93
N ALA A 28 1.07 9.29 -4.65
CA ALA A 28 1.05 9.43 -6.08
C ALA A 28 1.55 10.83 -6.43
N MET A 29 1.04 11.84 -5.74
CA MET A 29 1.49 13.22 -5.90
C MET A 29 3.01 13.33 -5.64
N LYS A 30 3.51 12.67 -4.59
CA LYS A 30 4.91 12.67 -4.20
C LYS A 30 5.84 12.24 -5.32
N TYR A 31 5.39 11.31 -6.16
CA TYR A 31 6.06 10.91 -7.37
C TYR A 31 5.20 11.24 -8.59
N HIS A 32 4.61 12.43 -8.61
CA HIS A 32 4.01 12.98 -9.82
C HIS A 32 4.69 14.29 -10.19
N PRO A 33 5.81 14.21 -10.92
CA PRO A 33 6.34 15.35 -11.62
C PRO A 33 5.31 15.95 -12.58
N ASP A 34 5.57 17.17 -13.00
CA ASP A 34 4.77 17.91 -13.96
C ASP A 34 4.86 17.23 -15.32
N ARG A 35 6.05 17.20 -15.90
CA ARG A 35 6.31 16.49 -17.13
C ARG A 35 5.94 15.02 -16.96
N ASN A 36 6.64 14.35 -16.04
CA ASN A 36 6.44 12.97 -15.58
C ASN A 36 5.95 12.11 -16.73
N GLN A 37 6.85 11.75 -17.63
CA GLN A 37 6.53 10.99 -18.82
C GLN A 37 6.42 9.51 -18.45
N GLY A 38 5.46 9.19 -17.57
CA GLY A 38 5.36 7.91 -16.89
C GLY A 38 6.74 7.52 -16.41
N ASP A 39 7.40 8.42 -15.68
CA ASP A 39 8.82 8.24 -15.38
C ASP A 39 9.03 6.98 -14.53
N LYS A 40 10.21 6.38 -14.64
CA LYS A 40 10.41 5.01 -14.18
C LYS A 40 10.12 4.88 -12.69
N GLU A 41 10.84 5.64 -11.86
CA GLU A 41 10.76 5.47 -10.43
C GLU A 41 9.34 5.70 -9.94
N ALA A 42 8.67 6.72 -10.46
CA ALA A 42 7.29 7.00 -10.16
C ALA A 42 6.42 5.78 -10.41
N GLU A 43 6.53 5.19 -11.61
CA GLU A 43 5.72 4.05 -11.98
C GLU A 43 6.02 2.88 -11.04
N ALA A 44 7.30 2.59 -10.79
CA ALA A 44 7.70 1.50 -9.92
C ALA A 44 7.22 1.73 -8.48
N LYS A 45 7.28 2.98 -8.03
CA LYS A 45 6.83 3.34 -6.70
C LYS A 45 5.32 3.05 -6.63
N PHE A 46 4.57 3.50 -7.63
CA PHE A 46 3.17 3.15 -7.74
C PHE A 46 3.01 1.63 -7.71
N LYS A 47 3.94 0.85 -8.26
CA LYS A 47 3.78 -0.60 -8.22
C LYS A 47 3.75 -1.11 -6.79
N GLU A 48 4.71 -0.71 -5.96
CA GLU A 48 4.71 -1.10 -4.55
C GLU A 48 3.38 -0.70 -3.90
N ILE A 49 3.01 0.55 -4.08
CA ILE A 49 1.92 1.14 -3.34
C ILE A 49 0.61 0.50 -3.82
N LYS A 50 0.52 0.16 -5.11
CA LYS A 50 -0.58 -0.63 -5.66
C LYS A 50 -0.63 -1.97 -4.94
N GLU A 51 0.52 -2.63 -4.85
CA GLU A 51 0.67 -3.97 -4.30
C GLU A 51 0.12 -3.97 -2.87
N ALA A 52 0.72 -3.12 -2.04
CA ALA A 52 0.30 -2.87 -0.67
C ALA A 52 -1.21 -2.67 -0.63
N TYR A 53 -1.70 -1.66 -1.35
CA TYR A 53 -3.12 -1.28 -1.34
C TYR A 53 -4.03 -2.44 -1.76
N GLU A 54 -3.61 -3.26 -2.73
CA GLU A 54 -4.46 -4.23 -3.36
C GLU A 54 -4.96 -5.23 -2.31
N VAL A 55 -4.10 -5.58 -1.35
CA VAL A 55 -4.47 -6.49 -0.28
C VAL A 55 -5.57 -5.83 0.54
N LEU A 56 -5.42 -4.56 0.86
CA LEU A 56 -6.26 -3.85 1.82
C LEU A 56 -7.66 -3.68 1.24
N THR A 57 -7.73 -3.53 -0.07
CA THR A 57 -8.98 -3.50 -0.78
C THR A 57 -9.64 -4.87 -0.87
N ASP A 58 -8.90 -5.96 -0.65
CA ASP A 58 -9.48 -7.25 -0.33
C ASP A 58 -9.70 -7.26 1.19
N SER A 59 -10.60 -8.11 1.68
CA SER A 59 -10.93 -8.16 3.10
C SER A 59 -10.34 -9.42 3.74
N GLN A 60 -9.95 -10.41 2.95
CA GLN A 60 -9.55 -11.71 3.42
C GLN A 60 -8.10 -11.63 3.89
N LYS A 61 -7.15 -11.39 2.97
CA LYS A 61 -5.75 -11.29 3.37
C LYS A 61 -5.57 -10.06 4.24
N ARG A 62 -6.35 -9.01 3.96
CA ARG A 62 -6.39 -7.81 4.77
C ARG A 62 -6.69 -8.18 6.22
N ALA A 63 -7.83 -8.83 6.47
CA ALA A 63 -8.20 -9.18 7.82
C ALA A 63 -7.21 -10.16 8.44
N ALA A 64 -6.75 -11.14 7.67
CA ALA A 64 -5.75 -12.08 8.16
C ALA A 64 -4.54 -11.32 8.68
N TYR A 65 -4.03 -10.40 7.89
CA TYR A 65 -2.85 -9.67 8.25
C TYR A 65 -3.14 -8.77 9.45
N ASP A 66 -4.23 -8.01 9.39
CA ASP A 66 -4.59 -7.07 10.43
C ASP A 66 -4.69 -7.82 11.76
N GLN A 67 -5.32 -9.01 11.75
CA GLN A 67 -5.46 -9.81 12.94
C GLN A 67 -4.07 -10.20 13.44
N TYR A 68 -3.35 -11.01 12.65
CA TYR A 68 -2.24 -11.81 13.16
C TYR A 68 -0.95 -11.65 12.37
N GLY A 69 -1.01 -11.31 11.08
CA GLY A 69 0.18 -11.20 10.24
C GLY A 69 0.87 -12.52 9.86
N HIS A 70 0.77 -13.50 10.75
CA HIS A 70 1.47 -14.77 10.77
C HIS A 70 0.47 -15.77 11.32
N ALA A 71 -0.47 -16.14 10.46
CA ALA A 71 -1.28 -17.33 10.52
C ALA A 71 -2.59 -17.12 11.29
N ALA A 72 -3.41 -16.20 10.82
CA ALA A 72 -4.71 -15.93 11.42
C ALA A 72 -5.63 -17.14 11.24
N PHE A 73 -5.92 -17.51 10.00
CA PHE A 73 -6.93 -18.49 9.62
C PHE A 73 -6.34 -19.91 9.66
N GLU A 74 -5.44 -20.19 10.60
CA GLU A 74 -4.57 -21.35 10.62
C GLU A 74 -4.87 -22.25 11.83
N GLN A 75 -6.03 -22.07 12.46
CA GLN A 75 -6.40 -22.73 13.69
C GLN A 75 -6.32 -24.24 13.53
N ALA A 1 11.97 -6.20 4.98
CA ALA A 1 12.40 -6.86 6.22
C ALA A 1 11.20 -7.23 7.08
N LYS A 2 10.20 -6.36 7.15
CA LYS A 2 8.88 -6.66 7.67
C LYS A 2 7.89 -6.13 6.64
N GLN A 3 6.85 -6.88 6.36
CA GLN A 3 5.82 -6.47 5.44
C GLN A 3 5.04 -5.36 6.11
N ASP A 4 5.09 -4.18 5.50
CA ASP A 4 4.59 -2.93 6.08
C ASP A 4 3.94 -2.08 5.00
N TYR A 5 2.86 -2.61 4.44
CA TYR A 5 2.04 -1.94 3.45
C TYR A 5 1.56 -0.58 3.97
N TYR A 6 1.44 -0.43 5.29
CA TYR A 6 1.01 0.82 5.88
C TYR A 6 2.06 1.91 5.63
N GLU A 7 3.31 1.68 6.04
CA GLU A 7 4.33 2.69 5.88
C GLU A 7 4.63 2.92 4.40
N ILE A 8 4.50 1.86 3.60
CA ILE A 8 4.61 1.94 2.17
C ILE A 8 3.71 3.06 1.61
N LEU A 9 2.48 3.21 2.12
CA LEU A 9 1.71 4.38 1.78
C LEU A 9 2.29 5.59 2.51
N GLY A 10 2.56 5.43 3.81
CA GLY A 10 3.16 6.47 4.61
C GLY A 10 2.01 7.29 5.11
N VAL A 11 1.23 6.66 5.97
CA VAL A 11 -0.01 7.13 6.52
C VAL A 11 0.05 6.81 8.01
N SER A 12 -0.85 7.36 8.81
CA SER A 12 -0.64 7.40 10.24
C SER A 12 -0.81 6.00 10.86
N LYS A 13 0.30 5.30 11.11
CA LYS A 13 0.37 3.91 11.49
C LYS A 13 -0.56 3.13 10.59
N THR A 14 -1.71 2.70 11.11
CA THR A 14 -2.50 1.62 10.56
C THR A 14 -3.90 2.15 10.29
N ALA A 15 -3.97 3.41 9.85
CA ALA A 15 -5.20 4.16 9.67
C ALA A 15 -6.22 3.40 8.80
N GLU A 16 -7.49 3.74 8.99
CA GLU A 16 -8.61 3.12 8.33
C GLU A 16 -8.57 3.35 6.81
N GLU A 17 -9.30 2.52 6.06
CA GLU A 17 -9.34 2.55 4.61
C GLU A 17 -9.68 3.95 4.11
N ARG A 18 -10.60 4.62 4.81
CA ARG A 18 -10.99 5.99 4.51
C ARG A 18 -9.78 6.93 4.39
N GLU A 19 -8.77 6.72 5.24
CA GLU A 19 -7.54 7.50 5.24
C GLU A 19 -6.56 6.88 4.25
N ILE A 20 -6.53 5.55 4.10
CA ILE A 20 -5.75 4.89 3.05
C ILE A 20 -6.12 5.47 1.69
N ARG A 21 -7.39 5.80 1.48
CA ARG A 21 -7.86 6.51 0.30
C ARG A 21 -7.07 7.80 0.10
N LYS A 22 -6.99 8.61 1.17
CA LYS A 22 -6.30 9.88 1.17
C LYS A 22 -4.84 9.64 0.83
N ALA A 23 -4.19 8.71 1.52
CA ALA A 23 -2.81 8.39 1.26
C ALA A 23 -2.62 8.03 -0.21
N TYR A 24 -3.38 7.07 -0.73
CA TYR A 24 -3.25 6.65 -2.11
C TYR A 24 -3.36 7.83 -3.07
N LYS A 25 -4.45 8.59 -2.97
CA LYS A 25 -4.71 9.63 -3.92
C LYS A 25 -3.66 10.74 -3.78
N ARG A 26 -3.30 11.11 -2.56
CA ARG A 26 -2.24 12.07 -2.30
C ARG A 26 -0.93 11.57 -2.90
N LEU A 27 -0.58 10.30 -2.65
CA LEU A 27 0.63 9.69 -3.15
C LEU A 27 0.68 9.84 -4.66
N ALA A 28 -0.44 9.57 -5.34
CA ALA A 28 -0.48 9.69 -6.79
C ALA A 28 -0.04 11.11 -7.20
N MET A 29 -0.66 12.16 -6.67
CA MET A 29 -0.26 13.53 -7.02
C MET A 29 1.17 13.84 -6.56
N LYS A 30 1.59 13.31 -5.41
CA LYS A 30 2.93 13.50 -4.86
C LYS A 30 3.96 12.98 -5.88
N TYR A 31 3.75 11.76 -6.34
CA TYR A 31 4.60 11.05 -7.27
C TYR A 31 4.46 11.60 -8.69
N HIS A 32 3.27 12.10 -9.04
CA HIS A 32 2.89 12.59 -10.34
C HIS A 32 3.47 11.70 -11.45
N PRO A 33 2.85 10.53 -11.67
CA PRO A 33 3.26 9.62 -12.72
C PRO A 33 2.84 10.27 -14.06
N ASP A 34 3.70 11.15 -14.56
CA ASP A 34 3.53 11.91 -15.78
C ASP A 34 4.88 11.94 -16.47
N ARG A 35 4.88 11.84 -17.80
CA ARG A 35 6.02 11.81 -18.72
C ARG A 35 7.28 11.26 -18.06
N ASN A 36 7.18 10.09 -17.43
CA ASN A 36 8.25 9.51 -16.62
C ASN A 36 8.55 8.11 -17.16
N GLN A 37 8.50 7.98 -18.48
CA GLN A 37 8.73 6.75 -19.24
C GLN A 37 10.24 6.51 -19.33
N GLY A 38 10.87 6.30 -18.18
CA GLY A 38 12.32 6.20 -18.11
C GLY A 38 12.78 6.03 -16.67
N ASP A 39 12.14 6.74 -15.73
CA ASP A 39 12.36 6.49 -14.33
C ASP A 39 11.84 5.09 -14.01
N LYS A 40 12.70 4.10 -13.81
CA LYS A 40 12.23 2.77 -13.49
C LYS A 40 11.74 2.73 -12.04
N GLU A 41 12.64 3.00 -11.10
CA GLU A 41 12.38 2.70 -9.70
C GLU A 41 11.14 3.43 -9.19
N ALA A 42 10.87 4.67 -9.61
CA ALA A 42 9.67 5.35 -9.20
C ALA A 42 8.41 4.54 -9.54
N GLU A 43 8.36 3.96 -10.74
CA GLU A 43 7.23 3.16 -11.16
C GLU A 43 7.15 1.92 -10.27
N ALA A 44 8.28 1.26 -10.04
CA ALA A 44 8.36 0.15 -9.11
C ALA A 44 7.91 0.58 -7.71
N LYS A 45 8.20 1.81 -7.32
CA LYS A 45 7.85 2.36 -6.02
C LYS A 45 6.33 2.49 -5.95
N PHE A 46 5.72 2.97 -7.03
CA PHE A 46 4.27 2.93 -7.14
C PHE A 46 3.77 1.50 -6.93
N LYS A 47 4.47 0.47 -7.43
CA LYS A 47 3.99 -0.90 -7.24
C LYS A 47 3.87 -1.26 -5.76
N GLU A 48 4.75 -0.71 -4.90
CA GLU A 48 4.55 -0.87 -3.47
C GLU A 48 3.17 -0.34 -3.08
N ILE A 49 2.85 0.89 -3.52
CA ILE A 49 1.59 1.53 -3.22
C ILE A 49 0.44 0.68 -3.78
N LYS A 50 0.57 0.16 -5.00
CA LYS A 50 -0.41 -0.74 -5.59
C LYS A 50 -0.67 -1.90 -4.64
N GLU A 51 0.37 -2.67 -4.33
CA GLU A 51 0.23 -3.92 -3.60
C GLU A 51 -0.42 -3.63 -2.25
N ALA A 52 0.14 -2.65 -1.55
CA ALA A 52 -0.41 -2.18 -0.30
C ALA A 52 -1.89 -1.89 -0.45
N TYR A 53 -2.24 -0.99 -1.36
CA TYR A 53 -3.62 -0.57 -1.52
C TYR A 53 -4.51 -1.75 -1.88
N GLU A 54 -4.06 -2.64 -2.75
CA GLU A 54 -4.79 -3.78 -3.19
C GLU A 54 -5.17 -4.61 -1.95
N VAL A 55 -4.20 -4.88 -1.09
CA VAL A 55 -4.45 -5.62 0.13
C VAL A 55 -5.41 -4.82 1.02
N LEU A 56 -5.06 -3.58 1.36
CA LEU A 56 -5.78 -2.81 2.36
C LEU A 56 -7.23 -2.57 2.00
N THR A 57 -7.54 -2.25 0.74
CA THR A 57 -8.92 -2.06 0.32
C THR A 57 -9.55 -3.38 -0.14
N ASP A 58 -8.96 -4.52 0.19
CA ASP A 58 -9.65 -5.81 0.13
C ASP A 58 -10.35 -6.04 1.48
N SER A 59 -10.93 -7.21 1.72
CA SER A 59 -11.44 -7.58 3.01
C SER A 59 -11.03 -9.01 3.40
N GLN A 60 -10.72 -9.87 2.44
CA GLN A 60 -10.14 -11.18 2.67
C GLN A 60 -8.64 -11.01 2.91
N LYS A 61 -7.89 -10.65 1.87
CA LYS A 61 -6.43 -10.63 1.97
C LYS A 61 -6.04 -9.58 3.02
N ARG A 62 -6.84 -8.52 3.14
CA ARG A 62 -6.64 -7.48 4.14
C ARG A 62 -6.67 -8.09 5.55
N ALA A 63 -7.62 -8.98 5.85
CA ALA A 63 -7.74 -9.55 7.17
C ALA A 63 -6.58 -10.50 7.46
N ALA A 64 -6.23 -11.34 6.48
CA ALA A 64 -5.07 -12.21 6.60
C ALA A 64 -3.83 -11.38 6.92
N TYR A 65 -3.61 -10.33 6.12
CA TYR A 65 -2.45 -9.47 6.25
C TYR A 65 -2.45 -8.74 7.59
N ASP A 66 -3.61 -8.20 7.98
CA ASP A 66 -3.78 -7.50 9.25
C ASP A 66 -3.20 -8.35 10.35
N GLN A 67 -3.59 -9.62 10.35
CA GLN A 67 -3.26 -10.57 11.37
C GLN A 67 -1.75 -10.82 11.28
N TYR A 68 -1.28 -11.35 10.15
CA TYR A 68 0.11 -11.74 9.98
C TYR A 68 0.49 -11.71 8.51
N GLY A 69 0.77 -10.51 8.02
CA GLY A 69 1.32 -10.23 6.70
C GLY A 69 2.52 -11.13 6.44
N HIS A 70 2.38 -12.06 5.50
CA HIS A 70 3.39 -13.01 5.10
C HIS A 70 4.05 -13.65 6.33
N ALA A 71 3.23 -14.18 7.23
CA ALA A 71 3.68 -14.96 8.37
C ALA A 71 2.49 -15.76 8.91
N ALA A 72 1.74 -16.39 7.99
CA ALA A 72 0.48 -17.04 8.28
C ALA A 72 0.38 -18.43 7.68
N PHE A 73 1.23 -18.77 6.70
CA PHE A 73 1.25 -20.08 6.08
C PHE A 73 2.70 -20.51 5.83
N GLU A 74 3.39 -20.77 6.93
CA GLU A 74 4.82 -21.08 7.00
C GLU A 74 5.02 -22.46 7.67
N GLN A 75 3.95 -23.25 7.76
CA GLN A 75 3.85 -24.43 8.58
C GLN A 75 4.28 -25.64 7.76
N ALA A 1 5.11 -8.22 16.52
CA ALA A 1 4.12 -7.82 15.51
C ALA A 1 4.76 -6.82 14.56
N LYS A 2 4.13 -6.57 13.42
CA LYS A 2 4.50 -5.46 12.57
C LYS A 2 3.29 -5.08 11.73
N GLN A 3 3.03 -3.78 11.61
CA GLN A 3 2.20 -3.29 10.54
C GLN A 3 3.10 -3.22 9.31
N ASP A 4 2.59 -3.65 8.16
CA ASP A 4 3.22 -3.43 6.87
C ASP A 4 2.13 -2.99 5.90
N TYR A 5 2.55 -2.45 4.76
CA TYR A 5 1.76 -2.04 3.61
C TYR A 5 1.12 -0.68 3.86
N TYR A 6 0.39 -0.60 4.97
CA TYR A 6 -0.19 0.64 5.44
C TYR A 6 0.93 1.69 5.55
N GLU A 7 2.11 1.32 6.05
CA GLU A 7 3.17 2.26 6.27
C GLU A 7 3.97 2.48 4.98
N ILE A 8 3.96 1.50 4.08
CA ILE A 8 4.53 1.66 2.76
C ILE A 8 3.88 2.90 2.13
N LEU A 9 2.55 2.99 2.19
CA LEU A 9 1.91 4.25 1.81
C LEU A 9 2.34 5.32 2.81
N GLY A 10 2.15 5.06 4.10
CA GLY A 10 2.57 5.97 5.14
C GLY A 10 1.37 6.82 5.46
N VAL A 11 0.60 6.34 6.43
CA VAL A 11 -0.69 6.81 6.87
C VAL A 11 -0.96 6.06 8.17
N SER A 12 -1.99 6.46 8.91
CA SER A 12 -2.24 5.89 10.21
C SER A 12 -2.40 4.36 10.10
N LYS A 13 -1.79 3.64 11.03
CA LYS A 13 -1.45 2.23 10.84
C LYS A 13 -2.69 1.32 10.76
N THR A 14 -3.83 1.82 11.21
CA THR A 14 -5.12 1.15 11.14
C THR A 14 -6.17 2.11 10.58
N ALA A 15 -5.76 3.00 9.68
CA ALA A 15 -6.69 3.96 9.09
C ALA A 15 -7.83 3.25 8.35
N GLU A 16 -9.04 3.82 8.39
CA GLU A 16 -10.16 3.35 7.61
C GLU A 16 -9.82 3.49 6.12
N GLU A 17 -10.24 2.55 5.27
CA GLU A 17 -9.70 2.51 3.92
C GLU A 17 -10.03 3.76 3.08
N ARG A 18 -11.01 4.59 3.46
CA ARG A 18 -11.20 5.88 2.81
C ARG A 18 -9.93 6.72 2.93
N GLU A 19 -9.32 6.71 4.12
CA GLU A 19 -8.11 7.44 4.38
C GLU A 19 -6.96 6.79 3.59
N ILE A 20 -6.95 5.47 3.43
CA ILE A 20 -6.02 4.82 2.52
C ILE A 20 -6.22 5.37 1.11
N ARG A 21 -7.47 5.49 0.67
CA ARG A 21 -7.80 6.05 -0.63
C ARG A 21 -7.17 7.44 -0.76
N LYS A 22 -7.27 8.26 0.29
CA LYS A 22 -6.57 9.52 0.41
C LYS A 22 -5.06 9.33 0.24
N ALA A 23 -4.48 8.41 1.01
CA ALA A 23 -3.05 8.17 1.06
C ALA A 23 -2.53 7.91 -0.35
N TYR A 24 -3.18 6.98 -1.05
CA TYR A 24 -2.90 6.66 -2.44
C TYR A 24 -2.95 7.95 -3.27
N LYS A 25 -3.98 8.76 -3.11
CA LYS A 25 -4.13 10.04 -3.79
C LYS A 25 -2.90 10.94 -3.58
N ARG A 26 -2.52 11.21 -2.34
CA ARG A 26 -1.41 12.12 -2.05
C ARG A 26 -0.09 11.55 -2.58
N LEU A 27 0.06 10.24 -2.46
CA LEU A 27 1.29 9.57 -2.85
C LEU A 27 1.44 9.61 -4.36
N ALA A 28 0.36 9.33 -5.08
CA ALA A 28 0.39 9.12 -6.51
C ALA A 28 1.07 10.30 -7.21
N MET A 29 0.70 11.51 -6.82
CA MET A 29 1.29 12.74 -7.32
C MET A 29 2.75 12.91 -6.87
N LYS A 30 3.11 12.47 -5.66
CA LYS A 30 4.40 12.73 -5.04
C LYS A 30 5.55 12.32 -5.93
N TYR A 31 5.41 11.16 -6.57
CA TYR A 31 6.39 10.63 -7.49
C TYR A 31 5.81 10.49 -8.90
N HIS A 32 4.84 11.34 -9.30
CA HIS A 32 4.09 11.22 -10.56
C HIS A 32 4.91 10.57 -11.68
N PRO A 33 4.73 9.26 -11.93
CA PRO A 33 5.76 8.48 -12.62
C PRO A 33 5.69 8.58 -14.14
N ASP A 34 5.37 9.74 -14.71
CA ASP A 34 5.43 9.87 -16.16
C ASP A 34 6.89 10.01 -16.57
N ARG A 35 7.55 11.12 -16.22
CA ARG A 35 8.94 11.34 -16.64
C ARG A 35 9.88 10.71 -15.62
N ASN A 36 9.60 9.48 -15.19
CA ASN A 36 10.52 8.68 -14.38
C ASN A 36 11.23 7.63 -15.25
N GLN A 37 11.01 7.66 -16.56
CA GLN A 37 11.38 6.59 -17.47
C GLN A 37 12.88 6.34 -17.35
N GLY A 38 13.30 5.32 -16.60
CA GLY A 38 14.69 5.06 -16.27
C GLY A 38 14.87 4.87 -14.77
N ASP A 39 14.39 5.82 -13.97
CA ASP A 39 14.47 5.80 -12.51
C ASP A 39 13.88 4.49 -12.02
N LYS A 40 12.61 4.27 -12.37
CA LYS A 40 11.85 3.05 -12.17
C LYS A 40 11.42 2.91 -10.71
N GLU A 41 12.12 3.55 -9.77
CA GLU A 41 11.63 3.57 -8.41
C GLU A 41 10.25 4.17 -8.41
N ALA A 42 10.03 5.33 -9.02
CA ALA A 42 8.74 5.96 -9.00
C ALA A 42 7.66 5.02 -9.51
N GLU A 43 7.94 4.32 -10.61
CA GLU A 43 7.03 3.35 -11.19
C GLU A 43 6.79 2.21 -10.19
N ALA A 44 7.84 1.57 -9.71
CA ALA A 44 7.74 0.44 -8.84
C ALA A 44 7.09 0.81 -7.51
N LYS A 45 7.31 2.06 -7.09
CA LYS A 45 6.78 2.60 -5.86
C LYS A 45 5.30 2.86 -6.07
N PHE A 46 4.92 3.40 -7.23
CA PHE A 46 3.53 3.42 -7.60
C PHE A 46 2.97 2.00 -7.52
N LYS A 47 3.73 0.97 -7.95
CA LYS A 47 3.18 -0.37 -7.90
C LYS A 47 2.94 -0.79 -6.46
N GLU A 48 3.94 -0.70 -5.59
CA GLU A 48 3.79 -1.23 -4.25
C GLU A 48 2.67 -0.46 -3.55
N ILE A 49 2.59 0.85 -3.75
CA ILE A 49 1.54 1.65 -3.15
C ILE A 49 0.20 1.20 -3.73
N LYS A 50 0.09 1.03 -5.05
CA LYS A 50 -1.18 0.72 -5.67
C LYS A 50 -1.64 -0.67 -5.29
N GLU A 51 -0.75 -1.67 -5.30
CA GLU A 51 -1.08 -3.04 -4.96
C GLU A 51 -1.45 -3.09 -3.48
N ALA A 52 -0.65 -2.44 -2.64
CA ALA A 52 -0.98 -2.34 -1.22
C ALA A 52 -2.39 -1.75 -1.07
N TYR A 53 -2.67 -0.63 -1.74
CA TYR A 53 -3.98 -0.01 -1.78
C TYR A 53 -5.04 -1.02 -2.24
N GLU A 54 -4.78 -1.78 -3.30
CA GLU A 54 -5.69 -2.76 -3.85
C GLU A 54 -6.03 -3.80 -2.78
N VAL A 55 -5.02 -4.27 -2.08
CA VAL A 55 -5.13 -5.30 -1.07
C VAL A 55 -6.00 -4.75 0.06
N LEU A 56 -5.75 -3.52 0.51
CA LEU A 56 -6.50 -2.90 1.59
C LEU A 56 -7.87 -2.41 1.19
N THR A 57 -8.70 -3.27 0.61
CA THR A 57 -10.09 -2.94 0.35
C THR A 57 -10.99 -4.13 0.62
N ASP A 58 -10.46 -5.33 0.86
CA ASP A 58 -11.32 -6.51 0.83
C ASP A 58 -11.93 -6.81 2.21
N SER A 59 -12.40 -5.76 2.87
CA SER A 59 -12.69 -5.70 4.30
C SER A 59 -11.46 -6.01 5.17
N GLN A 60 -10.64 -7.01 4.84
CA GLN A 60 -9.49 -7.37 5.63
C GLN A 60 -8.26 -7.23 4.74
N LYS A 61 -7.91 -8.29 3.98
CA LYS A 61 -6.76 -8.34 3.08
C LYS A 61 -5.60 -7.51 3.62
N ARG A 62 -4.98 -7.98 4.69
CA ARG A 62 -3.87 -7.39 5.45
C ARG A 62 -3.90 -8.01 6.83
N ALA A 63 -5.06 -7.92 7.50
CA ALA A 63 -5.20 -8.49 8.82
C ALA A 63 -5.15 -10.02 8.77
N ALA A 64 -5.44 -10.64 7.62
CA ALA A 64 -5.11 -12.04 7.46
C ALA A 64 -3.60 -12.21 7.46
N TYR A 65 -2.84 -11.41 6.72
CA TYR A 65 -1.39 -11.51 6.73
C TYR A 65 -0.83 -11.64 8.15
N ASP A 66 -1.39 -10.88 9.09
CA ASP A 66 -1.21 -11.19 10.51
C ASP A 66 -1.76 -12.58 10.83
N GLN A 67 -3.09 -12.76 10.79
CA GLN A 67 -3.72 -13.93 11.35
C GLN A 67 -3.73 -15.09 10.33
N TYR A 68 -4.61 -15.05 9.31
CA TYR A 68 -4.91 -16.17 8.42
C TYR A 68 -4.47 -15.94 6.96
N GLY A 69 -3.34 -15.27 6.73
CA GLY A 69 -2.66 -15.04 5.45
C GLY A 69 -3.55 -15.13 4.22
N HIS A 70 -3.47 -16.25 3.52
CA HIS A 70 -4.40 -16.68 2.48
C HIS A 70 -4.82 -18.10 2.85
N ALA A 71 -5.60 -18.17 3.92
CA ALA A 71 -6.06 -19.34 4.63
C ALA A 71 -4.92 -19.97 5.42
N ALA A 72 -4.12 -19.12 6.05
CA ALA A 72 -2.98 -19.51 6.87
C ALA A 72 -3.41 -20.39 8.03
N PHE A 73 -4.60 -20.15 8.57
CA PHE A 73 -5.16 -20.97 9.63
C PHE A 73 -5.76 -22.30 9.13
N GLU A 74 -5.66 -22.57 7.82
CA GLU A 74 -6.32 -23.68 7.15
C GLU A 74 -5.29 -24.56 6.43
N GLN A 75 -4.01 -24.41 6.78
CA GLN A 75 -2.94 -25.27 6.33
C GLN A 75 -3.31 -26.71 6.68
N ALA A 1 8.13 -4.14 14.63
CA ALA A 1 8.80 -3.06 13.90
C ALA A 1 7.77 -2.27 13.10
N LYS A 2 8.15 -1.70 11.95
CA LYS A 2 7.29 -0.79 11.20
C LYS A 2 5.98 -1.46 10.77
N GLN A 3 4.89 -0.71 10.75
CA GLN A 3 3.61 -1.23 10.26
C GLN A 3 3.75 -1.50 8.76
N ASP A 4 3.03 -2.46 8.22
CA ASP A 4 3.12 -2.78 6.80
C ASP A 4 1.85 -2.42 6.06
N TYR A 5 1.99 -2.10 4.77
CA TYR A 5 1.01 -1.56 3.82
C TYR A 5 0.76 -0.10 4.15
N TYR A 6 0.41 0.16 5.40
CA TYR A 6 0.13 1.50 5.89
C TYR A 6 1.34 2.40 5.66
N GLU A 7 2.53 1.90 5.95
CA GLU A 7 3.74 2.69 5.90
C GLU A 7 4.33 2.76 4.50
N ILE A 8 4.02 1.75 3.69
CA ILE A 8 4.38 1.73 2.29
C ILE A 8 3.99 3.07 1.66
N LEU A 9 2.78 3.57 1.96
CA LEU A 9 2.43 4.95 1.71
C LEU A 9 3.16 5.83 2.73
N GLY A 10 2.87 5.60 4.02
CA GLY A 10 3.35 6.41 5.13
C GLY A 10 2.15 7.10 5.77
N VAL A 11 1.08 6.35 6.03
CA VAL A 11 -0.16 6.82 6.63
C VAL A 11 -0.27 6.22 8.03
N SER A 12 -1.32 6.61 8.76
CA SER A 12 -1.60 6.23 10.12
C SER A 12 -1.57 4.70 10.18
N LYS A 13 -0.96 4.13 11.23
CA LYS A 13 -1.09 2.72 11.46
C LYS A 13 -2.58 2.44 11.62
N THR A 14 -3.00 1.35 11.03
CA THR A 14 -4.36 0.85 11.09
C THR A 14 -5.36 1.89 10.58
N ALA A 15 -4.94 2.76 9.66
CA ALA A 15 -5.81 3.79 9.11
C ALA A 15 -7.01 3.16 8.43
N GLU A 16 -8.10 3.91 8.37
CA GLU A 16 -9.29 3.50 7.66
C GLU A 16 -9.02 3.54 6.17
N GLU A 17 -9.63 2.64 5.41
CA GLU A 17 -9.47 2.57 3.97
C GLU A 17 -9.83 3.91 3.29
N ARG A 18 -10.74 4.72 3.84
CA ARG A 18 -11.00 6.06 3.34
C ARG A 18 -9.72 6.89 3.38
N GLU A 19 -8.97 6.76 4.47
CA GLU A 19 -7.75 7.50 4.68
C GLU A 19 -6.67 6.93 3.77
N ILE A 20 -6.66 5.62 3.55
CA ILE A 20 -5.81 5.05 2.51
C ILE A 20 -6.10 5.74 1.18
N ARG A 21 -7.37 5.97 0.86
CA ARG A 21 -7.72 6.72 -0.34
C ARG A 21 -7.00 8.08 -0.35
N LYS A 22 -7.07 8.85 0.75
CA LYS A 22 -6.35 10.13 0.87
C LYS A 22 -4.87 9.93 0.55
N ALA A 23 -4.22 9.05 1.30
CA ALA A 23 -2.79 8.82 1.19
C ALA A 23 -2.44 8.45 -0.24
N TYR A 24 -3.16 7.53 -0.86
CA TYR A 24 -2.93 7.07 -2.21
C TYR A 24 -2.87 8.26 -3.17
N LYS A 25 -3.83 9.18 -3.06
CA LYS A 25 -3.85 10.41 -3.82
C LYS A 25 -2.58 11.23 -3.54
N ARG A 26 -2.30 11.52 -2.27
CA ARG A 26 -1.13 12.32 -1.88
C ARG A 26 0.14 11.74 -2.49
N LEU A 27 0.38 10.45 -2.26
CA LEU A 27 1.52 9.74 -2.78
C LEU A 27 1.58 9.90 -4.30
N ALA A 28 0.45 9.70 -4.99
CA ALA A 28 0.45 9.79 -6.45
C ALA A 28 1.03 11.12 -6.88
N MET A 29 0.50 12.20 -6.29
CA MET A 29 0.92 13.56 -6.56
C MET A 29 2.34 13.85 -6.04
N LYS A 30 2.90 12.97 -5.20
CA LYS A 30 4.23 13.11 -4.66
C LYS A 30 5.26 12.62 -5.68
N TYR A 31 5.13 11.37 -6.14
CA TYR A 31 6.01 10.82 -7.16
C TYR A 31 5.40 11.06 -8.55
N HIS A 32 4.66 12.15 -8.70
CA HIS A 32 4.02 12.45 -9.97
C HIS A 32 5.09 12.53 -11.07
N PRO A 33 4.92 11.78 -12.17
CA PRO A 33 5.97 11.60 -13.16
C PRO A 33 5.99 12.81 -14.09
N ASP A 34 7.13 13.50 -14.19
CA ASP A 34 7.35 14.58 -15.13
C ASP A 34 7.83 13.99 -16.46
N ARG A 35 8.85 14.55 -17.11
CA ARG A 35 9.44 13.97 -18.31
C ARG A 35 10.32 12.76 -17.95
N ASN A 36 9.87 11.88 -17.05
CA ASN A 36 10.68 10.80 -16.50
C ASN A 36 10.56 9.58 -17.39
N GLN A 37 10.97 9.76 -18.64
CA GLN A 37 11.08 8.71 -19.63
C GLN A 37 12.00 7.62 -19.06
N GLY A 38 11.67 6.35 -19.29
CA GLY A 38 12.55 5.27 -18.93
C GLY A 38 12.60 5.00 -17.43
N ASP A 39 11.61 5.49 -16.66
CA ASP A 39 11.49 5.14 -15.26
C ASP A 39 11.23 3.63 -15.12
N LYS A 40 11.17 3.17 -13.88
CA LYS A 40 11.12 1.77 -13.49
C LYS A 40 10.75 1.77 -12.02
N GLU A 41 11.60 2.39 -11.21
CA GLU A 41 11.42 2.44 -9.78
C GLU A 41 10.17 3.24 -9.44
N ALA A 42 9.93 4.41 -10.02
CA ALA A 42 8.69 5.12 -9.77
C ALA A 42 7.48 4.25 -10.11
N GLU A 43 7.58 3.47 -11.18
CA GLU A 43 6.51 2.58 -11.59
C GLU A 43 6.28 1.56 -10.47
N ALA A 44 7.31 0.84 -10.05
CA ALA A 44 7.19 -0.13 -8.99
C ALA A 44 6.74 0.52 -7.69
N LYS A 45 7.13 1.77 -7.46
CA LYS A 45 6.71 2.55 -6.31
C LYS A 45 5.20 2.77 -6.39
N PHE A 46 4.67 3.13 -7.57
CA PHE A 46 3.23 3.11 -7.78
C PHE A 46 2.70 1.72 -7.44
N LYS A 47 3.38 0.66 -7.86
CA LYS A 47 2.87 -0.68 -7.65
C LYS A 47 2.79 -0.99 -6.17
N GLU A 48 3.79 -0.66 -5.36
CA GLU A 48 3.78 -0.99 -3.95
C GLU A 48 2.71 -0.16 -3.25
N ILE A 49 2.63 1.15 -3.57
CA ILE A 49 1.64 2.03 -2.98
C ILE A 49 0.24 1.51 -3.34
N LYS A 50 0.04 1.08 -4.59
CA LYS A 50 -1.22 0.50 -4.99
C LYS A 50 -1.41 -0.85 -4.28
N GLU A 51 -0.36 -1.66 -4.18
CA GLU A 51 -0.41 -2.98 -3.57
C GLU A 51 -0.98 -2.78 -2.19
N ALA A 52 -0.40 -1.89 -1.38
CA ALA A 52 -0.92 -1.57 -0.07
C ALA A 52 -2.43 -1.31 -0.10
N TYR A 53 -2.94 -0.48 -1.00
CA TYR A 53 -4.38 -0.23 -1.09
C TYR A 53 -5.16 -1.50 -1.46
N GLU A 54 -4.73 -2.21 -2.50
CA GLU A 54 -5.39 -3.32 -3.13
C GLU A 54 -5.44 -4.46 -2.09
N VAL A 55 -4.36 -4.60 -1.33
CA VAL A 55 -4.18 -5.51 -0.21
C VAL A 55 -5.18 -5.10 0.86
N LEU A 56 -5.06 -3.86 1.35
CA LEU A 56 -5.82 -3.38 2.47
C LEU A 56 -7.31 -3.50 2.20
N THR A 57 -7.74 -3.40 0.95
CA THR A 57 -9.13 -3.63 0.58
C THR A 57 -9.47 -5.14 0.50
N ASP A 58 -8.91 -5.90 1.44
CA ASP A 58 -9.33 -7.20 1.90
C ASP A 58 -9.56 -8.23 0.80
N SER A 59 -8.46 -8.64 0.16
CA SER A 59 -8.40 -9.83 -0.65
C SER A 59 -7.69 -10.91 0.17
N GLN A 60 -6.37 -10.78 0.31
CA GLN A 60 -5.50 -11.74 0.94
C GLN A 60 -4.76 -11.08 2.08
N LYS A 61 -3.80 -10.23 1.75
CA LYS A 61 -2.78 -9.77 2.67
C LYS A 61 -3.40 -9.07 3.89
N ARG A 62 -4.50 -8.33 3.69
CA ARG A 62 -5.15 -7.66 4.83
C ARG A 62 -5.71 -8.72 5.76
N ALA A 63 -6.47 -9.68 5.24
CA ALA A 63 -6.99 -10.76 6.08
C ALA A 63 -5.86 -11.45 6.82
N ALA A 64 -4.76 -11.79 6.12
CA ALA A 64 -3.62 -12.42 6.76
C ALA A 64 -3.10 -11.57 7.92
N TYR A 65 -3.02 -10.25 7.72
CA TYR A 65 -2.55 -9.32 8.73
C TYR A 65 -3.55 -9.25 9.89
N ASP A 66 -4.84 -9.18 9.57
CA ASP A 66 -5.90 -9.03 10.54
C ASP A 66 -5.94 -10.24 11.45
N GLN A 67 -5.82 -11.41 10.83
CA GLN A 67 -5.92 -12.71 11.44
C GLN A 67 -4.78 -12.87 12.44
N TYR A 68 -3.54 -12.72 11.98
CA TYR A 68 -2.39 -12.89 12.87
C TYR A 68 -1.11 -12.26 12.31
N GLY A 69 -1.22 -10.97 11.97
CA GLY A 69 -0.13 -10.03 11.77
C GLY A 69 1.24 -10.65 11.51
N HIS A 70 1.46 -10.95 10.25
CA HIS A 70 2.74 -11.34 9.69
C HIS A 70 3.34 -12.52 10.45
N ALA A 71 2.52 -13.56 10.62
CA ALA A 71 2.91 -14.92 11.00
C ALA A 71 1.74 -15.86 10.71
N ALA A 72 0.97 -15.56 9.67
CA ALA A 72 -0.33 -16.13 9.40
C ALA A 72 -0.32 -16.89 8.08
N PHE A 73 0.02 -16.20 7.00
CA PHE A 73 -0.13 -16.66 5.63
C PHE A 73 0.96 -15.99 4.78
N GLU A 74 2.17 -15.86 5.34
CA GLU A 74 3.33 -15.23 4.68
C GLU A 74 3.96 -16.12 3.61
N GLN A 75 3.25 -17.17 3.16
CA GLN A 75 3.71 -18.17 2.21
C GLN A 75 5.08 -18.68 2.67
N ALA A 1 3.88 -10.59 -2.02
CA ALA A 1 3.95 -10.37 -0.58
C ALA A 1 4.93 -9.23 -0.27
N LYS A 2 4.59 -8.37 0.68
CA LYS A 2 5.51 -7.41 1.29
C LYS A 2 4.89 -7.01 2.63
N GLN A 3 5.75 -6.70 3.59
CA GLN A 3 5.35 -6.43 4.95
C GLN A 3 4.92 -4.97 5.08
N ASP A 4 4.12 -4.70 6.11
CA ASP A 4 3.71 -3.40 6.64
C ASP A 4 3.43 -2.33 5.59
N TYR A 5 2.50 -2.68 4.71
CA TYR A 5 1.99 -1.82 3.67
C TYR A 5 1.48 -0.50 4.22
N TYR A 6 0.97 -0.50 5.46
CA TYR A 6 0.50 0.68 6.13
C TYR A 6 1.60 1.74 6.15
N GLU A 7 2.84 1.33 6.46
CA GLU A 7 3.95 2.22 6.57
C GLU A 7 4.35 2.64 5.16
N ILE A 8 4.32 1.69 4.24
CA ILE A 8 4.64 1.94 2.84
C ILE A 8 3.77 3.07 2.30
N LEU A 9 2.45 3.07 2.57
CA LEU A 9 1.63 4.21 2.21
C LEU A 9 2.01 5.42 3.08
N GLY A 10 2.22 5.19 4.37
CA GLY A 10 2.62 6.21 5.32
C GLY A 10 1.34 6.78 5.88
N VAL A 11 0.63 5.93 6.60
CA VAL A 11 -0.71 6.21 7.08
C VAL A 11 -0.93 5.36 8.33
N SER A 12 -2.00 5.64 9.06
CA SER A 12 -2.31 5.00 10.30
C SER A 12 -2.56 3.51 10.05
N LYS A 13 -2.09 2.64 10.93
CA LYS A 13 -2.31 1.21 10.81
C LYS A 13 -3.79 0.85 10.97
N THR A 14 -4.53 1.68 11.70
CA THR A 14 -5.98 1.56 11.82
C THR A 14 -6.74 2.25 10.69
N ALA A 15 -6.04 2.81 9.70
CA ALA A 15 -6.66 3.61 8.65
C ALA A 15 -7.67 2.79 7.87
N GLU A 16 -8.95 3.15 7.93
CA GLU A 16 -9.97 2.59 7.09
C GLU A 16 -9.55 2.74 5.63
N GLU A 17 -10.09 1.93 4.74
CA GLU A 17 -9.83 2.11 3.31
C GLU A 17 -10.16 3.55 2.90
N ARG A 18 -11.19 4.14 3.51
CA ARG A 18 -11.57 5.54 3.28
C ARG A 18 -10.39 6.50 3.49
N GLU A 19 -9.51 6.18 4.45
CA GLU A 19 -8.31 6.95 4.75
C GLU A 19 -7.18 6.51 3.80
N ILE A 20 -7.07 5.22 3.51
CA ILE A 20 -6.15 4.71 2.48
C ILE A 20 -6.37 5.43 1.14
N ARG A 21 -7.62 5.79 0.85
CA ARG A 21 -8.01 6.58 -0.31
C ARG A 21 -7.17 7.87 -0.32
N LYS A 22 -7.11 8.53 0.83
CA LYS A 22 -6.37 9.75 1.05
C LYS A 22 -4.90 9.50 0.82
N ALA A 23 -4.36 8.46 1.47
CA ALA A 23 -2.95 8.12 1.36
C ALA A 23 -2.56 7.98 -0.11
N TYR A 24 -3.31 7.17 -0.84
CA TYR A 24 -3.11 6.97 -2.26
C TYR A 24 -3.10 8.30 -3.00
N LYS A 25 -4.09 9.16 -2.72
CA LYS A 25 -4.18 10.45 -3.37
C LYS A 25 -2.94 11.32 -3.08
N ARG A 26 -2.58 11.51 -1.82
CA ARG A 26 -1.41 12.32 -1.47
C ARG A 26 -0.17 11.75 -2.17
N LEU A 27 -0.03 10.42 -2.20
CA LEU A 27 1.13 9.75 -2.74
C LEU A 27 1.20 10.05 -4.24
N ALA A 28 0.07 9.88 -4.93
CA ALA A 28 -0.01 10.13 -6.36
C ALA A 28 0.48 11.56 -6.67
N MET A 29 -0.06 12.56 -5.98
CA MET A 29 0.36 13.94 -6.20
C MET A 29 1.79 14.19 -5.70
N LYS A 30 2.25 13.45 -4.68
CA LYS A 30 3.65 13.47 -4.28
C LYS A 30 4.50 13.10 -5.49
N TYR A 31 4.08 12.11 -6.26
CA TYR A 31 4.91 11.63 -7.35
C TYR A 31 4.86 12.68 -8.43
N HIS A 32 3.67 12.96 -8.96
CA HIS A 32 3.41 13.85 -10.08
C HIS A 32 4.42 13.60 -11.22
N PRO A 33 4.06 12.89 -12.30
CA PRO A 33 5.00 12.49 -13.34
C PRO A 33 5.52 13.70 -14.13
N ASP A 34 6.49 14.43 -13.57
CA ASP A 34 7.23 15.48 -14.25
C ASP A 34 8.36 14.81 -15.04
N ARG A 35 8.04 14.44 -16.28
CA ARG A 35 8.95 13.94 -17.31
C ARG A 35 10.05 13.00 -16.79
N ASN A 36 9.69 12.07 -15.90
CA ASN A 36 10.63 11.06 -15.43
C ASN A 36 10.61 9.86 -16.37
N GLN A 37 10.86 10.11 -17.65
CA GLN A 37 10.97 9.09 -18.67
C GLN A 37 12.42 8.69 -18.73
N GLY A 38 12.76 7.65 -18.00
CA GLY A 38 14.11 7.14 -17.92
C GLY A 38 14.14 6.01 -16.92
N ASP A 39 13.79 6.31 -15.67
CA ASP A 39 13.92 5.36 -14.58
C ASP A 39 12.96 4.19 -14.75
N LYS A 40 13.18 3.11 -13.99
CA LYS A 40 12.30 1.96 -13.83
C LYS A 40 11.86 1.81 -12.37
N GLU A 41 12.55 2.45 -11.40
CA GLU A 41 12.20 2.26 -10.01
C GLU A 41 10.88 2.93 -9.69
N ALA A 42 10.71 4.19 -10.11
CA ALA A 42 9.54 4.97 -9.77
C ALA A 42 8.25 4.23 -10.13
N GLU A 43 8.23 3.59 -11.30
CA GLU A 43 7.08 2.80 -11.70
C GLU A 43 6.85 1.67 -10.71
N ALA A 44 7.89 0.90 -10.40
CA ALA A 44 7.81 -0.17 -9.42
C ALA A 44 7.36 0.38 -8.06
N LYS A 45 7.77 1.59 -7.73
CA LYS A 45 7.37 2.24 -6.51
C LYS A 45 5.89 2.63 -6.59
N PHE A 46 5.40 2.98 -7.78
CA PHE A 46 3.97 3.12 -7.94
C PHE A 46 3.31 1.74 -7.81
N LYS A 47 4.00 0.66 -8.17
CA LYS A 47 3.47 -0.68 -8.00
C LYS A 47 3.30 -1.00 -6.53
N GLU A 48 4.28 -0.70 -5.67
CA GLU A 48 4.12 -1.00 -4.26
C GLU A 48 2.91 -0.25 -3.73
N ILE A 49 2.78 1.05 -4.01
CA ILE A 49 1.64 1.81 -3.55
C ILE A 49 0.35 1.20 -4.09
N LYS A 50 0.28 0.86 -5.38
CA LYS A 50 -0.94 0.34 -5.98
C LYS A 50 -1.33 -1.00 -5.36
N GLU A 51 -0.39 -1.92 -5.27
CA GLU A 51 -0.64 -3.25 -4.75
C GLU A 51 -1.04 -3.13 -3.28
N ALA A 52 -0.27 -2.37 -2.51
CA ALA A 52 -0.61 -2.02 -1.13
C ALA A 52 -2.03 -1.45 -1.05
N TYR A 53 -2.34 -0.49 -1.92
CA TYR A 53 -3.62 0.17 -1.99
C TYR A 53 -4.74 -0.84 -2.24
N GLU A 54 -4.49 -1.92 -2.96
CA GLU A 54 -5.43 -2.97 -3.22
C GLU A 54 -5.50 -3.91 -2.01
N VAL A 55 -4.38 -4.16 -1.35
CA VAL A 55 -4.31 -5.04 -0.20
C VAL A 55 -5.16 -4.46 0.93
N LEU A 56 -4.95 -3.17 1.22
CA LEU A 56 -5.45 -2.51 2.40
C LEU A 56 -6.93 -2.12 2.30
N THR A 57 -7.78 -3.01 1.77
CA THR A 57 -9.15 -2.65 1.43
C THR A 57 -10.13 -3.67 1.98
N ASP A 58 -9.82 -4.20 3.18
CA ASP A 58 -10.70 -5.03 3.98
C ASP A 58 -11.20 -6.21 3.16
N SER A 59 -10.40 -7.27 3.07
CA SER A 59 -10.85 -8.49 2.44
C SER A 59 -10.18 -9.62 3.22
N GLN A 60 -9.18 -10.27 2.64
CA GLN A 60 -8.28 -11.18 3.31
C GLN A 60 -6.87 -10.60 3.21
N LYS A 61 -6.55 -9.99 2.06
CA LYS A 61 -5.31 -9.24 1.89
C LYS A 61 -5.07 -8.33 3.10
N ARG A 62 -6.13 -7.68 3.58
CA ARG A 62 -6.16 -6.92 4.83
C ARG A 62 -7.01 -7.71 5.80
N ALA A 63 -6.39 -8.71 6.42
CA ALA A 63 -6.84 -9.44 7.58
C ALA A 63 -5.94 -10.63 7.85
N ALA A 64 -5.38 -11.25 6.81
CA ALA A 64 -4.52 -12.42 6.94
C ALA A 64 -3.37 -12.14 7.89
N TYR A 65 -2.60 -11.10 7.56
CA TYR A 65 -1.46 -10.70 8.36
C TYR A 65 -1.92 -10.25 9.75
N ASP A 66 -3.02 -9.51 9.80
CA ASP A 66 -3.52 -8.89 11.01
C ASP A 66 -3.98 -9.96 11.99
N GLN A 67 -4.60 -11.01 11.47
CA GLN A 67 -4.97 -12.21 12.18
C GLN A 67 -3.69 -12.80 12.74
N TYR A 68 -2.86 -13.35 11.86
CA TYR A 68 -1.66 -14.08 12.21
C TYR A 68 -0.82 -14.17 10.96
N GLY A 69 0.01 -13.16 10.70
CA GLY A 69 1.07 -13.24 9.71
C GLY A 69 2.01 -14.42 9.94
N HIS A 70 2.06 -14.89 11.18
CA HIS A 70 2.87 -15.96 11.69
C HIS A 70 1.92 -17.15 11.87
N ALA A 71 1.36 -17.57 10.74
CA ALA A 71 0.68 -18.83 10.52
C ALA A 71 -0.75 -18.82 11.05
N ALA A 72 -1.66 -18.18 10.32
CA ALA A 72 -3.06 -18.09 10.72
C ALA A 72 -3.75 -19.43 10.50
N PHE A 73 -3.93 -19.78 9.23
CA PHE A 73 -4.68 -20.95 8.83
C PHE A 73 -3.74 -22.17 8.89
N GLU A 74 -3.29 -22.51 10.09
CA GLU A 74 -2.27 -23.52 10.32
C GLU A 74 -2.61 -24.41 11.52
N GLN A 75 -3.86 -24.40 11.97
CA GLN A 75 -4.25 -25.25 13.08
C GLN A 75 -4.04 -26.71 12.68
N ALA A 1 9.65 -7.65 11.68
CA ALA A 1 9.41 -6.54 10.74
C ALA A 1 7.92 -6.50 10.43
N LYS A 2 7.24 -5.42 10.80
CA LYS A 2 5.82 -5.25 10.56
C LYS A 2 5.53 -5.24 9.06
N GLN A 3 4.34 -5.69 8.70
CA GLN A 3 3.92 -5.89 7.33
C GLN A 3 3.96 -4.57 6.57
N ASP A 4 4.94 -4.42 5.68
CA ASP A 4 5.26 -3.18 5.01
C ASP A 4 4.22 -2.83 3.96
N TYR A 5 3.16 -2.14 4.39
CA TYR A 5 2.02 -1.72 3.58
C TYR A 5 1.64 -0.31 4.03
N TYR A 6 1.17 -0.17 5.27
CA TYR A 6 0.87 1.15 5.82
C TYR A 6 2.12 2.05 5.83
N GLU A 7 3.31 1.45 5.92
CA GLU A 7 4.54 2.17 6.00
C GLU A 7 4.87 2.70 4.60
N ILE A 8 4.75 1.83 3.59
CA ILE A 8 4.78 2.22 2.19
C ILE A 8 3.86 3.42 2.00
N LEU A 9 2.59 3.31 2.40
CA LEU A 9 1.67 4.38 2.10
C LEU A 9 1.98 5.63 2.93
N GLY A 10 2.60 5.46 4.10
CA GLY A 10 3.06 6.59 4.89
C GLY A 10 1.84 7.16 5.60
N VAL A 11 1.18 6.27 6.33
CA VAL A 11 -0.14 6.46 6.86
C VAL A 11 -0.19 5.68 8.18
N SER A 12 -1.28 5.85 8.93
CA SER A 12 -1.37 5.38 10.30
C SER A 12 -1.33 3.84 10.35
N LYS A 13 -0.87 3.29 11.49
CA LYS A 13 -0.38 1.94 11.60
C LYS A 13 -1.43 0.89 11.25
N THR A 14 -2.68 1.17 11.61
CA THR A 14 -3.82 0.35 11.22
C THR A 14 -4.88 1.31 10.70
N ALA A 15 -4.47 2.21 9.80
CA ALA A 15 -5.32 3.29 9.32
C ALA A 15 -6.65 2.77 8.81
N GLU A 16 -7.68 3.58 8.96
CA GLU A 16 -8.95 3.36 8.35
C GLU A 16 -8.76 3.43 6.84
N GLU A 17 -9.39 2.52 6.10
CA GLU A 17 -9.29 2.46 4.66
C GLU A 17 -9.73 3.78 3.99
N ARG A 18 -10.63 4.49 4.66
CA ARG A 18 -11.01 5.86 4.35
C ARG A 18 -9.75 6.69 4.07
N GLU A 19 -8.78 6.66 4.99
CA GLU A 19 -7.54 7.41 4.88
C GLU A 19 -6.58 6.72 3.92
N ILE A 20 -6.56 5.40 3.85
CA ILE A 20 -5.76 4.70 2.85
C ILE A 20 -6.09 5.23 1.45
N ARG A 21 -7.38 5.48 1.17
CA ARG A 21 -7.81 6.12 -0.07
C ARG A 21 -7.08 7.45 -0.25
N LYS A 22 -7.00 8.25 0.81
CA LYS A 22 -6.28 9.50 0.83
C LYS A 22 -4.82 9.28 0.47
N ALA A 23 -4.14 8.40 1.19
CA ALA A 23 -2.72 8.12 1.00
C ALA A 23 -2.47 7.73 -0.46
N TYR A 24 -3.24 6.80 -0.99
CA TYR A 24 -3.07 6.32 -2.35
C TYR A 24 -3.09 7.48 -3.36
N LYS A 25 -4.05 8.39 -3.26
CA LYS A 25 -4.08 9.57 -4.08
C LYS A 25 -2.84 10.44 -3.84
N ARG A 26 -2.65 10.83 -2.58
CA ARG A 26 -1.55 11.68 -2.13
C ARG A 26 -0.23 11.22 -2.72
N LEU A 27 0.01 9.93 -2.64
CA LEU A 27 1.25 9.28 -3.01
C LEU A 27 1.38 9.39 -4.52
N ALA A 28 0.31 9.07 -5.25
CA ALA A 28 0.34 9.15 -6.69
C ALA A 28 0.79 10.53 -7.16
N MET A 29 0.31 11.60 -6.49
CA MET A 29 0.76 12.96 -6.75
C MET A 29 2.25 13.11 -6.44
N LYS A 30 2.71 12.47 -5.37
CA LYS A 30 4.08 12.54 -4.87
C LYS A 30 5.07 12.17 -5.99
N TYR A 31 4.72 11.22 -6.86
CA TYR A 31 5.45 10.91 -8.07
C TYR A 31 4.54 11.06 -9.31
N HIS A 32 3.81 12.18 -9.35
CA HIS A 32 2.85 12.55 -10.40
C HIS A 32 3.25 11.98 -11.76
N PRO A 33 2.54 10.96 -12.28
CA PRO A 33 2.95 10.25 -13.48
C PRO A 33 2.78 11.14 -14.71
N ASP A 34 3.14 10.59 -15.89
CA ASP A 34 3.48 11.34 -17.09
C ASP A 34 4.69 12.21 -16.78
N ARG A 35 4.48 13.32 -16.08
CA ARG A 35 5.48 14.32 -15.74
C ARG A 35 6.32 13.82 -14.56
N ASN A 36 6.88 12.61 -14.68
CA ASN A 36 7.83 11.99 -13.75
C ASN A 36 9.07 11.58 -14.54
N GLN A 37 9.38 12.37 -15.57
CA GLN A 37 10.28 11.95 -16.61
C GLN A 37 11.69 11.81 -15.99
N GLY A 38 12.54 10.98 -16.57
CA GLY A 38 13.87 10.74 -16.05
C GLY A 38 13.83 9.72 -14.89
N ASP A 39 12.86 9.83 -13.99
CA ASP A 39 12.64 8.82 -12.97
C ASP A 39 12.25 7.49 -13.63
N LYS A 40 12.18 6.43 -12.84
CA LYS A 40 11.79 5.10 -13.28
C LYS A 40 11.31 4.31 -12.07
N GLU A 41 12.05 4.41 -10.94
CA GLU A 41 11.60 3.75 -9.73
C GLU A 41 10.21 4.23 -9.36
N ALA A 42 9.81 5.46 -9.71
CA ALA A 42 8.47 5.98 -9.57
C ALA A 42 7.42 4.93 -9.94
N GLU A 43 7.63 4.22 -11.04
CA GLU A 43 6.73 3.19 -11.49
C GLU A 43 6.69 2.08 -10.43
N ALA A 44 7.83 1.52 -10.10
CA ALA A 44 7.92 0.45 -9.12
C ALA A 44 7.35 0.88 -7.77
N LYS A 45 7.54 2.14 -7.42
CA LYS A 45 7.03 2.70 -6.19
C LYS A 45 5.51 2.71 -6.28
N PHE A 46 4.98 3.15 -7.42
CA PHE A 46 3.56 3.01 -7.68
C PHE A 46 3.15 1.55 -7.56
N LYS A 47 3.97 0.60 -8.02
CA LYS A 47 3.61 -0.82 -7.93
C LYS A 47 3.51 -1.25 -6.47
N GLU A 48 4.49 -0.90 -5.62
CA GLU A 48 4.44 -1.29 -4.23
C GLU A 48 3.23 -0.64 -3.57
N ILE A 49 3.02 0.66 -3.83
CA ILE A 49 1.87 1.40 -3.34
C ILE A 49 0.56 0.79 -3.87
N LYS A 50 0.52 0.32 -5.11
CA LYS A 50 -0.67 -0.23 -5.73
C LYS A 50 -1.04 -1.53 -5.04
N GLU A 51 -0.08 -2.44 -4.87
CA GLU A 51 -0.35 -3.72 -4.23
C GLU A 51 -0.70 -3.46 -2.77
N ALA A 52 0.03 -2.56 -2.13
CA ALA A 52 -0.25 -2.16 -0.77
C ALA A 52 -1.69 -1.67 -0.66
N TYR A 53 -2.03 -0.69 -1.48
CA TYR A 53 -3.35 -0.11 -1.58
C TYR A 53 -4.40 -1.20 -1.85
N GLU A 54 -4.15 -2.11 -2.79
CA GLU A 54 -5.04 -3.16 -3.14
C GLU A 54 -5.34 -3.96 -1.87
N VAL A 55 -4.30 -4.39 -1.15
CA VAL A 55 -4.44 -5.23 0.02
C VAL A 55 -5.21 -4.48 1.09
N LEU A 56 -4.83 -3.25 1.35
CA LEU A 56 -5.49 -2.45 2.36
C LEU A 56 -6.98 -2.30 2.02
N THR A 57 -7.31 -1.94 0.78
CA THR A 57 -8.70 -1.87 0.39
C THR A 57 -9.28 -3.26 0.04
N ASP A 58 -8.65 -4.37 0.43
CA ASP A 58 -9.14 -5.73 0.18
C ASP A 58 -10.00 -6.19 1.37
N SER A 59 -10.41 -7.45 1.34
CA SER A 59 -11.09 -8.13 2.43
C SER A 59 -10.08 -9.13 3.01
N GLN A 60 -9.86 -10.27 2.34
CA GLN A 60 -9.03 -11.33 2.90
C GLN A 60 -7.57 -10.89 3.01
N LYS A 61 -7.03 -10.36 1.92
CA LYS A 61 -5.64 -9.94 1.86
C LYS A 61 -5.34 -8.97 3.00
N ARG A 62 -6.31 -8.10 3.25
CA ARG A 62 -6.28 -7.08 4.29
C ARG A 62 -6.27 -7.80 5.64
N ALA A 63 -7.27 -8.67 5.81
CA ALA A 63 -7.50 -9.43 7.02
C ALA A 63 -6.27 -10.21 7.42
N ALA A 64 -5.37 -10.58 6.49
CA ALA A 64 -4.25 -11.46 6.78
C ALA A 64 -3.43 -10.94 7.95
N TYR A 65 -3.23 -9.63 8.01
CA TYR A 65 -2.49 -9.02 9.10
C TYR A 65 -3.23 -9.28 10.42
N ASP A 66 -4.51 -8.94 10.45
CA ASP A 66 -5.34 -9.10 11.63
C ASP A 66 -5.45 -10.58 12.04
N GLN A 67 -5.43 -11.46 11.03
CA GLN A 67 -5.50 -12.90 11.16
C GLN A 67 -4.13 -13.46 11.53
N TYR A 68 -3.12 -12.59 11.60
CA TYR A 68 -1.73 -12.87 11.86
C TYR A 68 -1.21 -13.99 10.98
N GLY A 69 -1.12 -13.70 9.68
CA GLY A 69 -0.73 -14.67 8.66
C GLY A 69 0.64 -15.28 8.94
N HIS A 70 1.58 -14.41 9.26
CA HIS A 70 2.91 -14.72 9.76
C HIS A 70 3.08 -13.84 10.99
N ALA A 71 2.37 -14.21 12.06
CA ALA A 71 2.45 -13.63 13.39
C ALA A 71 2.54 -12.11 13.27
N ALA A 72 1.60 -11.54 12.50
CA ALA A 72 1.74 -10.23 11.91
C ALA A 72 1.61 -9.11 12.95
N PHE A 73 0.89 -9.38 14.03
CA PHE A 73 0.86 -8.48 15.17
C PHE A 73 2.18 -8.58 15.93
N GLU A 74 2.71 -9.80 16.07
CA GLU A 74 3.93 -10.07 16.79
C GLU A 74 5.21 -9.66 16.03
N GLN A 75 5.08 -9.21 14.77
CA GLN A 75 6.18 -8.88 13.88
C GLN A 75 6.96 -7.65 14.35
N ALA A 1 13.17 -2.08 12.23
CA ALA A 1 12.35 -1.64 11.09
C ALA A 1 12.16 -2.79 10.11
N LYS A 2 11.02 -2.84 9.42
CA LYS A 2 10.70 -3.79 8.37
C LYS A 2 9.87 -3.04 7.31
N GLN A 3 9.74 -3.59 6.11
CA GLN A 3 8.77 -3.05 5.17
C GLN A 3 7.37 -3.33 5.74
N ASP A 4 6.49 -2.34 5.68
CA ASP A 4 5.09 -2.45 6.07
C ASP A 4 4.23 -1.65 5.10
N TYR A 5 3.04 -2.15 4.77
CA TYR A 5 2.15 -1.53 3.80
C TYR A 5 1.76 -0.12 4.28
N TYR A 6 1.39 0.01 5.55
CA TYR A 6 0.98 1.30 6.08
C TYR A 6 2.13 2.30 5.98
N GLU A 7 3.38 1.87 6.18
CA GLU A 7 4.51 2.74 6.07
C GLU A 7 4.77 3.13 4.62
N ILE A 8 4.73 2.15 3.72
CA ILE A 8 4.85 2.37 2.29
C ILE A 8 3.89 3.48 1.89
N LEU A 9 2.64 3.41 2.37
CA LEU A 9 1.62 4.41 2.11
C LEU A 9 1.96 5.71 2.85
N GLY A 10 2.50 5.64 4.06
CA GLY A 10 3.08 6.77 4.76
C GLY A 10 1.94 7.53 5.40
N VAL A 11 1.28 6.82 6.31
CA VAL A 11 -0.01 7.14 6.85
C VAL A 11 -0.09 6.37 8.17
N SER A 12 -1.18 6.56 8.92
CA SER A 12 -1.37 6.01 10.24
C SER A 12 -1.16 4.49 10.22
N LYS A 13 -0.45 3.96 11.21
CA LYS A 13 -0.18 2.52 11.35
C LYS A 13 -1.40 1.65 11.10
N THR A 14 -2.57 2.13 11.53
CA THR A 14 -3.83 1.43 11.44
C THR A 14 -4.83 2.31 10.69
N ALA A 15 -4.38 3.00 9.64
CA ALA A 15 -5.22 3.99 8.98
C ALA A 15 -6.51 3.38 8.48
N GLU A 16 -7.63 4.07 8.71
CA GLU A 16 -8.92 3.72 8.17
C GLU A 16 -8.78 3.62 6.65
N GLU A 17 -9.42 2.65 6.02
CA GLU A 17 -9.16 2.33 4.64
C GLU A 17 -9.57 3.44 3.69
N ARG A 18 -10.59 4.20 4.05
CA ARG A 18 -10.91 5.38 3.28
C ARG A 18 -9.75 6.36 3.37
N GLU A 19 -9.12 6.46 4.55
CA GLU A 19 -7.98 7.32 4.72
C GLU A 19 -6.81 6.76 3.88
N ILE A 20 -6.67 5.43 3.81
CA ILE A 20 -5.69 4.80 2.93
C ILE A 20 -5.88 5.29 1.49
N ARG A 21 -7.13 5.39 1.01
CA ARG A 21 -7.39 5.95 -0.31
C ARG A 21 -6.74 7.35 -0.44
N LYS A 22 -6.89 8.20 0.60
CA LYS A 22 -6.24 9.50 0.67
C LYS A 22 -4.73 9.33 0.44
N ALA A 23 -4.09 8.48 1.24
CA ALA A 23 -2.64 8.27 1.18
C ALA A 23 -2.18 7.82 -0.20
N TYR A 24 -2.87 6.81 -0.74
CA TYR A 24 -2.60 6.31 -2.08
C TYR A 24 -2.66 7.48 -3.08
N LYS A 25 -3.71 8.30 -3.03
CA LYS A 25 -3.80 9.48 -3.86
C LYS A 25 -2.66 10.47 -3.59
N ARG A 26 -2.32 10.75 -2.33
CA ARG A 26 -1.23 11.64 -1.96
C ARG A 26 0.04 11.21 -2.69
N LEU A 27 0.41 9.95 -2.50
CA LEU A 27 1.62 9.42 -3.06
C LEU A 27 1.60 9.49 -4.57
N ALA A 28 0.48 9.11 -5.18
CA ALA A 28 0.37 9.05 -6.63
C ALA A 28 0.75 10.39 -7.27
N MET A 29 0.33 11.51 -6.67
CA MET A 29 0.72 12.83 -7.11
C MET A 29 2.12 13.22 -6.63
N LYS A 30 2.54 12.76 -5.44
CA LYS A 30 3.84 13.08 -4.87
C LYS A 30 4.95 12.56 -5.79
N TYR A 31 4.97 11.25 -6.01
CA TYR A 31 6.11 10.55 -6.62
C TYR A 31 6.01 10.59 -8.16
N HIS A 32 5.14 11.43 -8.71
CA HIS A 32 4.65 11.32 -10.08
C HIS A 32 5.77 11.20 -11.13
N PRO A 33 5.68 10.25 -12.08
CA PRO A 33 6.56 10.17 -13.23
C PRO A 33 6.18 11.24 -14.25
N ASP A 34 6.42 12.51 -13.92
CA ASP A 34 6.29 13.59 -14.90
C ASP A 34 7.42 13.41 -15.92
N ARG A 35 7.10 12.79 -17.07
CA ARG A 35 7.96 12.40 -18.18
C ARG A 35 9.46 12.47 -17.89
N ASN A 36 9.87 11.69 -16.90
CA ASN A 36 11.13 11.81 -16.18
C ASN A 36 12.34 11.24 -16.96
N GLN A 37 12.24 11.18 -18.28
CA GLN A 37 13.17 10.49 -19.17
C GLN A 37 13.27 9.02 -18.76
N GLY A 38 12.35 8.20 -19.30
CA GLY A 38 12.39 6.76 -19.18
C GLY A 38 12.27 6.34 -17.72
N ASP A 39 11.28 6.91 -17.03
CA ASP A 39 11.01 6.56 -15.64
C ASP A 39 10.66 5.09 -15.54
N LYS A 40 10.99 4.48 -14.41
CA LYS A 40 10.72 3.10 -14.07
C LYS A 40 10.44 3.05 -12.57
N GLU A 41 11.33 3.68 -11.80
CA GLU A 41 11.27 3.72 -10.35
C GLU A 41 9.95 4.29 -9.84
N ALA A 42 9.56 5.48 -10.31
CA ALA A 42 8.33 6.09 -9.90
C ALA A 42 7.14 5.15 -10.14
N GLU A 43 7.15 4.50 -11.30
CA GLU A 43 6.10 3.58 -11.67
C GLU A 43 6.11 2.38 -10.70
N ALA A 44 7.27 1.78 -10.45
CA ALA A 44 7.37 0.65 -9.54
C ALA A 44 6.94 1.05 -8.14
N LYS A 45 7.31 2.26 -7.72
CA LYS A 45 6.89 2.81 -6.45
C LYS A 45 5.36 2.86 -6.45
N PHE A 46 4.76 3.43 -7.51
CA PHE A 46 3.31 3.39 -7.66
C PHE A 46 2.81 1.95 -7.54
N LYS A 47 3.50 0.97 -8.11
CA LYS A 47 3.06 -0.41 -8.01
C LYS A 47 3.03 -0.85 -6.55
N GLU A 48 4.12 -0.64 -5.81
CA GLU A 48 4.22 -1.18 -4.47
C GLU A 48 3.18 -0.49 -3.59
N ILE A 49 3.01 0.82 -3.76
CA ILE A 49 2.00 1.60 -3.06
C ILE A 49 0.61 1.10 -3.42
N LYS A 50 0.34 0.93 -4.71
CA LYS A 50 -1.00 0.62 -5.17
C LYS A 50 -1.37 -0.79 -4.77
N GLU A 51 -0.41 -1.71 -4.82
CA GLU A 51 -0.59 -3.05 -4.31
C GLU A 51 -0.76 -2.99 -2.80
N ALA A 52 0.07 -2.25 -2.07
CA ALA A 52 -0.05 -2.09 -0.62
C ALA A 52 -1.48 -1.69 -0.25
N TYR A 53 -2.00 -0.65 -0.91
CA TYR A 53 -3.37 -0.20 -0.70
C TYR A 53 -4.34 -1.37 -0.89
N GLU A 54 -4.14 -2.18 -1.94
CA GLU A 54 -4.97 -3.32 -2.28
C GLU A 54 -4.76 -4.49 -1.30
N VAL A 55 -3.57 -4.64 -0.73
CA VAL A 55 -3.24 -5.67 0.24
C VAL A 55 -4.12 -5.43 1.46
N LEU A 56 -4.25 -4.15 1.82
CA LEU A 56 -5.23 -3.68 2.78
C LEU A 56 -6.63 -3.88 2.19
N THR A 57 -7.43 -2.82 2.09
CA THR A 57 -8.83 -2.92 1.70
C THR A 57 -9.56 -4.06 2.43
N ASP A 58 -9.16 -4.26 3.69
CA ASP A 58 -9.50 -5.28 4.67
C ASP A 58 -10.00 -6.57 4.05
N SER A 59 -9.26 -7.11 3.08
CA SER A 59 -9.80 -8.19 2.29
C SER A 59 -8.71 -9.11 1.71
N GLN A 60 -7.66 -8.58 1.08
CA GLN A 60 -6.81 -9.45 0.29
C GLN A 60 -5.83 -10.20 1.19
N LYS A 61 -4.92 -9.45 1.80
CA LYS A 61 -3.75 -10.01 2.49
C LYS A 61 -3.69 -9.46 3.91
N ARG A 62 -4.03 -8.18 4.09
CA ARG A 62 -4.31 -7.64 5.41
C ARG A 62 -5.36 -8.49 6.11
N ALA A 63 -6.28 -9.11 5.37
CA ALA A 63 -7.34 -9.92 5.97
C ALA A 63 -6.76 -10.99 6.89
N ALA A 64 -5.66 -11.63 6.49
CA ALA A 64 -4.94 -12.52 7.36
C ALA A 64 -4.50 -11.75 8.62
N TYR A 65 -3.86 -10.61 8.40
CA TYR A 65 -3.37 -9.69 9.42
C TYR A 65 -4.47 -9.19 10.37
N ASP A 66 -5.71 -9.13 9.90
CA ASP A 66 -6.86 -8.65 10.66
C ASP A 66 -7.50 -9.79 11.43
N GLN A 67 -7.60 -10.96 10.80
CA GLN A 67 -8.12 -12.15 11.43
C GLN A 67 -7.19 -12.57 12.57
N TYR A 68 -5.93 -12.86 12.23
CA TYR A 68 -4.87 -13.24 13.14
C TYR A 68 -3.59 -13.33 12.31
N GLY A 69 -2.87 -12.22 12.22
CA GLY A 69 -1.68 -12.12 11.38
C GLY A 69 -0.70 -13.23 11.65
N HIS A 70 -0.06 -13.77 10.60
CA HIS A 70 0.87 -14.88 10.68
C HIS A 70 0.16 -16.20 11.05
N ALA A 71 -1.13 -16.19 11.41
CA ALA A 71 -1.83 -17.33 11.98
C ALA A 71 -3.27 -17.30 11.50
N ALA A 72 -3.45 -17.21 10.18
CA ALA A 72 -4.74 -17.08 9.53
C ALA A 72 -4.59 -17.84 8.23
N PHE A 73 -4.37 -19.14 8.39
CA PHE A 73 -4.21 -20.13 7.38
C PHE A 73 -3.08 -19.72 6.45
N GLU A 74 -1.89 -19.56 7.04
CA GLU A 74 -0.68 -19.21 6.33
C GLU A 74 0.09 -20.46 5.90
N GLN A 75 -0.35 -21.64 6.32
CA GLN A 75 0.28 -22.90 5.96
C GLN A 75 -0.73 -24.00 6.24
N ALA A 1 12.39 -0.89 5.57
CA ALA A 1 11.48 -1.78 4.83
C ALA A 1 11.29 -3.07 5.62
N LYS A 2 10.04 -3.37 5.97
CA LYS A 2 9.56 -4.68 6.39
C LYS A 2 8.25 -4.85 5.64
N GLN A 3 7.79 -6.08 5.51
CA GLN A 3 6.52 -6.43 4.96
C GLN A 3 5.42 -5.72 5.75
N ASP A 4 4.95 -4.61 5.20
CA ASP A 4 3.93 -3.70 5.72
C ASP A 4 3.08 -3.30 4.53
N TYR A 5 1.98 -2.59 4.79
CA TYR A 5 1.22 -1.86 3.78
C TYR A 5 0.81 -0.48 4.30
N TYR A 6 0.70 -0.30 5.60
CA TYR A 6 0.02 0.85 6.17
C TYR A 6 0.99 2.01 6.30
N GLU A 7 2.26 1.78 6.63
CA GLU A 7 3.27 2.80 6.59
C GLU A 7 3.72 3.01 5.13
N ILE A 8 3.56 2.00 4.29
CA ILE A 8 3.74 2.17 2.86
C ILE A 8 2.76 3.23 2.34
N LEU A 9 1.45 3.10 2.65
CA LEU A 9 0.51 4.17 2.31
C LEU A 9 0.77 5.40 3.20
N GLY A 10 1.35 5.19 4.37
CA GLY A 10 1.87 6.24 5.21
C GLY A 10 0.74 6.80 6.03
N VAL A 11 0.07 5.91 6.76
CA VAL A 11 -1.24 6.13 7.32
C VAL A 11 -1.43 5.14 8.46
N SER A 12 -2.50 5.33 9.24
CA SER A 12 -2.71 4.54 10.45
C SER A 12 -2.83 3.05 10.12
N LYS A 13 -2.45 2.20 11.08
CA LYS A 13 -2.28 0.77 10.90
C LYS A 13 -3.55 0.04 10.52
N THR A 14 -4.72 0.64 10.75
CA THR A 14 -5.95 0.20 10.15
C THR A 14 -6.75 1.43 9.77
N ALA A 15 -6.14 2.32 8.99
CA ALA A 15 -6.83 3.51 8.53
C ALA A 15 -8.10 3.13 7.77
N GLU A 16 -9.11 3.98 7.85
CA GLU A 16 -10.36 3.84 7.14
C GLU A 16 -10.03 3.85 5.64
N GLU A 17 -10.66 3.00 4.83
CA GLU A 17 -10.43 2.98 3.39
C GLU A 17 -10.66 4.38 2.82
N ARG A 18 -11.68 5.04 3.33
CA ARG A 18 -11.98 6.43 3.04
C ARG A 18 -10.74 7.32 3.15
N GLU A 19 -9.90 7.08 4.16
CA GLU A 19 -8.64 7.79 4.34
C GLU A 19 -7.55 7.16 3.47
N ILE A 20 -7.54 5.84 3.28
CA ILE A 20 -6.61 5.20 2.37
C ILE A 20 -6.70 5.84 0.98
N ARG A 21 -7.90 6.27 0.57
CA ARG A 21 -8.09 7.07 -0.62
C ARG A 21 -7.18 8.30 -0.55
N LYS A 22 -7.27 9.06 0.55
CA LYS A 22 -6.47 10.25 0.76
C LYS A 22 -4.98 9.91 0.68
N ALA A 23 -4.56 8.86 1.39
CA ALA A 23 -3.18 8.44 1.40
C ALA A 23 -2.70 8.23 -0.03
N TYR A 24 -3.38 7.35 -0.75
CA TYR A 24 -3.01 7.00 -2.11
C TYR A 24 -2.93 8.24 -2.98
N LYS A 25 -3.94 9.10 -2.91
CA LYS A 25 -4.00 10.30 -3.72
C LYS A 25 -2.83 11.24 -3.38
N ARG A 26 -2.64 11.51 -2.10
CA ARG A 26 -1.56 12.36 -1.62
C ARG A 26 -0.23 11.79 -2.11
N LEU A 27 0.00 10.50 -1.91
CA LEU A 27 1.19 9.78 -2.34
C LEU A 27 1.41 9.99 -3.83
N ALA A 28 0.37 9.74 -4.64
CA ALA A 28 0.45 9.93 -6.07
C ALA A 28 0.94 11.34 -6.37
N MET A 29 0.43 12.33 -5.65
CA MET A 29 0.84 13.72 -5.76
C MET A 29 2.16 14.06 -5.07
N LYS A 30 2.72 13.18 -4.23
CA LYS A 30 3.98 13.39 -3.54
C LYS A 30 5.11 13.15 -4.54
N TYR A 31 5.38 11.88 -4.83
CA TYR A 31 6.54 11.50 -5.63
C TYR A 31 6.28 11.84 -7.11
N HIS A 32 5.00 11.74 -7.49
CA HIS A 32 4.36 12.26 -8.68
C HIS A 32 5.27 12.42 -9.88
N PRO A 33 5.41 11.37 -10.70
CA PRO A 33 6.07 11.51 -11.97
C PRO A 33 5.15 12.31 -12.89
N ASP A 34 4.14 11.62 -13.44
CA ASP A 34 3.34 12.03 -14.57
C ASP A 34 4.23 12.47 -15.73
N ARG A 35 4.39 11.56 -16.70
CA ARG A 35 5.40 11.57 -17.76
C ARG A 35 6.76 11.92 -17.16
N ASN A 36 7.24 11.12 -16.21
CA ASN A 36 8.56 11.32 -15.62
C ASN A 36 9.27 10.00 -15.56
N GLN A 37 9.92 9.62 -16.66
CA GLN A 37 10.78 8.46 -16.69
C GLN A 37 10.00 7.23 -16.20
N GLY A 38 9.30 6.55 -17.11
CA GLY A 38 8.63 5.29 -16.81
C GLY A 38 9.66 4.17 -16.76
N ASP A 39 10.73 4.40 -16.00
CA ASP A 39 11.70 3.42 -15.64
C ASP A 39 11.11 2.53 -14.56
N LYS A 40 11.65 1.32 -14.44
CA LYS A 40 11.16 0.31 -13.54
C LYS A 40 11.19 0.79 -12.09
N GLU A 41 12.07 1.71 -11.71
CA GLU A 41 12.09 2.20 -10.35
C GLU A 41 10.86 3.05 -10.03
N ALA A 42 10.61 4.14 -10.74
CA ALA A 42 9.43 4.97 -10.57
C ALA A 42 8.18 4.10 -10.68
N GLU A 43 8.16 3.18 -11.64
CA GLU A 43 7.05 2.27 -11.84
C GLU A 43 6.87 1.40 -10.59
N ALA A 44 7.93 0.73 -10.14
CA ALA A 44 7.89 -0.18 -9.01
C ALA A 44 7.43 0.58 -7.76
N LYS A 45 7.89 1.82 -7.62
CA LYS A 45 7.50 2.69 -6.53
C LYS A 45 5.99 2.85 -6.47
N PHE A 46 5.35 2.99 -7.63
CA PHE A 46 3.90 3.03 -7.71
C PHE A 46 3.33 1.63 -7.47
N LYS A 47 4.01 0.57 -7.93
CA LYS A 47 3.54 -0.79 -7.69
C LYS A 47 3.39 -1.06 -6.20
N GLU A 48 4.33 -0.60 -5.37
CA GLU A 48 4.22 -0.77 -3.93
C GLU A 48 2.88 -0.23 -3.44
N ILE A 49 2.62 1.02 -3.81
CA ILE A 49 1.45 1.74 -3.33
C ILE A 49 0.21 1.03 -3.88
N LYS A 50 0.24 0.64 -5.15
CA LYS A 50 -0.85 -0.06 -5.80
C LYS A 50 -1.13 -1.41 -5.13
N GLU A 51 -0.11 -2.20 -4.74
CA GLU A 51 -0.36 -3.48 -4.11
C GLU A 51 -0.89 -3.23 -2.70
N ALA A 52 -0.25 -2.34 -1.95
CA ALA A 52 -0.72 -1.92 -0.64
C ALA A 52 -2.20 -1.51 -0.72
N TYR A 53 -2.52 -0.63 -1.65
CA TYR A 53 -3.86 -0.12 -1.88
C TYR A 53 -4.80 -1.29 -2.15
N GLU A 54 -4.41 -2.21 -3.03
CA GLU A 54 -5.19 -3.38 -3.31
C GLU A 54 -5.48 -4.08 -1.99
N VAL A 55 -4.45 -4.39 -1.20
CA VAL A 55 -4.62 -5.19 0.00
C VAL A 55 -5.53 -4.45 0.98
N LEU A 56 -5.35 -3.14 1.17
CA LEU A 56 -6.20 -2.43 2.09
C LEU A 56 -7.65 -2.37 1.62
N THR A 57 -7.87 -2.37 0.30
CA THR A 57 -9.20 -2.45 -0.26
C THR A 57 -9.66 -3.92 -0.36
N ASP A 58 -8.76 -4.89 -0.15
CA ASP A 58 -9.03 -6.31 0.00
C ASP A 58 -9.54 -6.55 1.42
N SER A 59 -9.72 -7.80 1.81
CA SER A 59 -10.14 -8.20 3.14
C SER A 59 -9.38 -9.45 3.55
N GLN A 60 -9.34 -10.45 2.66
CA GLN A 60 -8.56 -11.65 2.86
C GLN A 60 -7.12 -11.27 3.15
N LYS A 61 -6.52 -10.52 2.21
CA LYS A 61 -5.14 -10.11 2.39
C LYS A 61 -5.07 -9.17 3.60
N ARG A 62 -6.08 -8.31 3.75
CA ARG A 62 -6.22 -7.33 4.84
C ARG A 62 -6.66 -8.01 6.15
N ALA A 63 -6.10 -9.17 6.46
CA ALA A 63 -6.40 -9.89 7.66
C ALA A 63 -5.39 -10.99 7.83
N ALA A 64 -5.00 -11.69 6.76
CA ALA A 64 -3.87 -12.57 6.88
C ALA A 64 -2.63 -11.76 7.15
N TYR A 65 -2.34 -10.76 6.32
CA TYR A 65 -1.14 -9.96 6.50
C TYR A 65 -1.05 -9.47 7.94
N ASP A 66 -2.19 -9.02 8.49
CA ASP A 66 -2.29 -8.60 9.85
C ASP A 66 -1.98 -9.76 10.79
N GLN A 67 -2.59 -10.92 10.59
CA GLN A 67 -2.61 -12.01 11.53
C GLN A 67 -1.52 -13.02 11.19
N TYR A 68 -1.74 -13.85 10.18
CA TYR A 68 -0.94 -15.00 9.89
C TYR A 68 -0.90 -15.41 8.42
N GLY A 69 -0.83 -14.46 7.48
CA GLY A 69 -0.56 -14.71 6.07
C GLY A 69 0.43 -15.85 5.87
N HIS A 70 -0.11 -17.01 5.55
CA HIS A 70 0.64 -18.23 5.30
C HIS A 70 1.61 -18.51 6.46
N ALA A 71 1.09 -18.57 7.69
CA ALA A 71 1.85 -18.65 8.92
C ALA A 71 2.81 -17.48 9.02
N ALA A 72 2.23 -16.28 9.15
CA ALA A 72 3.00 -15.05 9.29
C ALA A 72 3.61 -15.09 10.70
N PHE A 73 2.75 -15.08 11.73
CA PHE A 73 3.13 -15.37 13.09
C PHE A 73 2.81 -16.83 13.40
N GLU A 74 3.82 -17.67 13.39
CA GLU A 74 3.83 -18.96 14.06
C GLU A 74 5.05 -19.05 14.97
N GLN A 75 5.66 -17.90 15.25
CA GLN A 75 6.54 -17.66 16.38
C GLN A 75 6.00 -16.36 17.00
N ALA A 1 11.22 -8.70 8.37
CA ALA A 1 10.25 -8.27 7.36
C ALA A 1 8.90 -8.92 7.68
N LYS A 2 7.83 -8.13 7.73
CA LYS A 2 6.47 -8.64 7.82
C LYS A 2 5.57 -7.77 6.95
N GLN A 3 4.52 -8.37 6.38
CA GLN A 3 3.73 -7.78 5.32
C GLN A 3 2.77 -6.76 5.91
N ASP A 4 3.35 -5.63 6.29
CA ASP A 4 2.65 -4.38 6.46
C ASP A 4 2.76 -3.66 5.12
N TYR A 5 1.66 -3.07 4.65
CA TYR A 5 1.66 -2.19 3.50
C TYR A 5 1.23 -0.78 3.88
N TYR A 6 0.84 -0.53 5.13
CA TYR A 6 0.43 0.79 5.56
C TYR A 6 1.59 1.77 5.45
N GLU A 7 2.78 1.41 5.95
CA GLU A 7 3.87 2.35 6.02
C GLU A 7 4.43 2.57 4.61
N ILE A 8 4.38 1.53 3.79
CA ILE A 8 4.59 1.63 2.36
C ILE A 8 3.64 2.67 1.78
N LEU A 9 2.35 2.61 2.10
CA LEU A 9 1.39 3.54 1.57
C LEU A 9 1.54 4.93 2.23
N GLY A 10 2.26 5.03 3.35
CA GLY A 10 2.77 6.29 3.88
C GLY A 10 1.72 6.91 4.79
N VAL A 11 1.13 6.06 5.62
CA VAL A 11 -0.06 6.32 6.41
C VAL A 11 0.07 5.45 7.67
N SER A 12 -0.68 5.77 8.72
CA SER A 12 -0.55 5.08 9.99
C SER A 12 -0.89 3.60 9.83
N LYS A 13 -0.24 2.73 10.61
CA LYS A 13 -0.33 1.28 10.48
C LYS A 13 -1.64 0.70 11.00
N THR A 14 -2.77 1.33 10.71
CA THR A 14 -4.09 0.80 10.99
C THR A 14 -5.16 1.56 10.19
N ALA A 15 -4.79 2.15 9.05
CA ALA A 15 -5.70 3.01 8.32
C ALA A 15 -6.91 2.24 7.79
N GLU A 16 -8.09 2.81 7.98
CA GLU A 16 -9.31 2.40 7.33
C GLU A 16 -9.17 2.67 5.83
N GLU A 17 -9.84 1.86 5.01
CA GLU A 17 -9.78 1.96 3.56
C GLU A 17 -10.12 3.39 3.12
N ARG A 18 -11.09 4.00 3.80
CA ARG A 18 -11.49 5.38 3.56
C ARG A 18 -10.27 6.29 3.53
N GLU A 19 -9.38 6.13 4.51
CA GLU A 19 -8.20 6.96 4.59
C GLU A 19 -7.15 6.46 3.58
N ILE A 20 -7.03 5.15 3.39
CA ILE A 20 -6.07 4.57 2.45
C ILE A 20 -6.29 5.20 1.08
N ARG A 21 -7.56 5.36 0.68
CA ARG A 21 -7.92 5.97 -0.60
C ARG A 21 -7.27 7.35 -0.71
N LYS A 22 -7.35 8.17 0.34
CA LYS A 22 -6.71 9.46 0.37
C LYS A 22 -5.19 9.29 0.26
N ALA A 23 -4.61 8.47 1.14
CA ALA A 23 -3.18 8.34 1.27
C ALA A 23 -2.57 8.00 -0.09
N TYR A 24 -3.14 7.03 -0.79
CA TYR A 24 -2.65 6.64 -2.11
C TYR A 24 -2.58 7.86 -3.03
N LYS A 25 -3.63 8.69 -3.08
CA LYS A 25 -3.63 9.88 -3.90
C LYS A 25 -2.58 10.90 -3.48
N ARG A 26 -2.52 11.25 -2.19
CA ARG A 26 -1.54 12.25 -1.76
C ARG A 26 -0.10 11.77 -1.99
N LEU A 27 0.19 10.48 -1.91
CA LEU A 27 1.46 9.97 -2.39
C LEU A 27 1.57 10.11 -3.91
N ALA A 28 0.51 9.74 -4.64
CA ALA A 28 0.54 9.68 -6.10
C ALA A 28 1.02 10.99 -6.72
N MET A 29 0.60 12.12 -6.16
CA MET A 29 0.99 13.43 -6.66
C MET A 29 2.42 13.82 -6.27
N LYS A 30 2.99 13.18 -5.26
CA LYS A 30 4.22 13.61 -4.62
C LYS A 30 5.42 13.33 -5.52
N TYR A 31 5.60 12.08 -5.93
CA TYR A 31 6.68 11.66 -6.82
C TYR A 31 6.21 11.76 -8.27
N HIS A 32 5.35 12.74 -8.53
CA HIS A 32 4.63 13.00 -9.76
C HIS A 32 5.42 12.54 -11.00
N PRO A 33 4.83 11.74 -11.91
CA PRO A 33 5.52 11.20 -13.06
C PRO A 33 6.33 12.26 -13.80
N ASP A 34 5.68 13.39 -14.08
CA ASP A 34 6.25 14.54 -14.75
C ASP A 34 6.60 14.12 -16.18
N ARG A 35 7.87 13.93 -16.49
CA ARG A 35 8.33 13.40 -17.75
C ARG A 35 8.39 11.86 -17.68
N ASN A 36 8.62 11.33 -16.47
CA ASN A 36 8.84 9.93 -16.12
C ASN A 36 9.58 9.21 -17.26
N GLN A 37 10.89 9.44 -17.36
CA GLN A 37 11.71 8.71 -18.31
C GLN A 37 11.77 7.23 -17.91
N GLY A 38 12.59 6.43 -18.59
CA GLY A 38 12.60 4.98 -18.42
C GLY A 38 13.24 4.48 -17.13
N ASP A 39 13.16 5.24 -16.05
CA ASP A 39 13.33 4.71 -14.71
C ASP A 39 12.33 3.57 -14.52
N LYS A 40 12.62 2.62 -13.66
CA LYS A 40 11.69 1.57 -13.28
C LYS A 40 11.18 1.80 -11.85
N GLU A 41 12.00 2.42 -11.02
CA GLU A 41 11.69 2.56 -9.61
C GLU A 41 10.40 3.32 -9.40
N ALA A 42 10.21 4.44 -10.10
CA ALA A 42 9.02 5.24 -9.95
C ALA A 42 7.76 4.41 -10.19
N GLU A 43 7.74 3.65 -11.29
CA GLU A 43 6.65 2.74 -11.57
C GLU A 43 6.52 1.80 -10.39
N ALA A 44 7.58 1.10 -10.03
CA ALA A 44 7.48 0.03 -9.06
C ALA A 44 7.04 0.55 -7.69
N LYS A 45 7.49 1.74 -7.34
CA LYS A 45 7.06 2.40 -6.11
C LYS A 45 5.56 2.68 -6.24
N PHE A 46 5.15 3.23 -7.38
CA PHE A 46 3.72 3.43 -7.62
C PHE A 46 2.98 2.09 -7.54
N LYS A 47 3.58 1.00 -8.00
CA LYS A 47 2.99 -0.33 -7.92
C LYS A 47 2.80 -0.76 -6.48
N GLU A 48 3.83 -0.60 -5.64
CA GLU A 48 3.73 -0.93 -4.23
C GLU A 48 2.59 -0.17 -3.60
N ILE A 49 2.55 1.14 -3.80
CA ILE A 49 1.53 1.97 -3.19
C ILE A 49 0.16 1.57 -3.76
N LYS A 50 0.09 1.28 -5.06
CA LYS A 50 -1.14 0.84 -5.70
C LYS A 50 -1.64 -0.47 -5.07
N GLU A 51 -0.77 -1.47 -4.96
CA GLU A 51 -1.14 -2.79 -4.46
C GLU A 51 -1.48 -2.65 -2.98
N ALA A 52 -0.66 -1.92 -2.22
CA ALA A 52 -0.94 -1.58 -0.83
C ALA A 52 -2.38 -1.08 -0.74
N TYR A 53 -2.73 -0.06 -1.52
CA TYR A 53 -4.07 0.48 -1.47
C TYR A 53 -5.09 -0.62 -1.79
N GLU A 54 -4.82 -1.45 -2.79
CA GLU A 54 -5.68 -2.54 -3.22
C GLU A 54 -5.83 -3.62 -2.13
N VAL A 55 -4.80 -3.81 -1.32
CA VAL A 55 -4.73 -4.79 -0.26
C VAL A 55 -5.48 -4.29 0.97
N LEU A 56 -5.28 -3.04 1.34
CA LEU A 56 -5.59 -2.52 2.67
C LEU A 56 -7.05 -2.19 2.86
N THR A 57 -7.92 -3.05 2.36
CA THR A 57 -9.28 -2.72 2.05
C THR A 57 -10.26 -3.55 2.86
N ASP A 58 -9.74 -4.26 3.87
CA ASP A 58 -10.36 -5.42 4.49
C ASP A 58 -10.74 -6.41 3.40
N SER A 59 -9.83 -7.31 3.07
CA SER A 59 -10.06 -8.31 2.04
C SER A 59 -9.28 -9.58 2.41
N GLN A 60 -8.18 -9.87 1.70
CA GLN A 60 -7.37 -11.05 1.94
C GLN A 60 -6.16 -10.64 2.78
N LYS A 61 -5.24 -9.93 2.15
CA LYS A 61 -3.94 -9.63 2.74
C LYS A 61 -4.15 -8.81 4.01
N ARG A 62 -4.98 -7.77 3.93
CA ARG A 62 -5.34 -6.95 5.09
C ARG A 62 -6.47 -7.66 5.83
N ALA A 63 -6.12 -8.80 6.38
CA ALA A 63 -6.92 -9.68 7.23
C ALA A 63 -5.98 -10.80 7.65
N ALA A 64 -5.32 -11.42 6.68
CA ALA A 64 -4.22 -12.34 6.91
C ALA A 64 -3.16 -11.68 7.80
N TYR A 65 -2.77 -10.46 7.44
CA TYR A 65 -1.83 -9.65 8.21
C TYR A 65 -2.26 -9.56 9.67
N ASP A 66 -3.50 -9.17 9.89
CA ASP A 66 -4.04 -8.91 11.21
C ASP A 66 -4.13 -10.19 12.03
N GLN A 67 -4.63 -11.25 11.39
CA GLN A 67 -4.75 -12.58 11.95
C GLN A 67 -3.34 -13.02 12.38
N TYR A 68 -2.46 -13.21 11.41
CA TYR A 68 -1.07 -13.55 11.63
C TYR A 68 -0.27 -13.33 10.34
N GLY A 69 0.13 -12.09 10.10
CA GLY A 69 1.11 -11.79 9.07
C GLY A 69 2.29 -12.74 9.20
N HIS A 70 2.59 -13.47 8.12
CA HIS A 70 3.70 -14.39 8.00
C HIS A 70 3.49 -15.68 8.81
N ALA A 71 2.24 -16.02 9.09
CA ALA A 71 1.85 -17.38 9.45
C ALA A 71 0.36 -17.52 9.20
N ALA A 72 -0.08 -17.19 7.99
CA ALA A 72 -1.46 -17.24 7.56
C ALA A 72 -1.53 -17.98 6.23
N PHE A 73 -1.34 -17.28 5.12
CA PHE A 73 -1.22 -17.89 3.81
C PHE A 73 0.25 -18.22 3.59
N GLU A 74 0.75 -19.13 4.42
CA GLU A 74 2.12 -19.59 4.43
C GLU A 74 2.19 -21.07 3.99
N GLN A 75 1.07 -21.66 3.56
CA GLN A 75 0.97 -23.05 3.20
C GLN A 75 1.23 -23.16 1.70
N ALA A 1 9.09 -12.68 6.18
CA ALA A 1 8.91 -11.77 7.33
C ALA A 1 7.52 -11.16 7.23
N LYS A 2 7.07 -10.40 8.25
CA LYS A 2 5.82 -9.68 8.14
C LYS A 2 5.90 -8.77 6.91
N GLN A 3 4.90 -8.85 6.05
CA GLN A 3 4.81 -7.99 4.89
C GLN A 3 4.32 -6.64 5.38
N ASP A 4 5.21 -5.65 5.45
CA ASP A 4 4.78 -4.29 5.72
C ASP A 4 4.06 -3.78 4.49
N TYR A 5 3.22 -2.77 4.67
CA TYR A 5 2.40 -2.15 3.65
C TYR A 5 1.84 -0.83 4.19
N TYR A 6 1.49 -0.80 5.47
CA TYR A 6 1.06 0.41 6.15
C TYR A 6 2.18 1.45 6.13
N GLU A 7 3.44 1.05 6.31
CA GLU A 7 4.55 1.95 6.31
C GLU A 7 4.88 2.36 4.88
N ILE A 8 4.63 1.45 3.93
CA ILE A 8 4.92 1.66 2.53
C ILE A 8 4.21 2.92 2.07
N LEU A 9 2.90 3.05 2.31
CA LEU A 9 2.22 4.32 2.10
C LEU A 9 2.51 5.29 3.24
N GLY A 10 2.77 4.80 4.45
CA GLY A 10 3.08 5.63 5.59
C GLY A 10 1.75 6.16 6.09
N VAL A 11 0.96 5.23 6.62
CA VAL A 11 -0.44 5.40 6.94
C VAL A 11 -0.77 4.45 8.09
N SER A 12 -1.95 4.57 8.68
CA SER A 12 -2.24 3.89 9.94
C SER A 12 -2.05 2.38 9.83
N LYS A 13 -1.63 1.80 10.96
CA LYS A 13 -1.01 0.48 11.05
C LYS A 13 -1.92 -0.60 10.46
N THR A 14 -3.21 -0.51 10.71
CA THR A 14 -4.21 -1.34 10.04
C THR A 14 -5.31 -0.43 9.51
N ALA A 15 -4.93 0.65 8.82
CA ALA A 15 -5.86 1.61 8.25
C ALA A 15 -7.01 0.93 7.51
N GLU A 16 -8.21 1.50 7.58
CA GLU A 16 -9.27 1.21 6.67
C GLU A 16 -8.87 1.72 5.29
N GLU A 17 -9.44 1.10 4.26
CA GLU A 17 -9.21 1.45 2.86
C GLU A 17 -9.48 2.94 2.65
N ARG A 18 -10.39 3.52 3.42
CA ARG A 18 -10.70 4.93 3.32
C ARG A 18 -9.43 5.79 3.45
N GLU A 19 -8.63 5.53 4.48
CA GLU A 19 -7.44 6.33 4.71
C GLU A 19 -6.35 5.90 3.71
N ILE A 20 -6.32 4.62 3.36
CA ILE A 20 -5.46 4.14 2.27
C ILE A 20 -5.73 4.94 1.01
N ARG A 21 -6.98 5.29 0.74
CA ARG A 21 -7.36 6.01 -0.45
C ARG A 21 -6.72 7.39 -0.38
N LYS A 22 -6.71 8.02 0.80
CA LYS A 22 -6.02 9.28 1.01
C LYS A 22 -4.52 9.12 0.79
N ALA A 23 -3.89 8.12 1.40
CA ALA A 23 -2.47 7.90 1.23
C ALA A 23 -2.15 7.79 -0.26
N TYR A 24 -2.89 6.93 -0.96
CA TYR A 24 -2.70 6.69 -2.38
C TYR A 24 -2.76 8.00 -3.15
N LYS A 25 -3.85 8.76 -2.97
CA LYS A 25 -4.01 10.04 -3.66
C LYS A 25 -2.82 10.95 -3.36
N ARG A 26 -2.41 10.99 -2.09
CA ARG A 26 -1.31 11.83 -1.66
C ARG A 26 -0.07 11.44 -2.46
N LEU A 27 0.43 10.20 -2.27
CA LEU A 27 1.69 9.76 -2.83
C LEU A 27 1.67 9.96 -4.35
N ALA A 28 0.60 9.52 -5.00
CA ALA A 28 0.48 9.59 -6.45
C ALA A 28 0.72 11.01 -6.93
N MET A 29 -0.01 11.97 -6.38
CA MET A 29 0.15 13.37 -6.75
C MET A 29 1.44 13.97 -6.15
N LYS A 30 2.04 13.36 -5.14
CA LYS A 30 3.25 13.87 -4.51
C LYS A 30 4.38 13.87 -5.54
N TYR A 31 4.59 12.73 -6.19
CA TYR A 31 5.58 12.58 -7.24
C TYR A 31 4.88 12.52 -8.60
N HIS A 32 3.81 13.31 -8.76
CA HIS A 32 3.01 13.37 -9.99
C HIS A 32 3.91 13.33 -11.23
N PRO A 33 3.88 12.28 -12.06
CA PRO A 33 4.84 12.08 -13.12
C PRO A 33 4.49 12.96 -14.33
N ASP A 34 4.52 14.28 -14.14
CA ASP A 34 3.90 15.32 -14.95
C ASP A 34 3.87 14.96 -16.44
N ARG A 35 5.02 15.00 -17.10
CA ARG A 35 5.22 14.28 -18.35
C ARG A 35 6.46 13.41 -18.21
N ASN A 36 6.60 12.67 -17.12
CA ASN A 36 7.73 11.78 -16.90
C ASN A 36 7.46 10.46 -17.63
N GLN A 37 7.12 10.56 -18.91
CA GLN A 37 6.75 9.47 -19.79
C GLN A 37 7.99 8.64 -20.11
N GLY A 38 8.47 7.88 -19.14
CA GLY A 38 9.71 7.12 -19.24
C GLY A 38 10.20 6.68 -17.86
N ASP A 39 9.76 7.35 -16.78
CA ASP A 39 10.19 7.02 -15.45
C ASP A 39 9.54 5.71 -14.99
N LYS A 40 10.34 4.65 -14.96
CA LYS A 40 9.91 3.33 -14.55
C LYS A 40 10.21 3.10 -13.06
N GLU A 41 10.97 3.99 -12.42
CA GLU A 41 11.25 3.96 -11.03
C GLU A 41 10.03 4.51 -10.31
N ALA A 42 9.51 5.66 -10.76
CA ALA A 42 8.23 6.19 -10.36
C ALA A 42 7.16 5.10 -10.47
N GLU A 43 7.17 4.36 -11.58
CA GLU A 43 6.27 3.24 -11.78
C GLU A 43 6.50 2.20 -10.69
N ALA A 44 7.75 1.83 -10.43
CA ALA A 44 8.08 0.86 -9.40
C ALA A 44 7.49 1.29 -8.07
N LYS A 45 7.65 2.58 -7.77
CA LYS A 45 7.07 3.18 -6.58
C LYS A 45 5.56 2.99 -6.61
N PHE A 46 4.93 3.29 -7.75
CA PHE A 46 3.52 2.98 -7.93
C PHE A 46 3.25 1.50 -7.71
N LYS A 47 4.15 0.57 -8.05
CA LYS A 47 3.87 -0.85 -7.88
C LYS A 47 3.74 -1.20 -6.41
N GLU A 48 4.74 -0.87 -5.60
CA GLU A 48 4.69 -1.12 -4.18
C GLU A 48 3.46 -0.44 -3.59
N ILE A 49 3.27 0.83 -3.92
CA ILE A 49 2.15 1.60 -3.42
C ILE A 49 0.84 0.94 -3.82
N LYS A 50 0.67 0.54 -5.09
CA LYS A 50 -0.50 -0.18 -5.56
C LYS A 50 -0.69 -1.46 -4.77
N GLU A 51 0.36 -2.24 -4.57
CA GLU A 51 0.26 -3.49 -3.87
C GLU A 51 -0.26 -3.22 -2.46
N ALA A 52 0.48 -2.46 -1.66
CA ALA A 52 0.06 -2.12 -0.31
C ALA A 52 -1.35 -1.51 -0.30
N TYR A 53 -1.63 -0.61 -1.23
CA TYR A 53 -2.94 -0.01 -1.42
C TYR A 53 -4.00 -1.09 -1.59
N GLU A 54 -3.73 -2.11 -2.40
CA GLU A 54 -4.73 -3.02 -2.89
C GLU A 54 -4.89 -4.08 -1.78
N VAL A 55 -3.81 -4.33 -1.04
CA VAL A 55 -3.75 -5.27 0.06
C VAL A 55 -4.69 -4.73 1.13
N LEU A 56 -4.45 -3.50 1.59
CA LEU A 56 -4.97 -2.94 2.84
C LEU A 56 -6.44 -2.54 2.81
N THR A 57 -7.30 -3.35 2.21
CA THR A 57 -8.59 -2.86 1.75
C THR A 57 -9.75 -3.56 2.46
N ASP A 58 -9.45 -4.40 3.45
CA ASP A 58 -10.33 -5.46 3.94
C ASP A 58 -10.74 -6.34 2.76
N SER A 59 -10.13 -7.51 2.68
CA SER A 59 -10.17 -8.36 1.51
C SER A 59 -9.56 -9.68 1.99
N GLN A 60 -8.34 -10.00 1.60
CA GLN A 60 -7.67 -11.20 2.02
C GLN A 60 -6.44 -10.81 2.82
N LYS A 61 -5.42 -10.24 2.18
CA LYS A 61 -4.13 -9.96 2.80
C LYS A 61 -4.16 -8.78 3.78
N ARG A 62 -5.34 -8.41 4.28
CA ARG A 62 -5.59 -7.40 5.31
C ARG A 62 -6.52 -8.02 6.34
N ALA A 63 -7.60 -8.67 5.90
CA ALA A 63 -8.45 -9.46 6.79
C ALA A 63 -7.61 -10.51 7.52
N ALA A 64 -6.61 -11.08 6.84
CA ALA A 64 -5.61 -11.95 7.43
C ALA A 64 -4.87 -11.24 8.56
N TYR A 65 -4.49 -9.98 8.34
CA TYR A 65 -3.82 -9.17 9.36
C TYR A 65 -4.76 -9.01 10.56
N ASP A 66 -5.98 -8.53 10.29
CA ASP A 66 -7.02 -8.34 11.25
C ASP A 66 -7.19 -9.60 12.09
N GLN A 67 -7.18 -10.77 11.44
CA GLN A 67 -7.32 -12.03 12.12
C GLN A 67 -6.05 -12.23 12.95
N TYR A 68 -4.93 -12.52 12.29
CA TYR A 68 -3.68 -12.89 12.94
C TYR A 68 -2.50 -12.34 12.14
N GLY A 69 -2.32 -11.02 12.15
CA GLY A 69 -1.22 -10.31 11.52
C GLY A 69 0.09 -10.54 12.25
N HIS A 70 0.56 -11.76 12.08
CA HIS A 70 1.71 -12.41 12.68
C HIS A 70 1.75 -13.79 12.04
N ALA A 71 0.84 -14.67 12.45
CA ALA A 71 0.75 -16.04 11.99
C ALA A 71 -0.09 -16.10 10.72
N ALA A 72 0.24 -15.23 9.77
CA ALA A 72 -0.34 -15.26 8.44
C ALA A 72 0.69 -14.69 7.47
N PHE A 73 0.80 -13.36 7.43
CA PHE A 73 1.55 -12.61 6.43
C PHE A 73 3.06 -12.61 6.63
N GLU A 74 3.61 -13.59 7.34
CA GLU A 74 5.03 -13.63 7.65
C GLU A 74 5.89 -14.19 6.51
N GLN A 75 5.32 -14.29 5.30
CA GLN A 75 5.85 -15.03 4.17
C GLN A 75 7.35 -14.83 3.99
#